data_4BWE
#
_entry.id   4BWE
#
_cell.length_a   47.230
_cell.length_b   166.720
_cell.length_c   139.090
_cell.angle_alpha   90.00
_cell.angle_beta   90.80
_cell.angle_gamma   90.00
#
_symmetry.space_group_name_H-M   'P 1 21 1'
#
loop_
_entity.id
_entity.type
_entity.pdbx_description
1 polymer Glypican-1
2 non-polymer 2-acetamido-2-deoxy-beta-D-glucopyranose
3 non-polymer 'CALCIUM ION'
4 water water
#
_entity_poly.entity_id   1
_entity_poly.type   'polypeptide(L)'
_entity_poly.pdbx_seq_one_letter_code
;APQLHHHHHHDLYENLYFQGKLDPASKSRSCGEVRQIYGAKGFSLSDVPQAEISGEHLRICPQGYTCCTSEMEENLANRS
HAELETALRDSSRVLQAMLATQLRSFDDHFQHLLNDSERTLQATFPGAFGELYTQNARAFRDLYSELRLYYRGANLHLEE
TLAEFWARLLERLFKQLHPQLLLPDDYLDCLGKQAEALRPFGEAPRELRLRATRAFVAARSFVQGLGVASDVVRKVAQVP
LGPECSRAVMKLVYCAHCLGVPGARPCPDYCRNVLKGCLANQADLDAEWRNLLDSMVLITDKFWGTSGVESVIGSVHTWL
AEAINALQDNRDTLTAKVIQGCGNPKVNPQGPGPEEKRRRGKLAPRERPPSGTLEKLVSEAKAQLRDVQDFWISLPGTLC
SEKMALSTASDDRCWNGMARGRYLPEVMGDGLANQINNPEVEVDITKPDMTIRQQIMQLKIMTNRLRSAYNGNDVDFQ
;
_entity_poly.pdbx_strand_id   A,B,C,D
#
loop_
_chem_comp.id
_chem_comp.type
_chem_comp.name
_chem_comp.formula
CA non-polymer 'CALCIUM ION' 'Ca 2'
NAG D-saccharide, beta linking 2-acetamido-2-deoxy-beta-D-glucopyranose 'C8 H15 N O6'
#
# COMPACT_ATOMS: atom_id res chain seq x y z
N SER A 28 53.30 31.39 5.01
CA SER A 28 53.59 32.31 6.11
C SER A 28 54.35 33.53 5.60
N ARG A 29 53.88 34.11 4.50
CA ARG A 29 54.54 35.23 3.82
C ARG A 29 56.04 35.05 3.57
N SER A 30 56.45 33.83 3.28
CA SER A 30 57.79 33.64 2.75
C SER A 30 57.62 32.94 1.41
N CYS A 31 58.18 33.54 0.37
CA CYS A 31 57.90 33.11 -1.00
C CYS A 31 58.86 32.02 -1.48
N GLY A 32 59.69 31.54 -0.57
CA GLY A 32 60.67 30.50 -0.89
C GLY A 32 60.15 29.29 -1.64
N GLU A 33 58.95 28.83 -1.29
CA GLU A 33 58.36 27.69 -1.99
C GLU A 33 58.00 28.07 -3.43
N VAL A 34 57.34 29.22 -3.57
CA VAL A 34 56.99 29.74 -4.89
C VAL A 34 58.26 30.04 -5.68
N ARG A 35 59.27 30.58 -5.02
CA ARG A 35 60.55 30.83 -5.67
C ARG A 35 61.13 29.52 -6.20
N GLN A 36 60.98 28.45 -5.41
CA GLN A 36 61.39 27.10 -5.82
C GLN A 36 60.66 26.76 -7.11
N ILE A 37 59.33 26.67 -7.05
CA ILE A 37 58.57 26.22 -8.21
C ILE A 37 58.82 27.06 -9.48
N TYR A 38 58.84 28.37 -9.33
CA TYR A 38 59.11 29.30 -10.42
C TYR A 38 60.51 29.08 -11.01
N GLY A 39 61.47 28.79 -10.14
CA GLY A 39 62.84 28.56 -10.58
C GLY A 39 63.07 27.22 -11.26
N ALA A 40 62.42 26.18 -10.74
CA ALA A 40 62.55 24.83 -11.25
C ALA A 40 61.81 24.68 -12.57
N LYS A 41 60.97 25.66 -12.89
CA LYS A 41 60.24 25.69 -14.14
C LYS A 41 61.04 26.41 -15.21
N GLY A 42 62.27 26.79 -14.85
CA GLY A 42 63.17 27.45 -15.77
C GLY A 42 62.86 28.92 -15.98
N PHE A 43 62.60 29.62 -14.89
CA PHE A 43 62.42 31.07 -14.93
C PHE A 43 63.43 31.72 -14.00
N SER A 44 63.72 33.00 -14.24
CA SER A 44 64.74 33.68 -13.44
C SER A 44 64.30 33.85 -12.00
N LEU A 45 65.19 33.51 -11.07
CA LEU A 45 64.95 33.66 -9.65
C LEU A 45 64.99 35.13 -9.23
N SER A 46 65.41 35.98 -10.16
CA SER A 46 65.50 37.41 -9.92
C SER A 46 64.16 38.05 -9.57
N ASP A 47 63.09 37.55 -10.17
CA ASP A 47 61.83 38.26 -10.18
C ASP A 47 60.93 37.96 -8.99
N VAL A 48 61.27 36.94 -8.20
CA VAL A 48 60.43 36.55 -7.08
C VAL A 48 60.90 37.22 -5.77
N PRO A 49 59.99 37.96 -5.12
CA PRO A 49 60.29 38.62 -3.86
C PRO A 49 60.41 37.62 -2.71
N GLN A 50 61.08 38.04 -1.64
CA GLN A 50 61.31 37.18 -0.49
C GLN A 50 60.10 37.08 0.44
N ALA A 51 59.24 38.09 0.39
CA ALA A 51 58.02 38.10 1.20
C ALA A 51 56.82 38.53 0.35
N GLU A 52 55.62 38.24 0.84
CA GLU A 52 54.40 38.58 0.11
C GLU A 52 54.24 40.08 -0.06
N ILE A 53 53.71 40.48 -1.21
CA ILE A 53 53.49 41.90 -1.52
C ILE A 53 52.06 42.14 -1.97
N SER A 54 51.65 43.40 -1.98
CA SER A 54 50.31 43.78 -2.40
C SER A 54 50.05 43.38 -3.86
N GLY A 55 48.96 42.67 -4.10
CA GLY A 55 48.64 42.14 -5.41
C GLY A 55 47.79 43.05 -6.28
N GLU A 56 47.82 44.35 -5.98
CA GLU A 56 47.05 45.34 -6.75
C GLU A 56 47.41 45.32 -8.24
N HIS A 57 48.61 44.84 -8.55
CA HIS A 57 49.11 44.83 -9.92
C HIS A 57 48.63 43.61 -10.71
N LEU A 58 48.02 42.65 -10.02
CA LEU A 58 47.63 41.39 -10.67
C LEU A 58 46.47 41.57 -11.65
N ARG A 59 46.71 41.18 -12.89
CA ARG A 59 45.69 41.24 -13.94
C ARG A 59 44.74 40.04 -13.90
N ILE A 60 45.31 38.85 -13.69
CA ILE A 60 44.54 37.61 -13.79
C ILE A 60 44.13 37.07 -12.43
N CYS A 61 45.11 36.71 -11.62
CA CYS A 61 44.85 36.20 -10.27
C CYS A 61 44.06 37.21 -9.44
N PRO A 62 43.17 36.71 -8.57
CA PRO A 62 42.39 37.58 -7.66
C PRO A 62 43.30 38.48 -6.84
N GLN A 63 42.98 39.77 -6.78
CA GLN A 63 43.86 40.73 -6.13
C GLN A 63 43.90 40.51 -4.63
N GLY A 64 45.11 40.33 -4.12
CA GLY A 64 45.35 40.08 -2.71
C GLY A 64 46.85 39.93 -2.55
N TYR A 65 47.33 39.85 -1.31
CA TYR A 65 48.76 39.78 -1.06
C TYR A 65 49.35 38.52 -1.69
N THR A 66 50.39 38.72 -2.50
CA THR A 66 50.88 37.66 -3.38
C THR A 66 52.40 37.59 -3.45
N CYS A 67 52.91 36.43 -3.85
CA CYS A 67 54.34 36.23 -4.06
C CYS A 67 54.71 36.42 -5.53
N CYS A 68 53.72 36.77 -6.35
CA CYS A 68 53.93 36.83 -7.80
C CYS A 68 54.05 38.25 -8.34
N THR A 69 55.17 38.51 -9.02
CA THR A 69 55.34 39.73 -9.80
C THR A 69 54.52 39.60 -11.07
N SER A 70 54.17 40.71 -11.70
CA SER A 70 53.45 40.71 -12.98
C SER A 70 54.19 39.86 -14.01
N GLU A 71 55.51 40.00 -14.03
CA GLU A 71 56.40 39.14 -14.79
C GLU A 71 56.06 37.67 -14.55
N MET A 72 56.22 37.26 -13.30
CA MET A 72 55.89 35.90 -12.86
C MET A 72 54.49 35.49 -13.27
N GLU A 73 53.54 36.41 -13.17
CA GLU A 73 52.15 36.11 -13.48
C GLU A 73 51.95 35.77 -14.96
N GLU A 74 52.43 36.63 -15.85
CA GLU A 74 52.26 36.40 -17.27
C GLU A 74 53.10 35.21 -17.75
N ASN A 75 54.27 35.02 -17.13
CA ASN A 75 55.10 33.86 -17.43
C ASN A 75 54.39 32.56 -17.08
N LEU A 76 53.86 32.48 -15.86
CA LEU A 76 53.15 31.30 -15.39
C LEU A 76 51.88 31.05 -16.20
N ALA A 77 51.20 32.13 -16.59
CA ALA A 77 50.02 32.02 -17.45
C ALA A 77 50.39 31.38 -18.78
N ASN A 78 51.42 31.94 -19.41
CA ASN A 78 51.95 31.42 -20.66
C ASN A 78 52.29 29.93 -20.54
N ARG A 79 52.96 29.58 -19.45
CA ARG A 79 53.36 28.19 -19.20
C ARG A 79 52.15 27.26 -19.07
N SER A 80 51.18 27.64 -18.25
CA SER A 80 49.98 26.82 -18.06
C SER A 80 49.24 26.62 -19.39
N HIS A 81 49.13 27.71 -20.16
CA HIS A 81 48.54 27.65 -21.49
C HIS A 81 49.26 26.61 -22.36
N ALA A 82 50.58 26.72 -22.42
CA ALA A 82 51.40 25.79 -23.20
C ALA A 82 51.19 24.35 -22.75
N GLU A 83 51.07 24.15 -21.44
CA GLU A 83 50.87 22.82 -20.87
C GLU A 83 49.54 22.23 -21.32
N LEU A 84 48.46 23.01 -21.20
CA LEU A 84 47.16 22.55 -21.65
C LEU A 84 47.17 22.21 -23.15
N GLU A 85 47.80 23.09 -23.94
CA GLU A 85 47.91 22.85 -25.37
C GLU A 85 48.63 21.52 -25.67
N THR A 86 49.73 21.29 -24.95
CA THR A 86 50.49 20.06 -25.11
C THR A 86 49.65 18.83 -24.77
N ALA A 87 48.89 18.92 -23.68
CA ALA A 87 47.96 17.86 -23.29
C ALA A 87 46.98 17.54 -24.41
N LEU A 88 46.27 18.58 -24.84
CA LEU A 88 45.27 18.47 -25.90
C LEU A 88 45.84 17.80 -27.14
N ARG A 89 47.00 18.29 -27.59
CA ARG A 89 47.64 17.73 -28.78
C ARG A 89 48.09 16.29 -28.57
N ASP A 90 48.47 15.94 -27.35
CA ASP A 90 48.83 14.56 -27.04
C ASP A 90 47.61 13.64 -27.24
N SER A 91 46.50 14.01 -26.61
CA SER A 91 45.27 13.23 -26.76
C SER A 91 44.86 13.09 -28.23
N SER A 92 44.82 14.23 -28.91
CA SER A 92 44.46 14.27 -30.31
C SER A 92 45.36 13.37 -31.17
N ARG A 93 46.66 13.38 -30.89
CA ARG A 93 47.60 12.56 -31.62
C ARG A 93 47.39 11.07 -31.35
N VAL A 94 47.03 10.74 -30.12
CA VAL A 94 46.67 9.36 -29.80
C VAL A 94 45.48 8.91 -30.67
N LEU A 95 44.43 9.73 -30.66
CA LEU A 95 43.23 9.42 -31.47
C LEU A 95 43.57 9.26 -32.95
N GLN A 96 44.29 10.23 -33.51
CA GLN A 96 44.72 10.19 -34.90
C GLN A 96 45.52 8.92 -35.20
N ALA A 97 46.37 8.52 -34.26
CA ALA A 97 47.16 7.32 -34.42
C ALA A 97 46.26 6.09 -34.54
N MET A 98 45.31 5.98 -33.62
CA MET A 98 44.37 4.86 -33.65
C MET A 98 43.62 4.80 -34.99
N LEU A 99 43.01 5.93 -35.36
CA LEU A 99 42.23 5.99 -36.60
C LEU A 99 43.06 5.65 -37.83
N ALA A 100 44.29 6.15 -37.88
CA ALA A 100 45.20 5.88 -38.98
C ALA A 100 45.52 4.39 -39.06
N THR A 101 45.80 3.80 -37.91
CA THR A 101 46.08 2.36 -37.83
C THR A 101 44.90 1.56 -38.40
N GLN A 102 43.70 1.86 -37.93
CA GLN A 102 42.49 1.18 -38.42
C GLN A 102 42.35 1.34 -39.93
N LEU A 103 42.53 2.56 -40.41
CA LEU A 103 42.44 2.87 -41.83
C LEU A 103 43.36 2.00 -42.67
N ARG A 104 44.65 2.06 -42.34
CA ARG A 104 45.66 1.27 -43.05
C ARG A 104 45.32 -0.22 -43.01
N SER A 105 44.92 -0.69 -41.84
CA SER A 105 44.56 -2.10 -41.66
C SER A 105 43.45 -2.53 -42.62
N PHE A 106 42.31 -1.83 -42.56
CA PHE A 106 41.17 -2.21 -43.37
C PHE A 106 41.42 -2.07 -44.86
N ASP A 107 42.05 -0.96 -45.25
CA ASP A 107 42.39 -0.75 -46.66
C ASP A 107 43.25 -1.89 -47.20
N ASP A 108 44.33 -2.15 -46.48
CA ASP A 108 45.28 -3.15 -46.85
C ASP A 108 44.64 -4.52 -46.91
N HIS A 109 43.77 -4.83 -45.99
CA HIS A 109 43.12 -6.14 -45.98
C HIS A 109 42.12 -6.29 -47.13
N PHE A 110 41.35 -5.25 -47.40
CA PHE A 110 40.40 -5.30 -48.52
C PHE A 110 41.13 -5.54 -49.83
N GLN A 111 42.09 -4.69 -50.09
CA GLN A 111 42.89 -4.80 -51.26
C GLN A 111 43.61 -6.16 -51.37
N HIS A 112 44.08 -6.71 -50.27
CA HIS A 112 44.71 -8.00 -50.31
C HIS A 112 43.70 -9.06 -50.62
N LEU A 113 42.49 -8.92 -50.13
CA LEU A 113 41.46 -9.92 -50.38
C LEU A 113 41.15 -9.97 -51.87
N LEU A 114 40.88 -8.81 -52.44
CA LEU A 114 40.64 -8.72 -53.89
C LEU A 114 41.80 -9.36 -54.67
N ASN A 115 43.00 -8.98 -54.29
CA ASN A 115 44.21 -9.45 -54.93
C ASN A 115 44.46 -10.95 -54.82
N ASP A 116 44.21 -11.55 -53.67
CA ASP A 116 44.44 -12.95 -53.44
C ASP A 116 43.36 -13.74 -54.16
N SER A 117 42.19 -13.13 -54.27
CA SER A 117 41.13 -13.68 -55.11
C SER A 117 41.63 -13.78 -56.55
N GLU A 118 42.17 -12.69 -57.07
CA GLU A 118 42.64 -12.69 -58.47
C GLU A 118 43.79 -13.67 -58.71
N ARG A 119 44.73 -13.76 -57.78
CA ARG A 119 45.90 -14.61 -57.91
C ARG A 119 45.51 -16.08 -57.78
N THR A 120 44.55 -16.36 -56.92
CA THR A 120 44.00 -17.70 -56.78
C THR A 120 43.30 -18.10 -58.07
N LEU A 121 42.57 -17.14 -58.65
CA LEU A 121 41.93 -17.36 -59.93
C LEU A 121 42.97 -17.73 -60.99
N GLN A 122 43.96 -16.86 -61.17
CA GLN A 122 45.01 -17.07 -62.15
C GLN A 122 45.73 -18.39 -61.95
N ALA A 123 45.93 -18.78 -60.70
CA ALA A 123 46.61 -20.04 -60.40
C ALA A 123 45.77 -21.27 -60.72
N THR A 124 44.56 -21.35 -60.17
CA THR A 124 43.76 -22.57 -60.27
C THR A 124 42.84 -22.70 -61.49
N PHE A 125 42.59 -21.60 -62.20
CA PHE A 125 41.66 -21.64 -63.34
C PHE A 125 42.14 -22.42 -64.57
N PRO A 126 43.41 -22.25 -64.99
CA PRO A 126 43.85 -23.00 -66.18
C PRO A 126 43.72 -24.51 -66.03
N GLY A 127 43.97 -25.01 -64.82
CA GLY A 127 43.85 -26.43 -64.55
C GLY A 127 42.44 -26.94 -64.74
N ALA A 128 41.49 -26.31 -64.06
CA ALA A 128 40.10 -26.75 -64.12
C ALA A 128 39.42 -26.48 -65.45
N PHE A 129 39.45 -25.22 -65.89
CA PHE A 129 38.69 -24.82 -67.07
C PHE A 129 39.49 -24.78 -68.38
N GLY A 130 40.78 -25.04 -68.30
CA GLY A 130 41.63 -25.08 -69.49
C GLY A 130 41.58 -23.85 -70.38
N GLU A 131 41.39 -24.07 -71.67
CA GLU A 131 41.41 -23.01 -72.67
C GLU A 131 40.23 -22.05 -72.52
N LEU A 132 39.15 -22.52 -71.89
CA LEU A 132 37.99 -21.68 -71.61
C LEU A 132 38.41 -20.44 -70.84
N TYR A 133 39.18 -20.64 -69.77
CA TYR A 133 39.77 -19.52 -69.04
C TYR A 133 40.97 -18.94 -69.77
N THR A 134 41.85 -19.83 -70.24
CA THR A 134 43.13 -19.42 -70.82
C THR A 134 42.97 -18.36 -71.92
N GLN A 135 41.96 -18.53 -72.77
CA GLN A 135 41.71 -17.58 -73.84
C GLN A 135 40.99 -16.32 -73.37
N ASN A 136 40.22 -16.43 -72.28
CA ASN A 136 39.43 -15.30 -71.77
C ASN A 136 40.06 -14.50 -70.62
N ALA A 137 41.29 -14.85 -70.22
CA ALA A 137 41.90 -14.31 -69.01
C ALA A 137 41.86 -12.78 -68.91
N ARG A 138 41.98 -12.11 -70.06
CA ARG A 138 41.96 -10.65 -70.10
C ARG A 138 40.64 -10.09 -69.57
N ALA A 139 39.55 -10.81 -69.83
CA ALA A 139 38.24 -10.39 -69.34
C ALA A 139 38.21 -10.36 -67.82
N PHE A 140 38.72 -11.41 -67.19
CA PHE A 140 38.76 -11.51 -65.74
C PHE A 140 39.71 -10.48 -65.14
N ARG A 141 40.87 -10.31 -65.77
CA ARG A 141 41.84 -9.31 -65.34
CA ARG A 141 41.84 -9.31 -65.34
C ARG A 141 41.20 -7.92 -65.34
N ASP A 142 40.54 -7.59 -66.44
CA ASP A 142 39.84 -6.33 -66.59
C ASP A 142 38.75 -6.17 -65.54
N LEU A 143 38.02 -7.26 -65.27
CA LEU A 143 36.96 -7.23 -64.26
C LEU A 143 37.51 -6.88 -62.88
N TYR A 144 38.60 -7.54 -62.52
CA TYR A 144 39.26 -7.26 -61.24
C TYR A 144 39.75 -5.82 -61.20
N SER A 145 40.21 -5.31 -62.35
CA SER A 145 40.60 -3.91 -62.44
C SER A 145 39.42 -2.97 -62.19
N GLU A 146 38.25 -3.34 -62.72
CA GLU A 146 37.03 -2.56 -62.54
C GLU A 146 36.62 -2.53 -61.07
N LEU A 147 36.59 -3.70 -60.44
CA LEU A 147 36.27 -3.80 -59.03
C LEU A 147 37.24 -2.96 -58.20
N ARG A 148 38.51 -3.01 -58.55
CA ARG A 148 39.52 -2.24 -57.90
C ARG A 148 39.25 -0.76 -58.00
N LEU A 149 39.05 -0.29 -59.21
CA LEU A 149 38.75 1.12 -59.42
C LEU A 149 37.50 1.56 -58.67
N TYR A 150 36.55 0.64 -58.54
CA TYR A 150 35.31 0.94 -57.83
C TYR A 150 35.55 1.11 -56.35
N TYR A 151 36.34 0.20 -55.77
CA TYR A 151 36.69 0.29 -54.36
C TYR A 151 37.43 1.60 -54.05
N ARG A 152 38.26 2.03 -54.99
CA ARG A 152 39.07 3.23 -54.82
C ARG A 152 38.22 4.50 -54.93
N GLY A 153 36.97 4.35 -55.31
CA GLY A 153 36.03 5.46 -55.30
C GLY A 153 35.76 6.10 -56.65
N ALA A 154 36.20 5.47 -57.73
CA ALA A 154 35.89 5.97 -59.06
C ALA A 154 34.41 5.78 -59.36
N ASN A 155 33.83 6.64 -60.18
CA ASN A 155 32.41 6.55 -60.48
C ASN A 155 32.13 5.41 -61.45
N LEU A 156 31.31 4.47 -61.00
CA LEU A 156 30.98 3.29 -61.79
C LEU A 156 29.59 2.78 -61.46
N HIS A 157 28.93 2.16 -62.43
CA HIS A 157 27.76 1.37 -62.15
C HIS A 157 28.19 -0.09 -62.18
N LEU A 158 28.23 -0.71 -61.01
CA LEU A 158 28.77 -2.05 -60.87
C LEU A 158 27.84 -3.07 -61.51
N GLU A 159 26.55 -2.79 -61.42
CA GLU A 159 25.53 -3.61 -62.06
C GLU A 159 25.78 -3.69 -63.56
N GLU A 160 25.91 -2.52 -64.18
CA GLU A 160 26.13 -2.43 -65.62
CA GLU A 160 26.13 -2.43 -65.62
C GLU A 160 27.46 -3.03 -66.03
N THR A 161 28.48 -2.82 -65.21
CA THR A 161 29.81 -3.37 -65.46
C THR A 161 29.76 -4.90 -65.51
N LEU A 162 29.17 -5.48 -64.47
CA LEU A 162 29.00 -6.92 -64.39
C LEU A 162 28.17 -7.45 -65.56
N ALA A 163 27.10 -6.72 -65.91
CA ALA A 163 26.24 -7.11 -67.03
C ALA A 163 27.04 -7.18 -68.33
N GLU A 164 27.78 -6.12 -68.62
CA GLU A 164 28.66 -6.07 -69.79
C GLU A 164 29.63 -7.24 -69.80
N PHE A 165 30.31 -7.43 -68.66
CA PHE A 165 31.25 -8.53 -68.49
C PHE A 165 30.63 -9.87 -68.86
N TRP A 166 29.47 -10.17 -68.28
CA TRP A 166 28.79 -11.42 -68.54
C TRP A 166 28.37 -11.55 -70.00
N ALA A 167 27.98 -10.43 -70.61
CA ALA A 167 27.60 -10.43 -72.02
C ALA A 167 28.77 -10.84 -72.91
N ARG A 168 29.88 -10.11 -72.79
CA ARG A 168 31.06 -10.38 -73.62
C ARG A 168 31.60 -11.78 -73.37
N LEU A 169 31.72 -12.13 -72.09
CA LEU A 169 32.21 -13.43 -71.68
C LEU A 169 31.36 -14.55 -72.26
N LEU A 170 30.04 -14.36 -72.22
CA LEU A 170 29.12 -15.33 -72.79
C LEU A 170 29.31 -15.45 -74.29
N GLU A 171 29.45 -14.31 -74.96
CA GLU A 171 29.74 -14.30 -76.39
C GLU A 171 30.96 -15.17 -76.72
N ARG A 172 32.12 -14.76 -76.20
CA ARG A 172 33.35 -15.49 -76.51
C ARG A 172 33.31 -16.95 -76.10
N LEU A 173 32.77 -17.24 -74.91
CA LEU A 173 32.67 -18.61 -74.43
C LEU A 173 31.82 -19.48 -75.37
N PHE A 174 30.69 -18.92 -75.79
CA PHE A 174 29.82 -19.62 -76.73
C PHE A 174 30.56 -19.85 -78.04
N LYS A 175 31.35 -18.86 -78.45
CA LYS A 175 32.14 -19.00 -79.67
C LYS A 175 33.21 -20.10 -79.58
N GLN A 176 33.85 -20.27 -78.42
CA GLN A 176 34.85 -21.33 -78.30
C GLN A 176 34.22 -22.68 -77.95
N LEU A 177 32.93 -22.68 -77.62
CA LEU A 177 32.24 -23.95 -77.39
C LEU A 177 31.99 -24.66 -78.72
N HIS A 178 32.08 -23.93 -79.82
CA HIS A 178 31.86 -24.50 -81.14
C HIS A 178 32.91 -24.00 -82.14
N LEU A 191 23.91 -9.31 -82.37
CA LEU A 191 22.94 -10.31 -82.78
C LEU A 191 21.87 -10.47 -81.69
N GLY A 192 20.72 -11.04 -82.03
CA GLY A 192 19.78 -11.40 -80.99
C GLY A 192 20.30 -12.56 -80.16
N LYS A 193 20.42 -12.37 -78.85
CA LYS A 193 20.73 -13.51 -77.98
C LYS A 193 19.60 -13.79 -77.02
N GLN A 194 18.99 -14.96 -77.20
CA GLN A 194 18.00 -15.49 -76.28
C GLN A 194 18.55 -15.53 -74.85
N ALA A 195 19.87 -15.69 -74.79
CA ALA A 195 20.56 -16.28 -73.64
C ALA A 195 20.20 -15.72 -72.26
N GLU A 196 20.21 -14.40 -72.07
CA GLU A 196 19.79 -13.87 -70.79
C GLU A 196 18.29 -14.08 -70.63
N ALA A 197 17.90 -14.48 -69.42
CA ALA A 197 16.59 -15.05 -69.04
C ALA A 197 16.52 -16.56 -69.30
N LEU A 198 17.48 -17.10 -70.05
CA LEU A 198 17.63 -18.56 -70.07
C LEU A 198 18.72 -18.98 -69.09
N ARG A 199 19.36 -17.99 -68.46
CA ARG A 199 20.35 -18.16 -67.38
C ARG A 199 21.37 -19.28 -67.60
N PRO A 200 22.24 -19.11 -68.62
CA PRO A 200 23.25 -20.12 -68.93
C PRO A 200 24.30 -20.26 -67.83
N PHE A 201 24.61 -19.17 -67.13
CA PHE A 201 25.63 -19.19 -66.08
C PHE A 201 25.05 -19.58 -64.72
N GLY A 202 23.75 -19.76 -64.66
CA GLY A 202 23.09 -20.11 -63.41
C GLY A 202 22.80 -18.91 -62.53
N GLU A 203 22.78 -19.12 -61.22
CA GLU A 203 22.50 -18.04 -60.27
C GLU A 203 23.76 -17.30 -59.84
N ALA A 204 24.92 -17.76 -60.29
CA ALA A 204 26.19 -17.15 -59.94
C ALA A 204 26.29 -15.66 -60.31
N PRO A 205 25.84 -15.27 -61.52
CA PRO A 205 25.88 -13.83 -61.82
C PRO A 205 25.03 -12.98 -60.89
N ARG A 206 23.83 -13.46 -60.55
CA ARG A 206 22.94 -12.73 -59.65
C ARG A 206 23.55 -12.59 -58.26
N GLU A 207 23.99 -13.72 -57.72
CA GLU A 207 24.66 -13.76 -56.41
C GLU A 207 25.84 -12.80 -56.38
N LEU A 208 26.72 -12.89 -57.38
CA LEU A 208 27.88 -12.03 -57.48
C LEU A 208 27.48 -10.56 -57.53
N ARG A 209 26.42 -10.27 -58.29
CA ARG A 209 25.93 -8.91 -58.43
C ARG A 209 25.49 -8.34 -57.09
N LEU A 210 24.55 -9.02 -56.44
CA LEU A 210 24.04 -8.56 -55.15
C LEU A 210 25.15 -8.42 -54.12
N ARG A 211 25.89 -9.51 -53.91
CA ARG A 211 26.93 -9.56 -52.89
C ARG A 211 28.01 -8.50 -53.11
N ALA A 212 28.50 -8.38 -54.34
CA ALA A 212 29.54 -7.38 -54.62
C ALA A 212 29.00 -5.97 -54.45
N THR A 213 27.78 -5.73 -54.95
CA THR A 213 27.16 -4.42 -54.84
C THR A 213 27.04 -3.99 -53.38
N ARG A 214 26.61 -4.89 -52.52
CA ARG A 214 26.54 -4.59 -51.08
C ARG A 214 27.92 -4.39 -50.45
N ALA A 215 28.76 -5.41 -50.60
CA ALA A 215 30.01 -5.51 -49.86
C ALA A 215 31.03 -4.44 -50.25
N PHE A 216 31.13 -4.14 -51.54
CA PHE A 216 32.16 -3.20 -51.98
C PHE A 216 31.83 -1.77 -51.58
N VAL A 217 30.55 -1.38 -51.69
CA VAL A 217 30.15 -0.05 -51.25
C VAL A 217 30.26 0.02 -49.73
N ALA A 218 29.98 -1.09 -49.05
CA ALA A 218 30.14 -1.14 -47.60
C ALA A 218 31.59 -0.86 -47.20
N ALA A 219 32.51 -1.60 -47.81
CA ALA A 219 33.94 -1.46 -47.55
C ALA A 219 34.45 -0.06 -47.84
N ARG A 220 34.19 0.40 -49.07
CA ARG A 220 34.62 1.72 -49.49
C ARG A 220 34.10 2.82 -48.56
N SER A 221 32.82 2.72 -48.21
CA SER A 221 32.21 3.71 -47.33
C SER A 221 32.84 3.67 -45.94
N PHE A 222 33.13 2.48 -45.44
CA PHE A 222 33.76 2.33 -44.13
C PHE A 222 35.15 2.98 -44.10
N VAL A 223 35.99 2.60 -45.07
CA VAL A 223 37.33 3.16 -45.18
C VAL A 223 37.28 4.69 -45.29
N GLN A 224 36.42 5.18 -46.18
CA GLN A 224 36.23 6.61 -46.38
C GLN A 224 35.83 7.30 -45.08
N GLY A 225 34.97 6.64 -44.31
CA GLY A 225 34.54 7.14 -43.01
C GLY A 225 35.69 7.25 -42.04
N LEU A 226 36.54 6.23 -42.00
CA LEU A 226 37.75 6.28 -41.18
C LEU A 226 38.60 7.49 -41.56
N GLY A 227 38.82 7.65 -42.86
CA GLY A 227 39.58 8.78 -43.38
C GLY A 227 39.03 10.13 -42.95
N VAL A 228 37.72 10.29 -43.07
CA VAL A 228 37.06 11.53 -42.69
C VAL A 228 37.18 11.79 -41.20
N ALA A 229 37.04 10.74 -40.39
CA ALA A 229 37.22 10.87 -38.95
C ALA A 229 38.61 11.40 -38.63
N SER A 230 39.62 10.74 -39.21
CA SER A 230 41.02 11.14 -39.04
C SER A 230 41.23 12.61 -39.41
N ASP A 231 40.75 12.99 -40.59
CA ASP A 231 40.91 14.36 -41.07
C ASP A 231 40.24 15.36 -40.14
N VAL A 232 39.05 15.03 -39.66
CA VAL A 232 38.32 15.90 -38.75
C VAL A 232 39.10 16.12 -37.46
N VAL A 233 39.57 15.03 -36.86
CA VAL A 233 40.37 15.15 -35.64
C VAL A 233 41.61 16.02 -35.88
N ARG A 234 42.32 15.73 -36.97
CA ARG A 234 43.54 16.44 -37.31
C ARG A 234 43.30 17.95 -37.51
N LYS A 235 42.17 18.29 -38.12
CA LYS A 235 41.84 19.69 -38.38
C LYS A 235 41.39 20.41 -37.12
N VAL A 236 40.67 19.70 -36.26
CA VAL A 236 40.15 20.30 -35.03
C VAL A 236 41.29 20.54 -34.03
N ALA A 237 42.29 19.65 -34.04
CA ALA A 237 43.46 19.81 -33.18
C ALA A 237 44.17 21.16 -33.40
N GLN A 238 43.99 21.73 -34.58
CA GLN A 238 44.67 22.97 -34.96
C GLN A 238 44.04 24.22 -34.35
N VAL A 239 42.79 24.11 -33.89
CA VAL A 239 42.08 25.26 -33.33
C VAL A 239 42.70 25.71 -32.01
N PRO A 240 43.18 26.96 -31.98
CA PRO A 240 43.88 27.52 -30.81
C PRO A 240 42.95 27.89 -29.66
N LEU A 241 43.50 27.94 -28.46
CA LEU A 241 42.76 28.41 -27.30
C LEU A 241 42.78 29.94 -27.26
N GLY A 242 41.68 30.53 -26.78
CA GLY A 242 41.58 31.97 -26.72
C GLY A 242 42.12 32.55 -25.42
N PRO A 243 42.28 33.88 -25.38
CA PRO A 243 42.77 34.60 -24.20
C PRO A 243 41.91 34.34 -22.97
N GLU A 244 40.60 34.20 -23.19
CA GLU A 244 39.67 33.84 -22.13
C GLU A 244 40.11 32.56 -21.45
N CYS A 245 40.15 31.48 -22.22
CA CYS A 245 40.64 30.19 -21.74
C CYS A 245 42.02 30.29 -21.09
N SER A 246 42.85 31.19 -21.60
CA SER A 246 44.20 31.37 -21.07
CA SER A 246 44.20 31.37 -21.07
C SER A 246 44.16 31.92 -19.64
N ARG A 247 43.39 32.98 -19.43
CA ARG A 247 43.31 33.58 -18.09
C ARG A 247 42.57 32.65 -17.13
N ALA A 248 41.59 31.90 -17.65
CA ALA A 248 40.83 30.98 -16.84
C ALA A 248 41.70 29.82 -16.37
N VAL A 249 42.56 29.33 -17.27
CA VAL A 249 43.46 28.23 -16.96
C VAL A 249 44.57 28.71 -16.03
N MET A 250 45.06 29.93 -16.23
CA MET A 250 46.04 30.50 -15.32
C MET A 250 45.47 30.61 -13.91
N LYS A 251 44.23 31.09 -13.82
CA LYS A 251 43.57 31.17 -12.52
C LYS A 251 43.34 29.78 -11.94
N LEU A 252 43.14 28.81 -12.82
CA LEU A 252 42.92 27.42 -12.40
C LEU A 252 44.16 26.79 -11.79
N VAL A 253 45.32 27.00 -12.42
CA VAL A 253 46.52 26.26 -12.08
C VAL A 253 47.46 26.98 -11.12
N TYR A 254 48.11 28.05 -11.58
CA TYR A 254 49.19 28.67 -10.83
C TYR A 254 48.80 29.88 -9.98
N CYS A 255 47.53 30.26 -10.01
CA CYS A 255 47.07 31.36 -9.16
C CYS A 255 47.03 30.94 -7.70
N ALA A 256 46.93 29.63 -7.48
CA ALA A 256 47.03 29.07 -6.13
C ALA A 256 48.42 29.37 -5.58
N HIS A 257 49.43 29.20 -6.42
CA HIS A 257 50.80 29.46 -6.04
C HIS A 257 51.01 30.95 -5.77
N CYS A 258 50.46 31.78 -6.64
CA CYS A 258 50.61 33.22 -6.52
C CYS A 258 49.96 33.77 -5.26
N LEU A 259 48.86 33.18 -4.84
CA LEU A 259 48.11 33.67 -3.69
C LEU A 259 48.63 33.06 -2.39
N GLY A 260 49.67 32.24 -2.48
CA GLY A 260 50.37 31.76 -1.30
C GLY A 260 50.06 30.34 -0.88
N VAL A 261 49.30 29.61 -1.71
CA VAL A 261 49.00 28.22 -1.42
C VAL A 261 49.42 27.30 -2.57
N PRO A 262 50.74 27.19 -2.82
CA PRO A 262 51.27 26.47 -3.97
C PRO A 262 51.08 24.95 -3.89
N GLY A 263 50.91 24.42 -2.68
CA GLY A 263 50.68 23.01 -2.50
C GLY A 263 49.29 22.59 -2.95
N ALA A 264 48.41 23.58 -3.09
CA ALA A 264 47.03 23.36 -3.50
C ALA A 264 46.94 22.88 -4.94
N ARG A 265 45.99 21.98 -5.18
CA ARG A 265 45.67 21.55 -6.53
C ARG A 265 44.16 21.68 -6.75
N PRO A 266 43.76 22.08 -7.97
CA PRO A 266 42.38 22.44 -8.30
C PRO A 266 41.33 21.39 -7.96
N CYS A 267 40.15 21.84 -7.57
CA CYS A 267 39.01 20.94 -7.38
C CYS A 267 38.56 20.40 -8.72
N PRO A 268 38.18 19.11 -8.76
CA PRO A 268 37.75 18.42 -9.99
C PRO A 268 36.63 19.15 -10.74
N ASP A 269 35.63 19.64 -10.03
CA ASP A 269 34.50 20.33 -10.67
C ASP A 269 34.93 21.69 -11.22
N TYR A 270 35.83 22.35 -10.51
CA TYR A 270 36.40 23.63 -10.95
C TYR A 270 37.13 23.43 -12.29
N CYS A 271 38.08 22.50 -12.29
CA CYS A 271 38.85 22.17 -13.48
C CYS A 271 37.93 21.77 -14.63
N ARG A 272 36.92 20.95 -14.32
CA ARG A 272 35.98 20.49 -15.33
C ARG A 272 35.17 21.64 -15.91
N ASN A 273 34.83 22.62 -15.09
CA ASN A 273 34.12 23.79 -15.58
C ASN A 273 34.99 24.64 -16.49
N VAL A 274 36.23 24.87 -16.05
CA VAL A 274 37.19 25.65 -16.84
C VAL A 274 37.42 25.00 -18.22
N LEU A 275 37.66 23.70 -18.22
CA LEU A 275 37.93 23.00 -19.47
C LEU A 275 36.69 22.87 -20.35
N LYS A 276 35.52 22.65 -19.73
CA LYS A 276 34.28 22.60 -20.49
C LYS A 276 34.00 23.95 -21.13
N GLY A 277 34.46 25.02 -20.49
CA GLY A 277 34.34 26.34 -21.07
C GLY A 277 35.33 26.58 -22.19
N CYS A 278 36.55 26.08 -22.02
CA CYS A 278 37.58 26.23 -23.04
C CYS A 278 37.30 25.40 -24.29
N LEU A 279 36.84 24.17 -24.08
CA LEU A 279 36.71 23.17 -25.13
C LEU A 279 35.32 23.09 -25.78
N ALA A 280 34.42 23.98 -25.39
CA ALA A 280 33.02 23.94 -25.81
C ALA A 280 32.80 23.76 -27.33
N ASN A 281 33.52 24.54 -28.13
CA ASN A 281 33.44 24.41 -29.58
C ASN A 281 33.79 23.01 -30.05
N GLN A 282 34.82 22.42 -29.43
CA GLN A 282 35.19 21.05 -29.71
C GLN A 282 34.08 20.11 -29.26
N ALA A 283 33.41 20.47 -28.17
CA ALA A 283 32.34 19.66 -27.62
C ALA A 283 31.12 19.66 -28.54
N ASP A 284 30.99 20.69 -29.36
CA ASP A 284 29.89 20.76 -30.31
C ASP A 284 29.94 19.68 -31.40
N LEU A 285 31.08 19.02 -31.54
CA LEU A 285 31.25 17.97 -32.54
C LEU A 285 30.57 16.67 -32.15
N ASP A 286 30.17 16.59 -30.88
CA ASP A 286 29.71 15.34 -30.26
C ASP A 286 28.63 14.61 -31.05
N ALA A 287 27.55 15.32 -31.40
CA ALA A 287 26.40 14.72 -32.06
C ALA A 287 26.76 14.03 -33.37
N GLU A 288 27.37 14.79 -34.29
CA GLU A 288 27.69 14.26 -35.61
C GLU A 288 28.84 13.26 -35.57
N TRP A 289 29.73 13.43 -34.59
CA TRP A 289 30.78 12.44 -34.36
C TRP A 289 30.15 11.09 -34.02
N ARG A 290 29.24 11.12 -33.05
CA ARG A 290 28.53 9.93 -32.62
C ARG A 290 27.72 9.31 -33.77
N ASN A 291 27.03 10.15 -34.54
CA ASN A 291 26.27 9.68 -35.68
C ASN A 291 27.17 8.96 -36.69
N LEU A 292 28.29 9.60 -37.02
CA LEU A 292 29.26 9.01 -37.94
C LEU A 292 29.74 7.65 -37.45
N LEU A 293 30.21 7.60 -36.21
CA LEU A 293 30.74 6.35 -35.66
C LEU A 293 29.67 5.25 -35.62
N ASP A 294 28.44 5.63 -35.28
CA ASP A 294 27.32 4.69 -35.27
C ASP A 294 27.07 4.11 -36.66
N SER A 295 26.99 4.98 -37.66
CA SER A 295 26.76 4.52 -39.03
C SER A 295 27.93 3.65 -39.50
N MET A 296 29.12 3.92 -38.97
CA MET A 296 30.31 3.17 -39.33
C MET A 296 30.32 1.77 -38.72
N VAL A 297 29.87 1.64 -37.48
CA VAL A 297 29.77 0.30 -36.90
C VAL A 297 28.55 -0.42 -37.48
N LEU A 298 27.65 0.36 -38.08
CA LEU A 298 26.49 -0.24 -38.75
C LEU A 298 26.86 -0.83 -40.12
N ILE A 299 27.69 -0.12 -40.88
CA ILE A 299 28.02 -0.53 -42.23
C ILE A 299 28.87 -1.82 -42.27
N THR A 300 29.50 -2.16 -41.15
CA THR A 300 30.35 -3.34 -41.09
C THR A 300 29.55 -4.64 -41.26
N ASP A 301 28.28 -4.60 -40.88
CA ASP A 301 27.40 -5.76 -41.02
C ASP A 301 27.19 -6.13 -42.48
N LYS A 302 27.36 -5.15 -43.36
CA LYS A 302 27.13 -5.34 -44.79
C LYS A 302 28.35 -5.91 -45.50
N PHE A 303 29.43 -6.15 -44.76
CA PHE A 303 30.62 -6.77 -45.32
C PHE A 303 30.31 -8.21 -45.71
N TRP A 304 29.32 -8.79 -45.04
CA TRP A 304 28.85 -10.13 -45.35
C TRP A 304 27.38 -10.08 -45.75
N GLY A 305 26.95 -11.07 -46.53
CA GLY A 305 25.55 -11.23 -46.84
C GLY A 305 24.91 -11.87 -45.65
N THR A 306 23.74 -12.48 -45.81
CA THR A 306 23.21 -13.19 -44.67
C THR A 306 23.99 -14.49 -44.55
N SER A 307 23.72 -15.25 -43.49
CA SER A 307 24.76 -16.07 -42.87
C SER A 307 25.22 -17.31 -43.63
N GLY A 308 26.44 -17.73 -43.31
CA GLY A 308 27.00 -18.99 -43.80
C GLY A 308 28.06 -18.89 -44.89
N VAL A 309 28.12 -17.76 -45.59
CA VAL A 309 29.05 -17.63 -46.71
C VAL A 309 30.08 -16.53 -46.45
N GLU A 310 31.33 -16.78 -46.85
CA GLU A 310 32.40 -15.81 -46.68
C GLU A 310 32.17 -14.58 -47.55
N SER A 311 32.80 -13.47 -47.17
CA SER A 311 32.64 -12.20 -47.89
C SER A 311 33.07 -12.33 -49.35
N VAL A 312 32.26 -11.72 -50.24
CA VAL A 312 32.50 -11.82 -51.68
C VAL A 312 33.79 -11.09 -52.07
N ILE A 313 34.17 -10.10 -51.27
CA ILE A 313 35.32 -9.24 -51.53
C ILE A 313 36.59 -10.05 -51.83
N GLY A 314 36.80 -11.12 -51.09
CA GLY A 314 37.90 -12.03 -51.37
C GLY A 314 37.50 -13.28 -52.14
N SER A 315 36.21 -13.58 -52.19
CA SER A 315 35.71 -14.80 -52.83
C SER A 315 35.19 -14.66 -54.28
N VAL A 316 35.32 -13.51 -54.93
CA VAL A 316 34.78 -13.31 -56.29
C VAL A 316 35.12 -14.42 -57.31
N HIS A 317 36.41 -14.78 -57.37
CA HIS A 317 36.91 -15.81 -58.29
C HIS A 317 36.08 -17.09 -58.18
N THR A 318 35.60 -17.32 -56.98
CA THR A 318 34.83 -18.47 -56.62
C THR A 318 33.48 -18.50 -57.34
N TRP A 319 32.77 -17.38 -57.26
CA TRP A 319 31.50 -17.24 -57.97
C TRP A 319 31.72 -17.27 -59.48
N LEU A 320 32.85 -16.72 -59.93
CA LEU A 320 33.19 -16.81 -61.35
C LEU A 320 33.31 -18.28 -61.80
N ALA A 321 34.02 -19.06 -61.00
CA ALA A 321 34.17 -20.49 -61.25
C ALA A 321 32.82 -21.20 -61.27
N GLU A 322 31.97 -20.86 -60.30
CA GLU A 322 30.60 -21.37 -60.25
C GLU A 322 29.89 -21.11 -61.57
N ALA A 323 29.97 -19.87 -62.04
CA ALA A 323 29.34 -19.47 -63.30
C ALA A 323 29.84 -20.27 -64.49
N ILE A 324 31.17 -20.38 -64.61
CA ILE A 324 31.76 -21.12 -65.73
C ILE A 324 31.33 -22.59 -65.72
N ASN A 325 31.40 -23.22 -64.56
CA ASN A 325 30.96 -24.61 -64.41
C ASN A 325 29.49 -24.78 -64.80
N ALA A 326 28.66 -23.85 -64.36
CA ALA A 326 27.24 -23.88 -64.70
C ALA A 326 27.03 -23.75 -66.20
N LEU A 327 27.86 -22.92 -66.85
CA LEU A 327 27.75 -22.74 -68.29
C LEU A 327 28.14 -24.00 -69.04
N GLN A 328 29.27 -24.60 -68.67
CA GLN A 328 29.72 -25.81 -69.35
C GLN A 328 28.82 -27.00 -69.00
N ASP A 329 28.00 -26.84 -67.96
CA ASP A 329 26.96 -27.82 -67.67
C ASP A 329 25.77 -27.65 -68.63
N ASN A 330 25.53 -26.41 -69.04
CA ASN A 330 24.39 -26.05 -69.89
C ASN A 330 24.70 -26.03 -71.38
N ARG A 331 25.92 -26.41 -71.73
CA ARG A 331 26.47 -26.23 -73.08
C ARG A 331 25.58 -26.74 -74.21
N ASP A 332 25.02 -27.94 -74.08
CA ASP A 332 24.18 -28.48 -75.16
C ASP A 332 22.70 -28.09 -75.13
N THR A 333 22.20 -27.63 -73.98
CA THR A 333 20.83 -27.12 -73.96
C THR A 333 20.83 -25.69 -74.47
N LEU A 334 21.96 -25.01 -74.27
CA LEU A 334 22.15 -23.66 -74.80
C LEU A 334 22.33 -23.71 -76.31
N THR A 335 22.66 -24.89 -76.82
CA THR A 335 22.82 -25.11 -78.25
C THR A 335 21.44 -25.22 -78.91
N ALA A 336 20.42 -25.40 -78.09
CA ALA A 336 19.04 -25.49 -78.57
C ALA A 336 18.37 -24.12 -78.56
N ALA A 364 31.52 -24.01 -54.22
CA ALA A 364 32.78 -23.26 -54.12
C ALA A 364 32.63 -22.04 -53.18
N PRO A 365 31.43 -21.41 -53.13
CA PRO A 365 31.30 -20.34 -52.14
C PRO A 365 31.26 -20.88 -50.72
N ARG A 366 32.49 -21.05 -50.22
CA ARG A 366 32.82 -21.76 -48.98
C ARG A 366 32.12 -21.19 -47.74
N GLU A 367 31.94 -22.05 -46.74
CA GLU A 367 31.36 -21.66 -45.47
C GLU A 367 32.15 -20.48 -44.90
N ARG A 368 31.52 -19.59 -44.14
CA ARG A 368 32.27 -18.52 -43.48
C ARG A 368 32.96 -19.05 -42.22
N PRO A 369 34.24 -18.68 -42.00
CA PRO A 369 34.91 -19.20 -40.80
C PRO A 369 34.29 -18.63 -39.54
N PRO A 370 34.35 -19.37 -38.42
CA PRO A 370 33.76 -18.88 -37.17
C PRO A 370 34.28 -17.50 -36.81
N SER A 371 35.59 -17.32 -36.89
CA SER A 371 36.19 -15.99 -36.84
C SER A 371 37.27 -15.88 -37.91
N GLY A 372 37.09 -14.96 -38.85
CA GLY A 372 38.07 -14.74 -39.90
C GLY A 372 38.87 -13.48 -39.63
N THR A 373 39.82 -13.19 -40.50
CA THR A 373 40.65 -11.99 -40.36
C THR A 373 39.78 -10.73 -40.34
N LEU A 374 38.90 -10.63 -41.34
CA LEU A 374 38.00 -9.48 -41.46
C LEU A 374 37.06 -9.37 -40.27
N GLU A 375 36.61 -10.52 -39.77
CA GLU A 375 35.72 -10.55 -38.62
C GLU A 375 36.41 -10.02 -37.36
N LYS A 376 37.64 -10.45 -37.14
CA LYS A 376 38.43 -9.99 -36.00
C LYS A 376 38.73 -8.50 -36.12
N LEU A 377 39.12 -8.07 -37.32
CA LEU A 377 39.35 -6.65 -37.57
C LEU A 377 38.11 -5.82 -37.28
N VAL A 378 36.96 -6.32 -37.68
CA VAL A 378 35.69 -5.63 -37.45
C VAL A 378 35.36 -5.56 -35.97
N SER A 379 35.57 -6.66 -35.25
CA SER A 379 35.33 -6.68 -33.81
C SER A 379 36.21 -5.67 -33.07
N GLU A 380 37.51 -5.73 -33.34
CA GLU A 380 38.47 -4.80 -32.77
C GLU A 380 38.10 -3.34 -33.09
N ALA A 381 37.77 -3.09 -34.35
CA ALA A 381 37.43 -1.75 -34.81
C ALA A 381 36.19 -1.21 -34.11
N LYS A 382 35.17 -2.06 -33.97
CA LYS A 382 33.95 -1.66 -33.29
C LYS A 382 34.22 -1.39 -31.82
N ALA A 383 35.11 -2.17 -31.22
CA ALA A 383 35.54 -1.90 -29.85
C ALA A 383 36.17 -0.51 -29.74
N GLN A 384 37.10 -0.22 -30.66
CA GLN A 384 37.76 1.08 -30.69
C GLN A 384 36.77 2.24 -30.84
N LEU A 385 35.89 2.13 -31.82
CA LEU A 385 34.92 3.18 -32.12
C LEU A 385 33.95 3.38 -30.96
N ARG A 386 33.53 2.29 -30.33
CA ARG A 386 32.68 2.38 -29.14
CA ARG A 386 32.68 2.38 -29.14
C ARG A 386 33.43 3.04 -28.00
N ASP A 387 34.74 2.86 -27.98
CA ASP A 387 35.57 3.47 -26.94
C ASP A 387 35.74 4.98 -27.14
N VAL A 388 35.90 5.41 -28.39
CA VAL A 388 36.19 6.82 -28.67
C VAL A 388 34.96 7.69 -28.99
N GLN A 389 33.76 7.12 -28.90
CA GLN A 389 32.55 7.86 -29.26
C GLN A 389 32.28 9.06 -28.35
N ASP A 390 32.74 8.98 -27.11
CA ASP A 390 32.49 10.04 -26.12
C ASP A 390 33.62 11.06 -26.04
N PHE A 391 34.60 10.94 -26.93
CA PHE A 391 35.88 11.66 -26.84
C PHE A 391 35.75 13.16 -26.59
N TRP A 392 34.99 13.83 -27.45
CA TRP A 392 34.90 15.29 -27.45
C TRP A 392 34.34 15.86 -26.13
N ILE A 393 33.37 15.18 -25.54
CA ILE A 393 32.86 15.59 -24.24
C ILE A 393 33.61 14.95 -23.08
N SER A 394 34.43 13.95 -23.38
CA SER A 394 35.19 13.27 -22.34
C SER A 394 36.51 13.98 -22.09
N LEU A 395 36.87 14.90 -23.00
CA LEU A 395 38.13 15.64 -22.88
C LEU A 395 38.35 16.35 -21.53
N PRO A 396 37.37 17.14 -21.04
CA PRO A 396 37.66 17.86 -19.78
C PRO A 396 37.93 16.94 -18.60
N GLY A 397 37.13 15.89 -18.43
CA GLY A 397 37.30 14.96 -17.34
C GLY A 397 38.62 14.20 -17.46
N THR A 398 38.98 13.88 -18.69
CA THR A 398 40.22 13.16 -18.97
C THR A 398 41.45 13.99 -18.64
N LEU A 399 41.48 15.22 -19.16
CA LEU A 399 42.62 16.10 -18.92
C LEU A 399 42.71 16.48 -17.44
N CYS A 400 41.57 16.69 -16.81
CA CYS A 400 41.53 17.02 -15.38
C CYS A 400 42.01 15.85 -14.53
N SER A 401 41.63 14.65 -14.92
CA SER A 401 42.02 13.46 -14.16
C SER A 401 43.50 13.16 -14.32
N GLU A 402 43.99 13.18 -15.56
CA GLU A 402 45.35 12.75 -15.79
C GLU A 402 46.37 13.83 -15.40
N LYS A 403 46.48 14.89 -16.19
CA LYS A 403 47.55 15.87 -15.93
C LYS A 403 47.28 17.11 -15.04
N MET A 404 46.02 17.47 -14.79
CA MET A 404 45.79 18.73 -14.06
C MET A 404 45.44 18.64 -12.56
N ALA A 405 45.28 17.42 -12.03
CA ALA A 405 44.73 17.26 -10.69
C ALA A 405 44.67 15.81 -10.26
N ASP A 411 41.53 14.22 1.13
CA ASP A 411 41.81 15.39 0.34
C ASP A 411 40.58 16.29 0.37
N ASP A 412 40.15 16.78 1.53
CA ASP A 412 38.91 17.55 1.55
C ASP A 412 39.08 18.96 0.98
N ARG A 413 40.20 19.60 1.27
CA ARG A 413 40.41 20.96 0.79
C ARG A 413 41.31 21.05 -0.44
N CYS A 414 40.78 21.72 -1.46
CA CYS A 414 41.43 21.88 -2.75
C CYS A 414 41.26 23.32 -3.26
N TRP A 415 41.98 23.67 -4.32
CA TRP A 415 41.93 25.04 -4.81
C TRP A 415 40.66 25.28 -5.63
N ASN A 416 39.82 26.19 -5.13
CA ASN A 416 38.58 26.55 -5.81
C ASN A 416 38.73 27.83 -6.61
N GLY A 417 39.93 28.41 -6.50
CA GLY A 417 40.31 29.60 -7.22
C GLY A 417 40.30 30.91 -6.45
N MET A 418 39.49 31.05 -5.40
CA MET A 418 39.71 32.15 -4.46
C MET A 418 40.52 31.82 -3.21
N ALA A 419 40.71 30.52 -2.94
CA ALA A 419 41.33 30.02 -1.71
C ALA A 419 41.26 28.50 -1.68
N ARG A 420 41.96 27.87 -0.75
CA ARG A 420 41.79 26.43 -0.57
C ARG A 420 40.49 26.19 0.17
N GLY A 421 39.63 25.38 -0.43
CA GLY A 421 38.29 25.18 0.07
C GLY A 421 37.51 24.22 -0.79
N ARG A 422 36.19 24.33 -0.69
CA ARG A 422 35.28 23.58 -1.53
C ARG A 422 34.91 24.39 -2.75
N TYR A 423 34.75 23.70 -3.87
CA TYR A 423 34.19 24.38 -5.02
C TYR A 423 32.68 24.13 -5.04
N LEU A 424 31.91 25.16 -4.72
CA LEU A 424 30.45 25.08 -4.74
C LEU A 424 29.78 25.00 -6.13
N PRO A 425 30.23 25.83 -7.11
CA PRO A 425 29.42 25.95 -8.33
C PRO A 425 29.16 24.63 -9.07
N GLU A 426 27.94 24.49 -9.58
CA GLU A 426 27.52 23.30 -10.30
C GLU A 426 28.24 23.19 -11.64
N VAL A 427 28.58 21.97 -12.03
CA VAL A 427 29.29 21.74 -13.29
C VAL A 427 28.39 22.05 -14.50
N MET A 428 28.95 22.76 -15.46
CA MET A 428 28.23 23.12 -16.68
C MET A 428 27.94 21.91 -17.56
N GLY A 429 26.94 22.04 -18.43
CA GLY A 429 26.66 21.02 -19.40
C GLY A 429 27.62 21.12 -20.57
N ASP A 430 27.58 20.15 -21.47
CA ASP A 430 28.46 20.13 -22.62
C ASP A 430 27.97 21.05 -23.74
N GLY A 431 28.91 21.61 -24.48
CA GLY A 431 28.56 22.41 -25.65
C GLY A 431 28.77 23.91 -25.48
N LEU A 432 28.77 24.62 -26.60
CA LEU A 432 28.99 26.06 -26.62
C LEU A 432 27.90 26.83 -25.88
N ALA A 433 26.64 26.53 -26.20
CA ALA A 433 25.49 27.23 -25.65
C ALA A 433 25.43 27.15 -24.14
N ASN A 434 25.78 25.98 -23.60
CA ASN A 434 25.72 25.73 -22.16
C ASN A 434 26.76 26.52 -21.36
N GLN A 435 27.68 27.18 -22.06
CA GLN A 435 28.75 27.93 -21.41
C GLN A 435 28.41 29.41 -21.22
N ILE A 436 27.20 29.80 -21.61
CA ILE A 436 26.80 31.21 -21.51
C ILE A 436 26.86 31.71 -20.07
N ASN A 437 26.44 30.87 -19.12
CA ASN A 437 26.47 31.22 -17.70
C ASN A 437 27.71 30.70 -16.95
N ASN A 438 28.65 30.10 -17.67
CA ASN A 438 29.83 29.50 -17.04
C ASN A 438 30.58 30.52 -16.19
N PRO A 439 30.70 30.23 -14.88
CA PRO A 439 31.29 31.15 -13.90
C PRO A 439 32.79 31.38 -14.07
N GLU A 440 33.51 30.34 -14.44
CA GLU A 440 34.97 30.41 -14.50
C GLU A 440 35.50 31.07 -15.78
N VAL A 441 34.81 30.85 -16.89
CA VAL A 441 35.27 31.39 -18.16
CA VAL A 441 35.25 31.35 -18.19
C VAL A 441 34.14 32.13 -18.89
N GLU A 442 34.50 33.25 -19.53
CA GLU A 442 33.53 34.00 -20.31
C GLU A 442 33.60 33.55 -21.77
N VAL A 443 32.53 32.91 -22.23
CA VAL A 443 32.49 32.33 -23.57
C VAL A 443 31.40 32.96 -24.41
N ASP A 444 31.74 33.33 -25.63
CA ASP A 444 30.75 33.89 -26.55
C ASP A 444 30.07 32.78 -27.33
N ILE A 445 28.77 32.64 -27.13
CA ILE A 445 28.01 31.56 -27.74
C ILE A 445 27.37 31.97 -29.06
N THR A 446 27.52 33.24 -29.42
CA THR A 446 26.85 33.78 -30.59
C THR A 446 27.54 33.35 -31.88
N LYS A 447 28.86 33.44 -31.92
CA LYS A 447 29.60 32.97 -33.08
C LYS A 447 30.45 31.74 -32.73
N PRO A 448 30.02 30.58 -33.22
CA PRO A 448 30.76 29.32 -33.05
C PRO A 448 32.05 29.34 -33.85
N ASP A 449 33.02 28.51 -33.48
CA ASP A 449 34.23 28.39 -34.29
C ASP A 449 33.81 27.71 -35.57
N MET A 450 34.10 28.35 -36.69
CA MET A 450 33.56 27.90 -37.96
C MET A 450 34.40 26.80 -38.58
N THR A 451 35.60 26.57 -38.08
CA THR A 451 36.38 25.40 -38.46
C THR A 451 35.66 24.15 -37.98
N ILE A 452 35.31 24.16 -36.70
CA ILE A 452 34.51 23.10 -36.09
C ILE A 452 33.23 22.90 -36.88
N ARG A 453 32.64 24.00 -37.35
CA ARG A 453 31.42 23.95 -38.14
CA ARG A 453 31.42 23.94 -38.14
C ARG A 453 31.66 23.23 -39.48
N GLN A 454 32.77 23.57 -40.13
CA GLN A 454 33.17 22.91 -41.38
C GLN A 454 33.25 21.40 -41.15
N GLN A 455 33.96 21.04 -40.08
CA GLN A 455 34.16 19.63 -39.76
C GLN A 455 32.84 18.92 -39.46
N ILE A 456 31.93 19.63 -38.81
CA ILE A 456 30.60 19.10 -38.54
C ILE A 456 29.87 18.82 -39.85
N MET A 457 30.01 19.75 -40.80
CA MET A 457 29.45 19.54 -42.13
C MET A 457 30.03 18.29 -42.79
N GLN A 458 31.35 18.13 -42.70
CA GLN A 458 32.01 16.94 -43.24
C GLN A 458 31.46 15.66 -42.63
N LEU A 459 31.35 15.65 -41.30
CA LEU A 459 30.77 14.52 -40.58
C LEU A 459 29.37 14.21 -41.09
N LYS A 460 28.55 15.26 -41.25
CA LYS A 460 27.21 15.12 -41.79
C LYS A 460 27.22 14.43 -43.15
N ILE A 461 28.04 14.94 -44.07
CA ILE A 461 28.10 14.41 -45.43
C ILE A 461 28.54 12.95 -45.45
N MET A 462 29.62 12.64 -44.74
CA MET A 462 30.11 11.25 -44.71
C MET A 462 29.07 10.33 -44.10
N THR A 463 28.39 10.80 -43.05
CA THR A 463 27.33 10.03 -42.41
C THR A 463 26.21 9.74 -43.40
N ASN A 464 25.86 10.74 -44.20
CA ASN A 464 24.87 10.56 -45.27
C ASN A 464 25.32 9.49 -46.25
N ARG A 465 26.57 9.57 -46.68
CA ARG A 465 27.14 8.58 -47.58
C ARG A 465 27.00 7.17 -47.01
N LEU A 466 27.35 7.01 -45.73
CA LEU A 466 27.31 5.70 -45.09
C LEU A 466 25.89 5.17 -44.89
N ARG A 467 24.96 6.08 -44.61
CA ARG A 467 23.56 5.70 -44.45
C ARG A 467 22.96 5.25 -45.77
N SER A 468 23.29 5.97 -46.83
CA SER A 468 22.86 5.58 -48.17
C SER A 468 23.49 4.26 -48.56
N ALA A 469 24.75 4.06 -48.19
CA ALA A 469 25.46 2.82 -48.49
C ALA A 469 24.81 1.64 -47.78
N TYR A 470 24.37 1.86 -46.54
CA TYR A 470 23.74 0.80 -45.75
C TYR A 470 22.42 0.39 -46.37
N ASN A 471 21.74 1.35 -47.01
CA ASN A 471 20.45 1.07 -47.62
C ASN A 471 20.53 0.50 -49.06
N GLY A 472 21.74 0.31 -49.61
CA GLY A 472 21.90 -0.26 -50.96
C GLY A 472 21.66 0.70 -52.11
N ASN A 473 22.21 1.89 -51.91
CA ASN A 473 21.88 3.18 -52.49
C ASN A 473 23.05 3.95 -53.09
N LYS B 27 -30.21 19.63 -36.03
CA LYS B 27 -30.37 20.06 -37.41
C LYS B 27 -31.67 19.54 -38.00
N SER B 28 -32.42 20.44 -38.62
CA SER B 28 -33.79 20.20 -39.06
C SER B 28 -34.63 19.79 -37.86
N ARG B 29 -34.15 20.21 -36.68
CA ARG B 29 -34.88 20.10 -35.42
C ARG B 29 -35.11 18.65 -34.99
N SER B 30 -34.76 17.70 -35.85
CA SER B 30 -34.90 16.28 -35.55
C SER B 30 -33.69 15.77 -34.76
N CYS B 31 -33.96 15.10 -33.65
CA CYS B 31 -32.90 14.65 -32.73
C CYS B 31 -32.43 13.21 -32.95
N GLY B 32 -32.95 12.54 -33.96
CA GLY B 32 -32.62 11.14 -34.22
C GLY B 32 -31.14 10.80 -34.34
N GLU B 33 -30.41 11.63 -35.09
CA GLU B 33 -28.99 11.38 -35.30
C GLU B 33 -28.22 11.46 -33.98
N VAL B 34 -28.68 12.31 -33.07
CA VAL B 34 -28.12 12.40 -31.73
C VAL B 34 -28.57 11.19 -30.92
N ARG B 35 -29.80 10.74 -31.15
CA ARG B 35 -30.34 9.56 -30.47
C ARG B 35 -29.50 8.32 -30.74
N GLN B 36 -29.08 8.14 -31.98
CA GLN B 36 -28.26 6.99 -32.36
CA GLN B 36 -28.26 6.99 -32.36
C GLN B 36 -26.97 6.93 -31.55
N ILE B 37 -26.26 8.06 -31.49
CA ILE B 37 -24.98 8.13 -30.80
C ILE B 37 -25.14 8.03 -29.28
N TYR B 38 -26.18 8.69 -28.76
CA TYR B 38 -26.44 8.66 -27.31
C TYR B 38 -26.82 7.26 -26.86
N GLY B 39 -27.46 6.52 -27.76
CA GLY B 39 -27.79 5.13 -27.49
C GLY B 39 -26.58 4.24 -27.67
N ALA B 40 -25.67 4.65 -28.55
CA ALA B 40 -24.46 3.89 -28.82
C ALA B 40 -23.39 4.12 -27.76
N LYS B 41 -23.56 5.18 -26.96
CA LYS B 41 -22.61 5.49 -25.90
C LYS B 41 -22.97 4.79 -24.60
N GLY B 42 -24.03 3.99 -24.64
CA GLY B 42 -24.39 3.15 -23.52
C GLY B 42 -25.39 3.75 -22.54
N PHE B 43 -26.05 4.83 -22.96
CA PHE B 43 -27.05 5.45 -22.11
C PHE B 43 -28.46 5.09 -22.56
N SER B 44 -29.46 5.59 -21.83
CA SER B 44 -30.83 5.34 -22.20
C SER B 44 -31.31 6.36 -23.23
N LEU B 45 -31.97 5.87 -24.26
CA LEU B 45 -32.52 6.72 -25.31
C LEU B 45 -33.65 7.61 -24.80
N SER B 46 -34.10 7.38 -23.57
CA SER B 46 -35.37 7.95 -23.15
C SER B 46 -35.33 9.44 -22.86
N ASP B 47 -34.16 9.95 -22.52
CA ASP B 47 -34.03 11.34 -22.13
C ASP B 47 -33.61 12.22 -23.30
N VAL B 48 -33.38 11.62 -24.45
CA VAL B 48 -33.23 12.40 -25.67
C VAL B 48 -34.63 12.84 -26.08
N PRO B 49 -34.81 14.14 -26.29
CA PRO B 49 -36.04 14.66 -26.87
C PRO B 49 -36.10 14.23 -28.32
N GLN B 50 -37.28 14.16 -28.92
CA GLN B 50 -37.34 13.75 -30.31
C GLN B 50 -37.26 14.96 -31.24
N ALA B 51 -37.28 16.15 -30.65
CA ALA B 51 -37.10 17.38 -31.41
C ALA B 51 -36.34 18.42 -30.59
N GLU B 52 -35.65 19.32 -31.28
CA GLU B 52 -34.83 20.35 -30.61
C GLU B 52 -35.64 21.19 -29.63
N ILE B 53 -35.03 21.49 -28.49
CA ILE B 53 -35.68 22.27 -27.44
C ILE B 53 -34.85 23.50 -27.10
N SER B 54 -35.35 24.31 -26.17
CA SER B 54 -34.65 25.52 -25.75
C SER B 54 -33.37 25.18 -24.99
N GLY B 55 -32.28 25.88 -25.30
CA GLY B 55 -30.99 25.58 -24.74
C GLY B 55 -30.60 26.39 -23.52
N GLU B 56 -31.60 26.94 -22.83
CA GLU B 56 -31.35 27.75 -21.64
C GLU B 56 -30.75 26.96 -20.49
N HIS B 57 -30.91 25.64 -20.53
CA HIS B 57 -30.49 24.80 -19.41
C HIS B 57 -29.07 24.23 -19.60
N LEU B 58 -28.39 24.62 -20.67
CA LEU B 58 -27.02 24.19 -20.89
C LEU B 58 -26.05 25.07 -20.11
N ARG B 59 -25.31 24.47 -19.18
CA ARG B 59 -24.27 25.21 -18.45
C ARG B 59 -22.86 24.99 -18.99
N ILE B 60 -22.72 24.14 -20.00
CA ILE B 60 -21.41 23.88 -20.59
C ILE B 60 -21.38 24.30 -22.06
N CYS B 61 -22.18 23.62 -22.88
CA CYS B 61 -22.32 23.98 -24.28
C CYS B 61 -22.93 25.37 -24.40
N PRO B 62 -22.55 26.12 -25.45
CA PRO B 62 -23.12 27.45 -25.70
C PRO B 62 -24.63 27.41 -25.78
N GLN B 63 -25.29 28.34 -25.09
CA GLN B 63 -26.75 28.34 -25.04
C GLN B 63 -27.34 28.52 -26.43
N GLY B 64 -28.22 27.60 -26.78
CA GLY B 64 -28.84 27.58 -28.09
C GLY B 64 -29.66 26.31 -28.21
N TYR B 65 -30.56 26.29 -29.19
CA TYR B 65 -31.47 25.17 -29.41
C TYR B 65 -30.73 23.87 -29.62
N THR B 66 -31.11 22.85 -28.85
CA THR B 66 -30.32 21.63 -28.76
C THR B 66 -31.16 20.36 -28.65
N CYS B 67 -30.53 19.23 -28.93
CA CYS B 67 -31.14 17.93 -28.72
C CYS B 67 -30.72 17.35 -27.37
N CYS B 68 -29.96 18.12 -26.61
CA CYS B 68 -29.41 17.65 -25.34
C CYS B 68 -30.10 18.27 -24.13
N THR B 69 -30.74 17.44 -23.32
CA THR B 69 -31.23 17.88 -22.02
C THR B 69 -30.03 18.02 -21.09
N SER B 70 -30.19 18.80 -20.03
CA SER B 70 -29.12 19.05 -19.07
C SER B 70 -28.54 17.75 -18.55
N GLU B 71 -29.42 16.79 -18.30
CA GLU B 71 -29.03 15.44 -17.92
C GLU B 71 -28.11 14.81 -18.96
N MET B 72 -28.52 14.85 -20.22
CA MET B 72 -27.70 14.33 -21.32
C MET B 72 -26.36 15.05 -21.39
N GLU B 73 -26.38 16.37 -21.22
CA GLU B 73 -25.17 17.18 -21.20
C GLU B 73 -24.22 16.68 -20.13
N GLU B 74 -24.78 16.44 -18.95
CA GLU B 74 -24.07 15.92 -17.80
C GLU B 74 -23.36 14.63 -18.20
N ASN B 75 -24.16 13.67 -18.67
CA ASN B 75 -23.69 12.33 -18.99
C ASN B 75 -22.59 12.36 -20.03
N LEU B 76 -22.77 13.19 -21.05
CA LEU B 76 -21.80 13.33 -22.13
C LEU B 76 -20.49 13.93 -21.62
N ALA B 77 -20.60 14.89 -20.70
CA ALA B 77 -19.42 15.43 -20.03
C ALA B 77 -18.65 14.30 -19.36
N ASN B 78 -19.37 13.51 -18.56
CA ASN B 78 -18.75 12.36 -17.90
C ASN B 78 -18.05 11.44 -18.89
N ARG B 79 -18.73 11.14 -19.99
CA ARG B 79 -18.18 10.24 -21.01
C ARG B 79 -16.90 10.78 -21.62
N SER B 80 -16.91 12.04 -22.02
CA SER B 80 -15.72 12.68 -22.58
C SER B 80 -14.55 12.60 -21.60
N HIS B 81 -14.82 12.99 -20.35
CA HIS B 81 -13.80 12.92 -19.30
C HIS B 81 -13.20 11.50 -19.21
N ALA B 82 -14.08 10.51 -19.11
CA ALA B 82 -13.67 9.11 -19.01
C ALA B 82 -12.79 8.68 -20.18
N GLU B 83 -13.20 9.06 -21.40
CA GLU B 83 -12.44 8.72 -22.59
C GLU B 83 -11.03 9.32 -22.55
N LEU B 84 -10.95 10.60 -22.21
CA LEU B 84 -9.65 11.26 -22.11
C LEU B 84 -8.74 10.56 -21.09
N GLU B 85 -9.29 10.30 -19.90
CA GLU B 85 -8.54 9.59 -18.86
C GLU B 85 -8.04 8.23 -19.36
N THR B 86 -8.90 7.52 -20.09
CA THR B 86 -8.54 6.22 -20.65
C THR B 86 -7.35 6.34 -21.61
N ALA B 87 -7.41 7.32 -22.52
CA ALA B 87 -6.31 7.55 -23.45
C ALA B 87 -4.99 7.82 -22.69
N LEU B 88 -5.03 8.80 -21.79
CA LEU B 88 -3.85 9.16 -21.01
C LEU B 88 -3.26 7.95 -20.28
N ARG B 89 -4.12 7.16 -19.63
CA ARG B 89 -3.65 6.01 -18.88
C ARG B 89 -3.04 4.96 -19.81
N ASP B 90 -3.63 4.80 -20.99
CA ASP B 90 -3.07 3.90 -22.00
C ASP B 90 -1.64 4.29 -22.37
N SER B 91 -1.46 5.56 -22.77
CA SER B 91 -0.13 6.03 -23.12
C SER B 91 0.87 5.83 -21.97
N SER B 92 0.46 6.30 -20.80
CA SER B 92 1.27 6.19 -19.59
C SER B 92 1.72 4.75 -19.32
N ARG B 93 0.81 3.81 -19.46
CA ARG B 93 1.11 2.41 -19.17
C ARG B 93 1.96 1.77 -20.27
N VAL B 94 1.85 2.30 -21.49
CA VAL B 94 2.77 1.89 -22.55
C VAL B 94 4.20 2.27 -22.14
N LEU B 95 4.36 3.55 -21.79
CA LEU B 95 5.66 4.04 -21.32
C LEU B 95 6.19 3.22 -20.16
N GLN B 96 5.32 2.94 -19.19
CA GLN B 96 5.65 2.13 -18.02
C GLN B 96 6.16 0.75 -18.43
N ALA B 97 5.45 0.11 -19.36
CA ALA B 97 5.85 -1.21 -19.85
C ALA B 97 7.24 -1.16 -20.44
N MET B 98 7.48 -0.16 -21.30
CA MET B 98 8.79 0.00 -21.92
C MET B 98 9.90 0.12 -20.87
N LEU B 99 9.75 1.08 -19.96
CA LEU B 99 10.74 1.33 -18.92
C LEU B 99 11.00 0.10 -18.07
N ALA B 100 9.93 -0.61 -17.71
CA ALA B 100 10.03 -1.82 -16.91
C ALA B 100 10.83 -2.90 -17.61
N THR B 101 10.51 -3.13 -18.89
CA THR B 101 11.23 -4.13 -19.67
C THR B 101 12.72 -3.79 -19.77
N GLN B 102 13.02 -2.52 -20.03
CA GLN B 102 14.41 -2.07 -20.07
C GLN B 102 15.12 -2.38 -18.75
N LEU B 103 14.47 -1.98 -17.65
CA LEU B 103 14.99 -2.20 -16.31
C LEU B 103 15.35 -3.66 -16.06
N ARG B 104 14.36 -4.53 -16.29
CA ARG B 104 14.55 -5.97 -16.11
C ARG B 104 15.73 -6.47 -16.95
N SER B 105 15.75 -6.07 -18.21
CA SER B 105 16.81 -6.49 -19.13
C SER B 105 18.20 -6.15 -18.60
N PHE B 106 18.42 -4.87 -18.32
CA PHE B 106 19.76 -4.44 -17.89
C PHE B 106 20.16 -5.03 -16.54
N ASP B 107 19.23 -5.02 -15.58
CA ASP B 107 19.50 -5.59 -14.26
C ASP B 107 19.93 -7.06 -14.38
N ASP B 108 19.11 -7.83 -15.05
CA ASP B 108 19.41 -9.21 -15.28
C ASP B 108 20.75 -9.37 -15.95
N HIS B 109 21.03 -8.60 -16.96
CA HIS B 109 22.30 -8.73 -17.67
C HIS B 109 23.49 -8.50 -16.75
N PHE B 110 23.44 -7.46 -15.93
CA PHE B 110 24.53 -7.16 -15.01
C PHE B 110 24.75 -8.29 -14.00
N GLN B 111 23.67 -8.73 -13.38
CA GLN B 111 23.70 -9.87 -12.52
C GLN B 111 24.16 -11.16 -13.20
N HIS B 112 23.60 -11.52 -14.33
CA HIS B 112 24.43 -12.41 -15.18
CA HIS B 112 24.43 -12.41 -15.16
C HIS B 112 25.97 -12.27 -15.42
N LEU B 113 26.40 -11.05 -15.60
CA LEU B 113 27.83 -10.81 -15.78
C LEU B 113 28.60 -11.21 -14.53
N LEU B 114 28.16 -10.68 -13.39
CA LEU B 114 28.84 -10.99 -12.14
C LEU B 114 28.85 -12.51 -11.87
N ASN B 115 27.72 -13.14 -12.07
CA ASN B 115 27.61 -14.58 -11.95
C ASN B 115 28.50 -15.38 -12.91
N ASP B 116 28.66 -14.93 -14.14
CA ASP B 116 29.58 -15.51 -15.10
C ASP B 116 31.01 -15.41 -14.59
N SER B 117 31.34 -14.26 -14.02
CA SER B 117 32.64 -14.10 -13.38
C SER B 117 32.84 -15.16 -12.29
N GLU B 118 31.85 -15.29 -11.41
CA GLU B 118 31.99 -16.22 -10.28
C GLU B 118 32.08 -17.70 -10.71
N ARG B 119 31.37 -18.06 -11.78
CA ARG B 119 31.34 -19.42 -12.28
C ARG B 119 32.64 -19.75 -12.98
N THR B 120 33.14 -18.79 -13.76
CA THR B 120 34.43 -18.94 -14.39
C THR B 120 35.50 -19.10 -13.31
N LEU B 121 35.34 -18.36 -12.23
CA LEU B 121 36.24 -18.45 -11.09
C LEU B 121 36.23 -19.85 -10.48
N GLN B 122 35.03 -20.33 -10.12
CA GLN B 122 34.88 -21.62 -9.46
C GLN B 122 35.30 -22.78 -10.37
N ALA B 123 35.19 -22.58 -11.69
CA ALA B 123 35.61 -23.60 -12.64
C ALA B 123 37.13 -23.64 -12.82
N THR B 124 37.72 -22.47 -13.03
CA THR B 124 39.15 -22.38 -13.35
C THR B 124 40.09 -22.49 -12.15
N PHE B 125 39.74 -21.80 -11.06
CA PHE B 125 40.65 -21.66 -9.91
C PHE B 125 41.11 -22.97 -9.24
N PRO B 126 40.19 -23.95 -9.03
CA PRO B 126 40.66 -25.19 -8.40
C PRO B 126 41.79 -25.88 -9.18
N GLY B 127 41.74 -25.79 -10.51
CA GLY B 127 42.79 -26.35 -11.33
C GLY B 127 44.09 -25.56 -11.29
N ALA B 128 43.98 -24.25 -11.49
CA ALA B 128 45.17 -23.41 -11.62
C ALA B 128 45.91 -23.19 -10.31
N PHE B 129 45.20 -22.71 -9.29
CA PHE B 129 45.83 -22.36 -8.02
C PHE B 129 45.73 -23.49 -7.02
N GLY B 130 45.05 -24.56 -7.41
CA GLY B 130 44.82 -25.68 -6.53
C GLY B 130 44.11 -25.24 -5.25
N GLU B 131 44.52 -25.84 -4.14
CA GLU B 131 43.85 -25.64 -2.86
C GLU B 131 44.08 -24.21 -2.35
N LEU B 132 45.06 -23.51 -2.92
CA LEU B 132 45.26 -22.09 -2.64
C LEU B 132 43.93 -21.35 -2.87
N TYR B 133 43.17 -21.79 -3.86
CA TYR B 133 41.80 -21.34 -3.99
C TYR B 133 40.83 -22.01 -3.02
N THR B 134 40.91 -23.34 -2.96
CA THR B 134 39.81 -24.14 -2.42
C THR B 134 39.48 -23.79 -0.98
N GLN B 135 40.47 -23.79 -0.08
CA GLN B 135 40.13 -23.60 1.33
C GLN B 135 39.65 -22.16 1.52
N ASN B 136 40.05 -21.28 0.61
CA ASN B 136 39.69 -19.87 0.72
C ASN B 136 38.44 -19.57 -0.08
N ALA B 137 37.90 -20.61 -0.72
CA ALA B 137 36.76 -20.46 -1.63
C ALA B 137 35.63 -19.64 -1.01
N ARG B 138 35.24 -20.01 0.21
CA ARG B 138 34.17 -19.31 0.92
C ARG B 138 34.40 -17.81 0.92
N ALA B 139 35.61 -17.42 1.32
CA ALA B 139 35.99 -16.01 1.35
C ALA B 139 35.70 -15.36 0.01
N PHE B 140 36.16 -16.01 -1.07
CA PHE B 140 35.94 -15.51 -2.41
C PHE B 140 34.46 -15.26 -2.62
N ARG B 141 33.65 -16.27 -2.29
CA ARG B 141 32.20 -16.16 -2.45
C ARG B 141 31.71 -14.91 -1.73
N ASP B 142 32.16 -14.74 -0.49
CA ASP B 142 31.75 -13.61 0.32
C ASP B 142 32.00 -12.32 -0.45
N LEU B 143 33.19 -12.21 -1.03
CA LEU B 143 33.55 -11.02 -1.79
C LEU B 143 32.49 -10.75 -2.85
N TYR B 144 32.19 -11.77 -3.64
CA TYR B 144 31.20 -11.63 -4.70
C TYR B 144 29.87 -11.17 -4.12
N SER B 145 29.50 -11.78 -2.99
CA SER B 145 28.26 -11.42 -2.31
C SER B 145 28.28 -9.93 -2.04
N GLU B 146 29.39 -9.46 -1.46
CA GLU B 146 29.55 -8.05 -1.15
C GLU B 146 29.31 -7.21 -2.40
N LEU B 147 29.90 -7.65 -3.51
CA LEU B 147 29.77 -6.93 -4.76
C LEU B 147 28.30 -6.77 -5.12
N ARG B 148 27.56 -7.85 -5.00
CA ARG B 148 26.14 -7.84 -5.25
C ARG B 148 25.40 -6.86 -4.40
N LEU B 149 25.79 -6.74 -3.14
CA LEU B 149 25.23 -5.75 -2.24
C LEU B 149 25.54 -4.37 -2.78
N TYR B 150 26.80 -4.17 -3.17
CA TYR B 150 27.23 -2.88 -3.68
C TYR B 150 26.46 -2.50 -4.93
N TYR B 151 26.04 -3.51 -5.70
CA TYR B 151 25.28 -3.25 -6.91
C TYR B 151 23.81 -2.94 -6.58
N ARG B 152 23.32 -3.53 -5.50
CA ARG B 152 21.88 -3.46 -5.20
C ARG B 152 21.44 -2.13 -4.62
N GLY B 153 22.38 -1.25 -4.31
CA GLY B 153 22.04 0.05 -3.77
C GLY B 153 22.12 0.10 -2.26
N ALA B 154 22.17 -1.07 -1.62
CA ALA B 154 22.47 -1.13 -0.19
C ALA B 154 23.99 -0.97 -0.09
N ASN B 155 24.44 0.07 0.61
CA ASN B 155 25.78 0.53 0.32
C ASN B 155 26.68 0.32 1.54
N LEU B 156 27.93 0.71 1.38
CA LEU B 156 29.11 -0.01 1.85
C LEU B 156 30.18 0.93 1.34
N HIS B 157 31.46 0.65 1.52
CA HIS B 157 32.37 1.24 0.55
C HIS B 157 33.44 0.31 0.00
N LEU B 158 33.43 0.20 -1.34
CA LEU B 158 34.18 -0.79 -2.11
C LEU B 158 35.63 -0.83 -1.70
N GLU B 159 36.19 0.35 -1.44
CA GLU B 159 37.56 0.47 -0.96
C GLU B 159 37.83 -0.39 0.26
N GLU B 160 37.00 -0.25 1.28
CA GLU B 160 37.20 -0.92 2.56
C GLU B 160 36.81 -2.40 2.52
N THR B 161 35.77 -2.72 1.75
CA THR B 161 35.37 -4.11 1.54
C THR B 161 36.51 -4.88 0.88
N LEU B 162 36.97 -4.36 -0.24
CA LEU B 162 38.09 -4.94 -0.98
C LEU B 162 39.33 -5.02 -0.10
N ALA B 163 39.61 -3.96 0.65
CA ALA B 163 40.78 -3.93 1.53
C ALA B 163 40.74 -5.03 2.57
N GLU B 164 39.60 -5.18 3.23
CA GLU B 164 39.39 -6.24 4.22
C GLU B 164 39.59 -7.60 3.58
N PHE B 165 39.00 -7.77 2.38
CA PHE B 165 39.16 -9.00 1.63
C PHE B 165 40.63 -9.34 1.39
N TRP B 166 41.39 -8.36 0.92
CA TRP B 166 42.80 -8.55 0.64
C TRP B 166 43.58 -8.86 1.92
N ALA B 167 43.14 -8.29 3.04
CA ALA B 167 43.75 -8.59 4.33
C ALA B 167 43.58 -10.07 4.68
N ARG B 168 42.33 -10.51 4.70
CA ARG B 168 42.02 -11.92 5.00
C ARG B 168 42.77 -12.87 4.07
N LEU B 169 42.60 -12.63 2.78
CA LEU B 169 43.23 -13.44 1.74
C LEU B 169 44.74 -13.50 1.91
N LEU B 170 45.36 -12.36 2.17
CA LEU B 170 46.80 -12.31 2.39
C LEU B 170 47.21 -13.14 3.60
N GLU B 171 46.46 -13.01 4.69
CA GLU B 171 46.78 -13.78 5.89
C GLU B 171 46.73 -15.29 5.61
N ARG B 172 45.59 -15.76 5.11
CA ARG B 172 45.41 -17.18 4.82
C ARG B 172 46.45 -17.72 3.84
N LEU B 173 46.61 -17.01 2.72
CA LEU B 173 47.53 -17.45 1.67
C LEU B 173 48.98 -17.46 2.14
N PHE B 174 49.37 -16.47 2.93
CA PHE B 174 50.72 -16.42 3.47
C PHE B 174 50.94 -17.62 4.41
N LYS B 175 49.95 -17.87 5.26
CA LYS B 175 49.95 -19.05 6.12
C LYS B 175 50.23 -20.30 5.29
N GLN B 176 49.47 -20.45 4.20
CA GLN B 176 49.70 -21.51 3.24
C GLN B 176 51.10 -21.64 2.69
N LEU B 177 51.59 -20.54 2.15
CA LEU B 177 52.84 -20.53 1.43
C LEU B 177 53.97 -20.77 2.41
N HIS B 178 53.68 -20.63 3.70
CA HIS B 178 54.64 -21.06 4.71
C HIS B 178 54.05 -22.03 5.74
N PRO B 179 53.90 -23.31 5.37
CA PRO B 179 53.36 -24.34 6.26
C PRO B 179 54.27 -24.65 7.44
N GLN B 180 55.58 -24.54 7.22
CA GLN B 180 56.58 -24.85 8.24
C GLN B 180 56.52 -23.85 9.39
N LEU B 181 56.36 -22.58 9.05
CA LEU B 181 56.45 -21.50 10.01
C LEU B 181 55.21 -21.42 10.90
N LEU B 182 55.39 -21.11 12.17
CA LEU B 182 54.26 -20.84 13.07
C LEU B 182 54.07 -19.35 13.24
N LEU B 183 52.92 -18.85 12.78
CA LEU B 183 52.63 -17.42 12.80
C LEU B 183 51.49 -17.07 13.76
N PRO B 184 51.81 -16.42 14.88
CA PRO B 184 50.79 -15.95 15.82
C PRO B 184 49.93 -14.84 15.22
N ASP B 185 48.98 -14.32 15.99
CA ASP B 185 48.03 -13.31 15.49
C ASP B 185 48.69 -11.99 15.09
N ASP B 186 49.48 -11.41 15.99
CA ASP B 186 50.05 -10.09 15.75
C ASP B 186 51.30 -10.14 14.86
N TYR B 187 51.83 -11.33 14.62
CA TYR B 187 52.86 -11.47 13.57
C TYR B 187 52.14 -11.34 12.24
N LEU B 188 50.93 -11.89 12.17
CA LEU B 188 50.09 -11.77 11.00
C LEU B 188 49.62 -10.32 10.83
N ASP B 189 49.42 -9.64 11.95
CA ASP B 189 49.06 -8.23 11.93
C ASP B 189 50.21 -7.42 11.37
N CYS B 190 51.40 -7.66 11.92
CA CYS B 190 52.61 -6.98 11.48
C CYS B 190 52.78 -7.21 10.00
N LEU B 191 52.57 -8.44 9.57
CA LEU B 191 52.55 -8.80 8.15
C LEU B 191 51.53 -7.94 7.40
N GLY B 192 50.36 -7.74 8.00
CA GLY B 192 49.30 -6.96 7.38
C GLY B 192 49.71 -5.51 7.18
N LYS B 193 50.48 -4.98 8.13
CA LYS B 193 50.97 -3.61 8.04
C LYS B 193 52.13 -3.53 7.06
N GLN B 194 52.85 -4.64 6.92
CA GLN B 194 53.95 -4.72 5.96
C GLN B 194 53.43 -4.69 4.55
N ALA B 195 52.34 -5.43 4.32
CA ALA B 195 51.69 -5.51 3.02
C ALA B 195 51.44 -4.13 2.45
N GLU B 196 50.98 -3.21 3.30
CA GLU B 196 50.86 -1.84 2.86
C GLU B 196 52.28 -1.34 2.59
N ALA B 197 52.46 -0.89 1.36
CA ALA B 197 53.75 -0.49 0.78
C ALA B 197 54.82 -1.58 0.79
N LEU B 198 54.45 -2.86 0.92
CA LEU B 198 55.25 -3.94 0.31
C LEU B 198 54.69 -4.37 -1.03
N ARG B 199 53.47 -3.91 -1.33
CA ARG B 199 52.70 -4.34 -2.51
C ARG B 199 52.84 -5.82 -2.86
N PRO B 200 52.35 -6.73 -2.01
CA PRO B 200 52.49 -8.17 -2.24
C PRO B 200 51.70 -8.69 -3.45
N PHE B 201 50.51 -8.13 -3.69
CA PHE B 201 49.66 -8.61 -4.79
C PHE B 201 49.90 -7.84 -6.08
N GLY B 202 50.85 -6.92 -6.06
CA GLY B 202 51.15 -6.13 -7.24
C GLY B 202 50.16 -5.01 -7.45
N GLU B 203 49.85 -4.74 -8.72
CA GLU B 203 48.98 -3.62 -9.06
C GLU B 203 47.52 -4.05 -9.17
N ALA B 204 47.27 -5.35 -9.00
CA ALA B 204 45.92 -5.91 -9.15
C ALA B 204 44.85 -5.28 -8.23
N PRO B 205 45.11 -5.17 -6.91
CA PRO B 205 44.06 -4.60 -6.06
C PRO B 205 43.68 -3.17 -6.44
N ARG B 206 44.69 -2.34 -6.71
CA ARG B 206 44.46 -0.92 -7.00
C ARG B 206 43.59 -0.73 -8.24
N GLU B 207 44.02 -1.35 -9.35
CA GLU B 207 43.29 -1.20 -10.60
C GLU B 207 41.93 -1.88 -10.51
N LEU B 208 41.85 -2.96 -9.73
CA LEU B 208 40.56 -3.60 -9.48
C LEU B 208 39.60 -2.60 -8.85
N ARG B 209 40.07 -1.91 -7.81
CA ARG B 209 39.26 -0.89 -7.15
C ARG B 209 38.86 0.22 -8.13
N LEU B 210 39.85 0.79 -8.81
CA LEU B 210 39.65 1.91 -9.71
C LEU B 210 38.63 1.62 -10.80
N ARG B 211 38.72 0.44 -11.41
CA ARG B 211 37.81 0.08 -12.50
C ARG B 211 36.44 -0.40 -12.00
N ALA B 212 36.44 -1.16 -10.92
CA ALA B 212 35.19 -1.70 -10.38
C ALA B 212 34.30 -0.58 -9.84
N THR B 213 34.91 0.42 -9.23
CA THR B 213 34.14 1.57 -8.74
C THR B 213 33.35 2.19 -9.89
N ARG B 214 34.07 2.58 -10.94
CA ARG B 214 33.50 3.13 -12.15
C ARG B 214 32.38 2.25 -12.72
N ALA B 215 32.74 1.03 -13.11
CA ALA B 215 31.78 0.10 -13.73
C ALA B 215 30.51 -0.07 -12.90
N PHE B 216 30.69 -0.41 -11.62
CA PHE B 216 29.56 -0.69 -10.74
C PHE B 216 28.67 0.54 -10.51
N VAL B 217 29.27 1.70 -10.26
CA VAL B 217 28.44 2.89 -10.06
C VAL B 217 27.71 3.26 -11.35
N ALA B 218 28.34 2.99 -12.49
CA ALA B 218 27.72 3.24 -13.79
C ALA B 218 26.46 2.38 -13.96
N ALA B 219 26.64 1.07 -13.84
CA ALA B 219 25.53 0.12 -13.98
C ALA B 219 24.40 0.44 -13.00
N ARG B 220 24.77 0.54 -11.72
CA ARG B 220 23.81 0.84 -10.67
C ARG B 220 23.05 2.13 -10.93
N SER B 221 23.76 3.15 -11.41
CA SER B 221 23.13 4.43 -11.71
C SER B 221 22.17 4.34 -12.89
N PHE B 222 22.53 3.56 -13.90
CA PHE B 222 21.65 3.36 -15.05
C PHE B 222 20.35 2.71 -14.61
N VAL B 223 20.49 1.55 -13.95
CA VAL B 223 19.32 0.81 -13.44
C VAL B 223 18.43 1.68 -12.55
N GLN B 224 19.08 2.36 -11.59
CA GLN B 224 18.39 3.25 -10.65
C GLN B 224 17.63 4.34 -11.39
N GLY B 225 18.25 4.87 -12.44
CA GLY B 225 17.63 5.89 -13.28
C GLY B 225 16.38 5.37 -13.94
N LEU B 226 16.47 4.19 -14.54
CA LEU B 226 15.28 3.55 -15.12
C LEU B 226 14.16 3.42 -14.10
N GLY B 227 14.53 2.94 -12.91
CA GLY B 227 13.58 2.80 -11.82
C GLY B 227 12.88 4.10 -11.46
N VAL B 228 13.66 5.16 -11.33
CA VAL B 228 13.12 6.48 -10.99
C VAL B 228 12.19 7.00 -12.07
N ALA B 229 12.58 6.83 -13.34
CA ALA B 229 11.71 7.22 -14.45
C ALA B 229 10.36 6.50 -14.36
N SER B 230 10.43 5.19 -14.13
CA SER B 230 9.24 4.38 -13.97
C SER B 230 8.34 4.89 -12.84
N ASP B 231 8.94 5.17 -11.69
CA ASP B 231 8.20 5.68 -10.54
C ASP B 231 7.53 7.02 -10.83
N VAL B 232 8.25 7.90 -11.52
CA VAL B 232 7.73 9.20 -11.89
C VAL B 232 6.50 9.06 -12.79
N VAL B 233 6.64 8.24 -13.83
CA VAL B 233 5.50 7.99 -14.72
C VAL B 233 4.31 7.44 -13.94
N ARG B 234 4.56 6.43 -13.13
CA ARG B 234 3.51 5.79 -12.35
C ARG B 234 2.76 6.77 -11.44
N LYS B 235 3.51 7.58 -10.70
CA LYS B 235 2.92 8.54 -9.76
C LYS B 235 2.18 9.67 -10.47
N VAL B 236 2.77 10.18 -11.55
CA VAL B 236 2.14 11.25 -12.31
C VAL B 236 0.85 10.76 -12.96
N ALA B 237 0.81 9.48 -13.32
CA ALA B 237 -0.37 8.88 -13.94
C ALA B 237 -1.59 8.90 -13.02
N GLN B 238 -1.38 9.14 -11.72
CA GLN B 238 -2.46 9.13 -10.75
C GLN B 238 -3.04 10.52 -10.50
N VAL B 239 -2.52 11.52 -11.20
CA VAL B 239 -3.00 12.90 -11.04
C VAL B 239 -4.29 13.11 -11.83
N PRO B 240 -5.35 13.58 -11.14
CA PRO B 240 -6.68 13.74 -11.72
C PRO B 240 -6.82 14.95 -12.64
N LEU B 241 -7.77 14.89 -13.57
CA LEU B 241 -8.10 16.03 -14.41
C LEU B 241 -9.02 16.99 -13.68
N GLY B 242 -8.79 18.29 -13.83
CA GLY B 242 -9.58 19.28 -13.15
C GLY B 242 -10.95 19.49 -13.78
N PRO B 243 -11.87 20.12 -13.03
CA PRO B 243 -13.23 20.42 -13.50
C PRO B 243 -13.23 21.32 -14.73
N GLU B 244 -12.37 22.34 -14.71
CA GLU B 244 -12.20 23.25 -15.85
C GLU B 244 -11.86 22.45 -17.11
N CYS B 245 -10.86 21.57 -16.97
CA CYS B 245 -10.44 20.70 -18.05
C CYS B 245 -11.60 19.84 -18.54
N SER B 246 -12.38 19.31 -17.61
CA SER B 246 -13.51 18.45 -17.95
C SER B 246 -14.54 19.20 -18.79
N ARG B 247 -14.89 20.41 -18.35
CA ARG B 247 -15.87 21.22 -19.07
C ARG B 247 -15.35 21.63 -20.44
N ALA B 248 -14.07 22.00 -20.52
CA ALA B 248 -13.46 22.37 -21.79
C ALA B 248 -13.45 21.20 -22.76
N VAL B 249 -13.23 19.99 -22.23
CA VAL B 249 -13.24 18.77 -23.04
C VAL B 249 -14.66 18.47 -23.52
N MET B 250 -15.63 18.68 -22.65
CA MET B 250 -17.04 18.53 -23.04
C MET B 250 -17.39 19.48 -24.18
N LYS B 251 -16.95 20.73 -24.06
CA LYS B 251 -17.15 21.71 -25.13
C LYS B 251 -16.40 21.31 -26.39
N LEU B 252 -15.31 20.57 -26.21
CA LEU B 252 -14.47 20.15 -27.33
C LEU B 252 -15.08 19.00 -28.12
N VAL B 253 -15.72 18.07 -27.43
CA VAL B 253 -16.12 16.80 -28.04
C VAL B 253 -17.60 16.71 -28.39
N TYR B 254 -18.45 16.62 -27.37
CA TYR B 254 -19.87 16.33 -27.59
C TYR B 254 -20.79 17.55 -27.65
N CYS B 255 -20.22 18.74 -27.49
CA CYS B 255 -21.03 19.96 -27.60
C CYS B 255 -21.45 20.20 -29.04
N ALA B 256 -20.67 19.66 -29.99
CA ALA B 256 -21.04 19.71 -31.39
C ALA B 256 -22.29 18.88 -31.62
N HIS B 257 -22.35 17.71 -31.00
CA HIS B 257 -23.52 16.85 -31.08
C HIS B 257 -24.76 17.57 -30.57
N CYS B 258 -24.63 18.20 -29.41
CA CYS B 258 -25.75 18.87 -28.75
C CYS B 258 -26.26 20.06 -29.55
N LEU B 259 -25.35 20.78 -30.22
CA LEU B 259 -25.71 22.01 -30.91
C LEU B 259 -26.17 21.71 -32.34
N GLY B 260 -26.25 20.43 -32.68
CA GLY B 260 -26.84 20.02 -33.93
C GLY B 260 -25.86 19.58 -35.01
N VAL B 261 -24.57 19.55 -34.68
CA VAL B 261 -23.55 19.15 -35.65
C VAL B 261 -22.72 17.95 -35.17
N PRO B 262 -23.35 16.76 -35.10
CA PRO B 262 -22.66 15.57 -34.59
C PRO B 262 -21.55 15.10 -35.52
N GLY B 263 -21.70 15.35 -36.82
CA GLY B 263 -20.72 14.92 -37.79
C GLY B 263 -19.48 15.79 -37.77
N ALA B 264 -19.59 16.95 -37.14
CA ALA B 264 -18.46 17.87 -37.05
C ALA B 264 -17.39 17.33 -36.09
N ARG B 265 -16.14 17.60 -36.42
CA ARG B 265 -15.02 17.19 -35.59
C ARG B 265 -14.19 18.41 -35.20
N PRO B 266 -13.66 18.40 -33.96
CA PRO B 266 -12.94 19.55 -33.42
C PRO B 266 -11.68 19.90 -34.22
N CYS B 267 -11.41 21.21 -34.36
CA CYS B 267 -10.22 21.68 -35.03
C CYS B 267 -8.98 21.26 -34.25
N PRO B 268 -7.88 20.94 -34.96
CA PRO B 268 -6.63 20.50 -34.32
C PRO B 268 -6.07 21.51 -33.32
N ASP B 269 -6.08 22.79 -33.66
CA ASP B 269 -5.56 23.83 -32.78
C ASP B 269 -6.42 24.02 -31.53
N TYR B 270 -7.73 23.89 -31.70
CA TYR B 270 -8.69 23.95 -30.61
C TYR B 270 -8.38 22.83 -29.60
N CYS B 271 -8.37 21.60 -30.10
CA CYS B 271 -8.05 20.43 -29.31
C CYS B 271 -6.71 20.60 -28.61
N ARG B 272 -5.73 21.13 -29.34
CA ARG B 272 -4.39 21.33 -28.79
C ARG B 272 -4.40 22.34 -27.65
N ASN B 273 -5.19 23.40 -27.78
CA ASN B 273 -5.30 24.38 -26.70
C ASN B 273 -5.97 23.77 -25.47
N VAL B 274 -7.05 23.03 -25.70
CA VAL B 274 -7.76 22.36 -24.61
C VAL B 274 -6.84 21.41 -23.84
N LEU B 275 -6.16 20.52 -24.57
CA LEU B 275 -5.32 19.52 -23.94
C LEU B 275 -4.05 20.11 -23.34
N LYS B 276 -3.53 21.18 -23.94
CA LYS B 276 -2.38 21.88 -23.37
C LYS B 276 -2.79 22.55 -22.07
N GLY B 277 -4.04 22.97 -22.01
CA GLY B 277 -4.56 23.55 -20.77
C GLY B 277 -4.79 22.52 -19.69
N CYS B 278 -5.28 21.34 -20.09
CA CYS B 278 -5.56 20.27 -19.14
C CYS B 278 -4.29 19.58 -18.64
N LEU B 279 -3.34 19.37 -19.54
CA LEU B 279 -2.12 18.63 -19.24
C LEU B 279 -0.96 19.53 -18.84
N ALA B 280 -1.24 20.83 -18.68
CA ALA B 280 -0.24 21.85 -18.39
C ALA B 280 0.72 21.49 -17.26
N ASN B 281 0.20 20.92 -16.17
CA ASN B 281 1.03 20.50 -15.05
C ASN B 281 2.00 19.39 -15.45
N GLN B 282 1.50 18.43 -16.24
CA GLN B 282 2.34 17.33 -16.71
C GLN B 282 3.47 17.82 -17.60
N ALA B 283 3.21 18.90 -18.34
CA ALA B 283 4.19 19.45 -19.27
C ALA B 283 5.39 20.05 -18.55
N ASP B 284 5.23 20.38 -17.27
CA ASP B 284 6.31 20.97 -16.49
C ASP B 284 7.43 19.97 -16.21
N LEU B 285 7.14 18.69 -16.37
CA LEU B 285 8.12 17.64 -16.14
C LEU B 285 9.18 17.57 -17.24
N ASP B 286 8.88 18.22 -18.36
CA ASP B 286 9.65 18.09 -19.59
C ASP B 286 11.16 18.31 -19.43
N ALA B 287 11.54 19.44 -18.85
CA ALA B 287 12.95 19.81 -18.74
C ALA B 287 13.79 18.77 -17.99
N GLU B 288 13.38 18.46 -16.76
CA GLU B 288 14.12 17.53 -15.92
C GLU B 288 14.01 16.10 -16.42
N TRP B 289 12.90 15.80 -17.09
CA TRP B 289 12.76 14.51 -17.77
C TRP B 289 13.86 14.37 -18.82
N ARG B 290 13.99 15.40 -19.65
CA ARG B 290 15.01 15.44 -20.68
C ARG B 290 16.42 15.36 -20.10
N ASN B 291 16.66 16.10 -19.02
CA ASN B 291 17.96 16.03 -18.33
C ASN B 291 18.27 14.62 -17.86
N LEU B 292 17.29 13.98 -17.23
CA LEU B 292 17.45 12.62 -16.74
C LEU B 292 17.77 11.65 -17.85
N LEU B 293 16.96 11.66 -18.91
CA LEU B 293 17.19 10.75 -20.03
C LEU B 293 18.54 10.99 -20.69
N ASP B 294 18.90 12.26 -20.82
CA ASP B 294 20.20 12.64 -21.37
C ASP B 294 21.34 12.05 -20.55
N SER B 295 21.26 12.18 -19.22
CA SER B 295 22.28 11.64 -18.34
C SER B 295 22.32 10.11 -18.41
N MET B 296 21.15 9.50 -18.53
CA MET B 296 21.04 8.05 -18.60
C MET B 296 21.67 7.49 -19.87
N VAL B 297 21.48 8.17 -20.99
CA VAL B 297 22.10 7.75 -22.24
C VAL B 297 23.59 8.07 -22.19
N LEU B 298 23.94 9.13 -21.48
CA LEU B 298 25.33 9.54 -21.30
C LEU B 298 26.14 8.48 -20.55
N ILE B 299 25.56 7.91 -19.48
CA ILE B 299 26.29 6.97 -18.64
C ILE B 299 26.64 5.66 -19.37
N THR B 300 25.98 5.40 -20.50
CA THR B 300 26.25 4.18 -21.27
C THR B 300 27.62 4.23 -21.93
N ASP B 301 28.20 5.42 -22.00
CA ASP B 301 29.55 5.58 -22.54
C ASP B 301 30.58 4.88 -21.65
N LYS B 302 30.26 4.76 -20.37
CA LYS B 302 31.17 4.15 -19.41
C LYS B 302 31.01 2.63 -19.38
N PHE B 303 30.11 2.11 -20.22
CA PHE B 303 29.92 0.67 -20.33
C PHE B 303 31.05 0.05 -21.14
N TRP B 304 31.68 0.86 -21.99
CA TRP B 304 32.71 0.36 -22.90
C TRP B 304 34.11 0.74 -22.43
N GLY B 305 35.12 0.32 -23.19
CA GLY B 305 36.50 0.59 -22.86
C GLY B 305 37.08 -0.45 -21.93
N THR B 306 38.35 -0.26 -21.55
CA THR B 306 39.02 -1.19 -20.66
C THR B 306 38.45 -1.11 -19.25
N SER B 307 37.92 0.06 -18.90
CA SER B 307 37.30 0.26 -17.59
C SER B 307 35.79 0.01 -17.65
N GLY B 308 35.31 -0.42 -18.82
CA GLY B 308 33.89 -0.62 -19.04
C GLY B 308 33.25 -1.72 -18.21
N VAL B 309 31.92 -1.74 -18.20
CA VAL B 309 31.16 -2.67 -17.38
C VAL B 309 31.41 -4.13 -17.72
N GLU B 310 31.26 -4.48 -19.00
CA GLU B 310 31.38 -5.86 -19.44
C GLU B 310 32.77 -6.44 -19.21
N SER B 311 33.79 -5.58 -19.28
CA SER B 311 35.17 -6.03 -19.14
C SER B 311 35.68 -5.95 -17.70
N VAL B 312 34.80 -5.55 -16.78
CA VAL B 312 35.17 -5.48 -15.37
C VAL B 312 34.30 -6.40 -14.53
N ILE B 313 32.99 -6.11 -14.48
CA ILE B 313 32.04 -6.88 -13.67
C ILE B 313 32.07 -8.37 -14.00
N GLY B 314 32.23 -8.70 -15.27
CA GLY B 314 32.30 -10.09 -15.69
C GLY B 314 33.72 -10.64 -15.63
N SER B 315 34.70 -9.75 -15.63
CA SER B 315 36.12 -10.13 -15.59
C SER B 315 36.74 -10.13 -14.20
N VAL B 316 35.93 -9.90 -13.17
CA VAL B 316 36.41 -9.71 -11.79
C VAL B 316 37.42 -10.77 -11.34
N HIS B 317 37.17 -12.03 -11.68
CA HIS B 317 38.03 -13.14 -11.27
C HIS B 317 39.46 -13.01 -11.79
N THR B 318 39.62 -12.34 -12.93
CA THR B 318 40.93 -12.21 -13.57
C THR B 318 41.92 -11.44 -12.70
N TRP B 319 41.45 -10.35 -12.09
CA TRP B 319 42.30 -9.55 -11.22
C TRP B 319 42.69 -10.33 -9.97
N LEU B 320 41.78 -11.16 -9.49
CA LEU B 320 42.05 -12.03 -8.35
C LEU B 320 43.15 -13.02 -8.70
N ALA B 321 43.01 -13.65 -9.86
CA ALA B 321 44.00 -14.61 -10.35
C ALA B 321 45.37 -13.95 -10.49
N GLU B 322 45.39 -12.77 -11.09
CA GLU B 322 46.61 -12.00 -11.27
C GLU B 322 47.26 -11.68 -9.93
N ALA B 323 46.43 -11.31 -8.95
CA ALA B 323 46.90 -10.98 -7.62
C ALA B 323 47.54 -12.20 -6.94
N ILE B 324 46.85 -13.33 -6.98
CA ILE B 324 47.37 -14.56 -6.38
C ILE B 324 48.69 -14.97 -7.03
N ASN B 325 48.73 -14.90 -8.37
CA ASN B 325 49.94 -15.19 -9.12
C ASN B 325 51.09 -14.28 -8.69
N ALA B 326 50.79 -13.00 -8.52
CA ALA B 326 51.78 -12.03 -8.08
C ALA B 326 52.32 -12.39 -6.70
N LEU B 327 51.40 -12.75 -5.79
CA LEU B 327 51.77 -13.15 -4.44
C LEU B 327 52.69 -14.37 -4.45
N GLN B 328 52.37 -15.33 -5.31
CA GLN B 328 53.20 -16.53 -5.42
C GLN B 328 54.57 -16.23 -6.01
N ASP B 329 54.62 -15.30 -6.96
CA ASP B 329 55.88 -14.94 -7.60
C ASP B 329 56.81 -14.18 -6.65
N ASN B 330 56.23 -13.37 -5.76
CA ASN B 330 57.00 -12.45 -4.91
C ASN B 330 57.35 -12.99 -3.53
N ARG B 331 56.96 -14.23 -3.24
CA ARG B 331 56.96 -14.70 -1.86
C ARG B 331 58.37 -14.88 -1.27
N ASP B 332 59.37 -15.06 -2.12
CA ASP B 332 60.77 -15.05 -1.68
C ASP B 332 61.09 -13.78 -0.87
N THR B 333 61.11 -12.68 -1.61
CA THR B 333 61.47 -11.38 -1.08
C THR B 333 60.46 -10.90 -0.06
N LEU B 334 59.18 -11.20 -0.32
CA LEU B 334 58.12 -10.87 0.63
C LEU B 334 58.45 -11.49 1.99
N THR B 335 58.74 -12.79 1.98
CA THR B 335 59.15 -13.49 3.19
C THR B 335 60.36 -12.82 3.82
N ALA B 336 61.36 -12.51 3.00
CA ALA B 336 62.58 -11.89 3.50
C ALA B 336 62.33 -10.58 4.28
N LYS B 337 61.69 -9.62 3.64
CA LYS B 337 61.48 -8.31 4.26
C LYS B 337 60.35 -8.33 5.29
N VAL B 338 59.55 -9.39 5.28
CA VAL B 338 58.53 -9.57 6.30
C VAL B 338 59.17 -10.08 7.58
N ILE B 339 60.09 -11.03 7.47
CA ILE B 339 60.83 -11.46 8.65
C ILE B 339 61.78 -10.36 9.06
N GLN B 340 62.08 -9.44 8.14
CA GLN B 340 62.87 -8.27 8.55
C GLN B 340 62.03 -7.32 9.40
N GLY B 341 60.87 -6.94 8.90
CA GLY B 341 59.99 -6.05 9.63
C GLY B 341 59.48 -6.60 10.95
N CYS B 342 58.88 -7.78 10.91
CA CYS B 342 58.18 -8.38 12.03
C CYS B 342 59.02 -9.29 12.94
N GLY B 343 60.26 -9.58 12.53
CA GLY B 343 61.10 -10.51 13.27
C GLY B 343 61.00 -11.92 12.71
N ASN B 344 61.66 -12.88 13.36
CA ASN B 344 61.71 -14.23 12.84
C ASN B 344 60.76 -15.20 13.56
N PRO B 345 59.79 -15.73 12.81
CA PRO B 345 58.77 -16.68 13.25
C PRO B 345 59.33 -18.06 13.55
N LYS B 346 58.54 -18.89 14.20
CA LYS B 346 58.97 -20.21 14.64
C LYS B 346 59.15 -21.09 13.41
N VAL B 347 59.96 -22.13 13.55
CA VAL B 347 60.13 -23.09 12.46
C VAL B 347 59.73 -24.48 12.97
N ASN B 348 59.80 -25.48 12.09
CA ASN B 348 59.45 -26.86 12.44
C ASN B 348 60.54 -27.78 11.93
N PRO B 370 34.01 -12.01 -25.51
CA PRO B 370 33.19 -11.16 -26.38
C PRO B 370 31.72 -11.59 -26.45
N SER B 371 30.83 -10.75 -25.93
CA SER B 371 29.40 -10.98 -26.01
C SER B 371 28.70 -9.79 -26.64
N GLY B 372 27.76 -10.05 -27.54
CA GLY B 372 27.08 -8.99 -28.27
C GLY B 372 25.87 -8.42 -27.56
N THR B 373 25.53 -9.00 -26.41
CA THR B 373 24.31 -8.63 -25.69
C THR B 373 24.21 -7.16 -25.32
N LEU B 374 25.22 -6.67 -24.59
CA LEU B 374 25.17 -5.33 -24.03
C LEU B 374 25.10 -4.24 -25.10
N GLU B 375 25.78 -4.46 -26.21
CA GLU B 375 25.77 -3.50 -27.31
C GLU B 375 24.36 -3.33 -27.89
N LYS B 376 23.69 -4.46 -28.10
CA LYS B 376 22.33 -4.46 -28.63
C LYS B 376 21.35 -3.87 -27.62
N LEU B 377 21.51 -4.24 -26.36
CA LEU B 377 20.67 -3.69 -25.30
C LEU B 377 20.81 -2.17 -25.23
N VAL B 378 22.04 -1.68 -25.32
CA VAL B 378 22.31 -0.26 -25.28
C VAL B 378 21.73 0.45 -26.50
N SER B 379 21.85 -0.17 -27.66
CA SER B 379 21.27 0.39 -28.89
C SER B 379 19.76 0.55 -28.76
N GLU B 380 19.10 -0.54 -28.38
CA GLU B 380 17.65 -0.55 -28.20
C GLU B 380 17.20 0.48 -27.16
N ALA B 381 17.91 0.52 -26.04
CA ALA B 381 17.61 1.44 -24.95
C ALA B 381 17.75 2.88 -25.40
N LYS B 382 18.79 3.17 -26.16
CA LYS B 382 19.00 4.50 -26.70
C LYS B 382 17.85 4.89 -27.63
N ALA B 383 17.46 3.95 -28.49
CA ALA B 383 16.34 4.18 -29.39
C ALA B 383 15.06 4.54 -28.63
N GLN B 384 14.70 3.68 -27.68
CA GLN B 384 13.47 3.86 -26.91
C GLN B 384 13.48 5.15 -26.08
N LEU B 385 14.58 5.41 -25.39
CA LEU B 385 14.70 6.60 -24.55
C LEU B 385 14.66 7.87 -25.39
N ARG B 386 15.35 7.87 -26.53
CA ARG B 386 15.33 9.02 -27.41
C ARG B 386 13.96 9.21 -28.04
N ASP B 387 13.19 8.12 -28.12
CA ASP B 387 11.83 8.20 -28.65
C ASP B 387 10.86 8.88 -27.69
N VAL B 388 11.03 8.61 -26.40
CA VAL B 388 10.11 9.11 -25.37
C VAL B 388 10.54 10.43 -24.74
N GLN B 389 11.61 11.02 -25.26
CA GLN B 389 12.18 12.25 -24.72
C GLN B 389 11.16 13.39 -24.59
N ASP B 390 10.31 13.55 -25.61
CA ASP B 390 9.38 14.67 -25.70
C ASP B 390 7.99 14.35 -25.13
N PHE B 391 7.85 13.17 -24.52
CA PHE B 391 6.56 12.59 -24.16
C PHE B 391 5.56 13.55 -23.49
N TRP B 392 6.03 14.24 -22.45
CA TRP B 392 5.16 15.08 -21.63
C TRP B 392 4.56 16.25 -22.41
N ILE B 393 5.34 16.84 -23.31
CA ILE B 393 4.82 17.91 -24.15
C ILE B 393 4.22 17.36 -25.44
N SER B 394 4.47 16.08 -25.71
CA SER B 394 3.94 15.46 -26.92
C SER B 394 2.54 14.88 -26.68
N LEU B 395 2.13 14.79 -25.42
CA LEU B 395 0.81 14.28 -25.09
C LEU B 395 -0.37 14.93 -25.86
N PRO B 396 -0.48 16.27 -25.84
CA PRO B 396 -1.66 16.86 -26.50
C PRO B 396 -1.74 16.59 -28.00
N GLY B 397 -0.62 16.74 -28.69
CA GLY B 397 -0.58 16.53 -30.13
C GLY B 397 -0.87 15.08 -30.49
N THR B 398 -0.26 14.17 -29.72
CA THR B 398 -0.47 12.74 -29.91
C THR B 398 -1.93 12.37 -29.75
N LEU B 399 -2.51 12.71 -28.60
CA LEU B 399 -3.90 12.39 -28.31
C LEU B 399 -4.84 13.00 -29.34
N CYS B 400 -4.68 14.31 -29.57
CA CYS B 400 -5.53 15.03 -30.52
C CYS B 400 -5.49 14.41 -31.90
N SER B 401 -4.30 14.35 -32.48
CA SER B 401 -4.15 13.89 -33.85
C SER B 401 -4.55 12.43 -33.98
N GLU B 402 -3.92 11.56 -33.21
CA GLU B 402 -4.21 10.15 -33.36
C GLU B 402 -5.62 9.76 -32.91
N LYS B 403 -5.96 9.97 -31.63
CA LYS B 403 -7.27 9.51 -31.19
C LYS B 403 -8.42 10.54 -31.15
N MET B 404 -8.12 11.83 -31.23
CA MET B 404 -9.20 12.81 -31.15
C MET B 404 -9.62 13.40 -32.50
N ALA B 405 -8.94 12.99 -33.57
CA ALA B 405 -9.17 13.53 -34.91
C ALA B 405 -9.19 15.06 -34.94
N ASP B 412 -11.44 23.90 -43.77
CA ASP B 412 -11.77 25.16 -43.09
C ASP B 412 -13.13 25.07 -42.42
N ARG B 413 -13.75 23.90 -42.49
CA ARG B 413 -14.96 23.63 -41.72
C ARG B 413 -14.70 22.53 -40.69
N CYS B 414 -14.68 22.94 -39.42
CA CYS B 414 -14.47 22.03 -38.30
C CYS B 414 -15.05 22.69 -37.05
N TRP B 415 -15.23 21.91 -35.99
CA TRP B 415 -15.89 22.45 -34.80
C TRP B 415 -14.93 23.31 -33.99
N ASN B 416 -15.27 24.59 -33.87
CA ASN B 416 -14.46 25.56 -33.13
C ASN B 416 -14.95 25.82 -31.70
N GLY B 417 -16.03 25.14 -31.32
CA GLY B 417 -16.64 25.36 -30.01
C GLY B 417 -17.97 26.07 -30.07
N MET B 418 -18.28 26.61 -31.23
CA MET B 418 -19.55 27.30 -31.40
C MET B 418 -20.25 26.83 -32.69
N ALA B 419 -19.65 27.07 -33.86
CA ALA B 419 -20.16 26.45 -35.10
C ALA B 419 -19.08 25.70 -35.89
N ARG B 420 -19.45 25.19 -37.07
CA ARG B 420 -18.47 24.58 -37.95
C ARG B 420 -17.78 25.66 -38.78
N GLY B 421 -16.45 25.65 -38.77
CA GLY B 421 -15.68 26.76 -39.32
C GLY B 421 -14.21 26.63 -38.97
N ARG B 422 -13.53 27.76 -38.93
CA ARG B 422 -12.10 27.81 -38.65
C ARG B 422 -11.84 28.29 -37.22
N TYR B 423 -10.78 27.80 -36.62
CA TYR B 423 -10.43 28.18 -35.25
C TYR B 423 -9.45 29.36 -35.27
N LEU B 424 -9.93 30.52 -34.82
CA LEU B 424 -9.15 31.74 -34.81
C LEU B 424 -7.97 31.78 -33.81
N PRO B 425 -8.21 31.48 -32.52
CA PRO B 425 -7.15 31.73 -31.54
C PRO B 425 -5.88 30.93 -31.76
N GLU B 426 -4.75 31.49 -31.33
CA GLU B 426 -3.47 30.82 -31.44
C GLU B 426 -3.27 29.76 -30.35
N VAL B 427 -2.46 28.77 -30.66
CA VAL B 427 -2.14 27.71 -29.70
C VAL B 427 -1.18 28.23 -28.63
N MET B 428 -1.46 27.88 -27.38
CA MET B 428 -0.63 28.30 -26.26
C MET B 428 0.69 27.54 -26.24
N GLY B 429 1.68 28.11 -25.56
CA GLY B 429 2.94 27.42 -25.35
C GLY B 429 2.79 26.35 -24.29
N ASP B 430 3.82 25.51 -24.15
CA ASP B 430 3.78 24.42 -23.17
C ASP B 430 4.04 24.94 -21.76
N GLY B 431 3.53 24.23 -20.76
CA GLY B 431 3.79 24.56 -19.37
C GLY B 431 2.61 25.19 -18.67
N LEU B 432 2.64 25.18 -17.35
CA LEU B 432 1.55 25.72 -16.54
C LEU B 432 1.38 27.22 -16.72
N ALA B 433 2.49 27.96 -16.60
CA ALA B 433 2.47 29.41 -16.67
C ALA B 433 1.91 29.93 -18.00
N ASN B 434 2.26 29.25 -19.09
CA ASN B 434 1.83 29.67 -20.41
C ASN B 434 0.32 29.55 -20.65
N GLN B 435 -0.37 28.91 -19.71
CA GLN B 435 -1.81 28.67 -19.86
C GLN B 435 -2.67 29.73 -19.19
N ILE B 436 -2.04 30.77 -18.63
CA ILE B 436 -2.77 31.81 -17.92
C ILE B 436 -3.79 32.51 -18.84
N ASN B 437 -3.41 32.75 -20.08
CA ASN B 437 -4.28 33.39 -21.06
C ASN B 437 -5.04 32.42 -21.96
N ASN B 438 -4.90 31.12 -21.69
CA ASN B 438 -5.55 30.10 -22.53
C ASN B 438 -7.05 30.33 -22.64
N PRO B 439 -7.53 30.53 -23.87
CA PRO B 439 -8.93 30.89 -24.12
C PRO B 439 -9.94 29.78 -23.85
N GLU B 440 -9.52 28.53 -24.02
CA GLU B 440 -10.42 27.40 -23.88
C GLU B 440 -10.64 26.95 -22.43
N VAL B 441 -9.56 26.96 -21.65
CA VAL B 441 -9.63 26.46 -20.28
CA VAL B 441 -9.58 26.44 -20.28
C VAL B 441 -9.08 27.47 -19.28
N GLU B 442 -9.76 27.60 -18.15
CA GLU B 442 -9.31 28.51 -17.11
C GLU B 442 -8.39 27.78 -16.14
N VAL B 443 -7.13 28.19 -16.12
CA VAL B 443 -6.12 27.55 -15.29
C VAL B 443 -5.43 28.55 -14.39
N ASP B 444 -5.36 28.24 -13.10
CA ASP B 444 -4.63 29.09 -12.16
C ASP B 444 -3.18 28.65 -12.11
N ILE B 445 -2.28 29.53 -12.52
CA ILE B 445 -0.87 29.19 -12.65
C ILE B 445 -0.14 29.30 -11.32
N THR B 446 -0.83 29.79 -10.30
CA THR B 446 -0.26 29.93 -8.97
C THR B 446 -0.57 28.70 -8.12
N LYS B 447 -1.25 27.73 -8.71
CA LYS B 447 -1.58 26.49 -7.99
C LYS B 447 -1.06 25.26 -8.72
N PRO B 448 0.26 25.02 -8.63
CA PRO B 448 0.86 23.86 -9.29
C PRO B 448 0.53 22.55 -8.56
N ASP B 449 0.64 21.44 -9.28
CA ASP B 449 0.40 20.13 -8.69
C ASP B 449 1.61 19.71 -7.85
N MET B 450 1.37 19.41 -6.58
CA MET B 450 2.45 19.07 -5.65
C MET B 450 3.14 17.77 -6.04
N THR B 451 2.37 16.80 -6.51
CA THR B 451 2.92 15.52 -6.95
C THR B 451 3.95 15.74 -8.06
N ILE B 452 3.57 16.51 -9.07
CA ILE B 452 4.44 16.82 -10.19
C ILE B 452 5.73 17.49 -9.68
N ARG B 453 5.59 18.41 -8.74
CA ARG B 453 6.75 19.08 -8.14
C ARG B 453 7.70 18.09 -7.48
N GLN B 454 7.13 17.20 -6.66
CA GLN B 454 7.91 16.14 -6.02
C GLN B 454 8.67 15.31 -7.06
N GLN B 455 7.97 14.87 -8.10
CA GLN B 455 8.58 14.06 -9.14
C GLN B 455 9.70 14.81 -9.84
N ILE B 456 9.51 16.11 -10.04
CA ILE B 456 10.54 16.97 -10.62
C ILE B 456 11.78 16.96 -9.73
N MET B 457 11.57 17.12 -8.43
CA MET B 457 12.67 17.07 -7.46
C MET B 457 13.43 15.75 -7.55
N GLN B 458 12.69 14.64 -7.59
CA GLN B 458 13.30 13.32 -7.70
C GLN B 458 14.12 13.19 -8.98
N LEU B 459 13.57 13.71 -10.08
CA LEU B 459 14.28 13.73 -11.36
C LEU B 459 15.60 14.48 -11.22
N LYS B 460 15.55 15.63 -10.56
CA LYS B 460 16.75 16.43 -10.31
C LYS B 460 17.81 15.62 -9.55
N ILE B 461 17.38 15.02 -8.45
CA ILE B 461 18.29 14.25 -7.60
C ILE B 461 18.94 13.08 -8.35
N MET B 462 18.12 12.30 -9.05
CA MET B 462 18.63 11.15 -9.79
C MET B 462 19.57 11.59 -10.91
N THR B 463 19.22 12.70 -11.57
CA THR B 463 20.07 13.27 -12.61
C THR B 463 21.43 13.66 -12.04
N ASN B 464 21.43 14.27 -10.86
CA ASN B 464 22.66 14.62 -10.19
C ASN B 464 23.50 13.38 -9.85
N ARG B 465 22.82 12.34 -9.37
CA ARG B 465 23.49 11.06 -9.10
C ARG B 465 24.18 10.52 -10.34
N LEU B 466 23.47 10.54 -11.47
CA LEU B 466 24.03 10.05 -12.73
C LEU B 466 25.21 10.90 -13.20
N ARG B 467 25.08 12.22 -13.07
CA ARG B 467 26.15 13.13 -13.47
C ARG B 467 27.39 12.93 -12.61
N SER B 468 27.19 12.55 -11.35
CA SER B 468 28.30 12.21 -10.48
C SER B 468 28.92 10.89 -10.90
N ALA B 469 28.07 9.94 -11.28
CA ALA B 469 28.52 8.61 -11.70
C ALA B 469 29.31 8.67 -13.00
N TYR B 470 29.04 9.67 -13.82
CA TYR B 470 29.72 9.81 -15.11
C TYR B 470 31.21 10.07 -14.94
N ASN B 471 31.57 10.77 -13.88
CA ASN B 471 32.98 11.05 -13.60
C ASN B 471 33.62 9.96 -12.75
N GLY B 472 32.83 8.93 -12.45
CA GLY B 472 33.34 7.77 -11.75
C GLY B 472 33.25 7.85 -10.24
N ASN B 473 32.41 8.74 -9.74
CA ASN B 473 32.28 8.94 -8.30
C ASN B 473 31.02 8.32 -7.71
N ASP B 474 31.19 7.63 -6.58
CA ASP B 474 30.06 7.08 -5.84
C ASP B 474 29.44 8.15 -4.95
N VAL B 475 28.12 8.12 -4.81
CA VAL B 475 27.42 9.05 -3.93
C VAL B 475 26.51 8.32 -2.96
N LYS C 27 0.58 15.38 56.15
CA LYS C 27 1.19 16.62 55.67
C LYS C 27 1.29 17.62 56.83
N SER C 28 2.52 17.85 57.26
CA SER C 28 2.81 18.77 58.35
C SER C 28 3.10 20.17 57.84
N ARG C 29 2.80 20.37 56.55
CA ARG C 29 3.10 21.57 55.76
C ARG C 29 4.51 21.52 55.20
N SER C 30 5.22 20.42 55.50
CA SER C 30 6.46 20.11 54.81
C SER C 30 6.15 19.54 53.42
N CYS C 31 6.84 20.05 52.41
CA CYS C 31 6.58 19.66 51.02
C CYS C 31 7.50 18.55 50.51
N GLY C 32 8.33 18.00 51.38
CA GLY C 32 9.32 17.00 51.00
C GLY C 32 8.80 15.82 50.20
N GLU C 33 7.65 15.29 50.60
CA GLU C 33 7.04 14.15 49.91
C GLU C 33 6.67 14.52 48.47
N VAL C 34 5.93 15.61 48.33
CA VAL C 34 5.55 16.14 47.03
C VAL C 34 6.78 16.46 46.20
N ARG C 35 7.84 16.96 46.85
CA ARG C 35 9.08 17.28 46.17
C ARG C 35 9.73 16.03 45.59
N GLN C 36 9.75 14.96 46.38
CA GLN C 36 10.34 13.69 45.96
C GLN C 36 9.54 13.08 44.80
N ILE C 37 8.21 13.14 44.88
CA ILE C 37 7.37 12.62 43.81
C ILE C 37 7.56 13.43 42.52
N TYR C 38 7.52 14.75 42.66
CA TYR C 38 7.69 15.69 41.56
C TYR C 38 9.02 15.48 40.85
N GLY C 39 10.07 15.26 41.64
CA GLY C 39 11.39 15.01 41.09
C GLY C 39 11.50 13.64 40.45
N ALA C 40 10.79 12.67 41.01
CA ALA C 40 10.81 11.31 40.50
C ALA C 40 10.18 11.22 39.11
N LYS C 41 9.35 12.21 38.78
CA LYS C 41 8.72 12.26 37.46
C LYS C 41 9.61 12.98 36.46
N GLY C 42 10.78 13.42 36.92
CA GLY C 42 11.76 14.03 36.04
C GLY C 42 11.68 15.54 35.93
N PHE C 43 11.01 16.17 36.89
CA PHE C 43 10.89 17.62 36.88
C PHE C 43 11.89 18.27 37.83
N SER C 44 11.88 19.60 37.87
CA SER C 44 12.89 20.35 38.62
C SER C 44 12.64 20.32 40.13
N LEU C 45 13.65 19.87 40.86
CA LEU C 45 13.56 19.77 42.32
C LEU C 45 13.44 21.14 42.99
N SER C 46 14.08 22.14 42.40
CA SER C 46 14.12 23.47 42.99
C SER C 46 12.82 24.23 42.83
N ASP C 47 11.89 23.69 42.05
CA ASP C 47 10.58 24.30 41.87
C ASP C 47 9.76 24.24 43.15
N VAL C 48 9.86 23.11 43.85
CA VAL C 48 9.05 22.86 45.05
C VAL C 48 9.51 23.71 46.23
N PRO C 49 8.55 24.35 46.92
CA PRO C 49 8.94 25.06 48.14
C PRO C 49 9.21 24.09 49.28
N GLN C 50 9.69 24.60 50.41
CA GLN C 50 9.91 23.76 51.58
C GLN C 50 8.62 23.59 52.37
N ALA C 51 7.84 24.66 52.44
CA ALA C 51 6.58 24.67 53.18
C ALA C 51 5.46 25.18 52.30
N GLU C 52 4.22 24.87 52.68
CA GLU C 52 3.05 25.27 51.90
C GLU C 52 2.96 26.77 51.71
N ILE C 53 2.59 27.17 50.50
CA ILE C 53 2.41 28.58 50.17
C ILE C 53 0.94 28.86 49.87
N SER C 54 0.63 30.12 49.58
CA SER C 54 -0.73 30.50 49.21
C SER C 54 -1.08 29.95 47.84
N GLY C 55 -2.30 29.45 47.68
CA GLY C 55 -2.73 28.84 46.44
C GLY C 55 -3.52 29.77 45.55
N GLU C 56 -3.34 31.07 45.75
CA GLU C 56 -4.05 32.07 44.95
C GLU C 56 -3.65 32.00 43.47
N HIS C 57 -2.51 31.37 43.21
CA HIS C 57 -1.99 31.27 41.84
C HIS C 57 -2.50 30.04 41.09
N LEU C 58 -3.16 29.13 41.81
CA LEU C 58 -3.60 27.87 41.22
C LEU C 58 -4.73 28.08 40.21
N ARG C 59 -4.48 27.67 38.97
CA ARG C 59 -5.45 27.82 37.89
C ARG C 59 -6.34 26.60 37.68
N ILE C 60 -5.98 25.48 38.32
CA ILE C 60 -6.71 24.23 38.12
C ILE C 60 -7.11 23.61 39.45
N CYS C 61 -6.11 23.24 40.26
CA CYS C 61 -6.36 22.74 41.60
C CYS C 61 -7.11 23.79 42.40
N PRO C 62 -8.07 23.35 43.24
CA PRO C 62 -8.83 24.25 44.11
C PRO C 62 -7.90 25.14 44.93
N GLN C 63 -8.25 26.42 45.07
CA GLN C 63 -7.36 27.36 45.72
C GLN C 63 -7.32 27.15 47.23
N GLY C 64 -6.11 26.91 47.72
CA GLY C 64 -5.88 26.63 49.13
C GLY C 64 -4.38 26.48 49.32
N TYR C 65 -3.95 26.20 50.55
CA TYR C 65 -2.52 26.11 50.81
C TYR C 65 -1.92 24.89 50.14
N THR C 66 -0.89 25.13 49.33
CA THR C 66 -0.35 24.11 48.43
C THR C 66 1.16 24.02 48.43
N CYS C 67 1.66 22.84 48.06
CA CYS C 67 3.10 22.64 47.87
C CYS C 67 3.46 22.81 46.40
N CYS C 68 2.48 23.17 45.59
CA CYS C 68 2.69 23.31 44.15
C CYS C 68 2.67 24.76 43.68
N THR C 69 3.67 25.14 42.91
CA THR C 69 3.68 26.44 42.26
C THR C 69 2.94 26.34 40.92
N SER C 70 2.90 27.43 40.17
CA SER C 70 2.23 27.43 38.87
C SER C 70 2.92 26.50 37.89
N GLU C 71 4.26 26.50 37.92
CA GLU C 71 5.05 25.64 37.05
C GLU C 71 4.82 24.17 37.37
N MET C 72 4.78 23.85 38.66
CA MET C 72 4.50 22.49 39.11
C MET C 72 3.13 22.05 38.63
N GLU C 73 2.14 22.95 38.74
CA GLU C 73 0.78 22.65 38.34
C GLU C 73 0.69 22.38 36.83
N GLU C 74 1.32 23.23 36.04
CA GLU C 74 1.34 23.06 34.59
C GLU C 74 2.01 21.74 34.20
N ASN C 75 3.17 21.48 34.80
CA ASN C 75 3.91 20.25 34.51
C ASN C 75 3.13 19.00 34.86
N LEU C 76 2.53 18.98 36.05
CA LEU C 76 1.76 17.82 36.50
C LEU C 76 0.51 17.61 35.64
N ALA C 77 -0.13 18.71 35.25
CA ALA C 77 -1.29 18.64 34.36
C ALA C 77 -0.90 18.01 33.03
N ASN C 78 0.18 18.54 32.44
CA ASN C 78 0.73 18.03 31.20
C ASN C 78 1.03 16.53 31.30
N ARG C 79 1.66 16.13 32.40
CA ARG C 79 2.04 14.75 32.62
C ARG C 79 0.82 13.83 32.74
N SER C 80 -0.17 14.26 33.50
CA SER C 80 -1.40 13.47 33.65
C SER C 80 -2.09 13.29 32.31
N HIS C 81 -2.18 14.37 31.54
CA HIS C 81 -2.72 14.31 30.19
C HIS C 81 -2.00 13.27 29.34
N ALA C 82 -0.67 13.37 29.32
CA ALA C 82 0.17 12.44 28.57
C ALA C 82 -0.06 10.99 29.00
N GLU C 83 -0.21 10.78 30.30
CA GLU C 83 -0.45 9.45 30.85
C GLU C 83 -1.77 8.87 30.35
N LEU C 84 -2.82 9.70 30.39
CA LEU C 84 -4.13 9.26 29.91
C LEU C 84 -4.07 8.91 28.41
N GLU C 85 -3.40 9.77 27.63
CA GLU C 85 -3.22 9.50 26.21
C GLU C 85 -2.50 8.18 25.97
N THR C 86 -1.47 7.92 26.76
CA THR C 86 -0.72 6.68 26.67
C THR C 86 -1.61 5.47 26.94
N ALA C 87 -2.39 5.55 28.01
CA ALA C 87 -3.34 4.49 28.35
C ALA C 87 -4.30 4.20 27.20
N LEU C 88 -4.97 5.24 26.73
CA LEU C 88 -5.92 5.14 25.63
C LEU C 88 -5.28 4.49 24.40
N ARG C 89 -4.11 4.98 24.03
CA ARG C 89 -3.40 4.45 22.86
C ARG C 89 -3.06 2.97 23.03
N ASP C 90 -2.66 2.59 24.24
CA ASP C 90 -2.37 1.19 24.53
C ASP C 90 -3.58 0.31 24.31
N SER C 91 -4.69 0.65 24.97
CA SER C 91 -5.92 -0.13 24.84
C SER C 91 -6.37 -0.23 23.37
N SER C 92 -6.40 0.93 22.71
CA SER C 92 -6.81 1.00 21.31
C SER C 92 -5.95 0.13 20.41
N ARG C 93 -4.64 0.13 20.64
CA ARG C 93 -3.74 -0.64 19.79
C ARG C 93 -3.85 -2.14 20.10
N VAL C 94 -4.24 -2.48 21.33
CA VAL C 94 -4.54 -3.87 21.66
C VAL C 94 -5.72 -4.33 20.81
N LEU C 95 -6.78 -3.53 20.82
CA LEU C 95 -7.97 -3.82 20.02
C LEU C 95 -7.63 -3.96 18.53
N GLN C 96 -6.87 -2.99 18.01
CA GLN C 96 -6.42 -3.01 16.62
C GLN C 96 -5.66 -4.28 16.29
N ALA C 97 -4.78 -4.69 17.20
CA ALA C 97 -3.99 -5.90 17.03
C ALA C 97 -4.89 -7.13 16.91
N MET C 98 -5.84 -7.24 17.82
CA MET C 98 -6.77 -8.36 17.80
C MET C 98 -7.55 -8.42 16.47
N LEU C 99 -8.14 -7.28 16.10
CA LEU C 99 -8.92 -7.20 14.86
C LEU C 99 -8.08 -7.55 13.64
N ALA C 100 -6.84 -7.08 13.60
CA ALA C 100 -5.93 -7.36 12.50
C ALA C 100 -5.63 -8.85 12.43
N THR C 101 -5.42 -9.47 13.58
CA THR C 101 -5.18 -10.90 13.66
C THR C 101 -6.35 -11.68 13.07
N GLN C 102 -7.55 -11.37 13.53
CA GLN C 102 -8.76 -12.02 13.02
C GLN C 102 -8.89 -11.85 11.50
N LEU C 103 -8.67 -10.62 11.04
CA LEU C 103 -8.75 -10.30 9.62
C LEU C 103 -7.81 -11.16 8.78
N ARG C 104 -6.53 -11.15 9.14
CA ARG C 104 -5.52 -11.94 8.44
C ARG C 104 -5.88 -13.43 8.43
N SER C 105 -6.24 -13.94 9.60
CA SER C 105 -6.60 -15.35 9.75
C SER C 105 -7.74 -15.75 8.81
N PHE C 106 -8.85 -15.04 8.88
CA PHE C 106 -10.02 -15.38 8.08
C PHE C 106 -9.77 -15.22 6.58
N ASP C 107 -9.16 -14.10 6.18
CA ASP C 107 -8.88 -13.86 4.77
C ASP C 107 -7.99 -14.97 4.19
N ASP C 108 -6.89 -15.21 4.85
CA ASP C 108 -5.94 -16.21 4.46
C ASP C 108 -6.58 -17.58 4.38
N HIS C 109 -7.38 -17.92 5.36
CA HIS C 109 -8.00 -19.24 5.40
C HIS C 109 -9.02 -19.42 4.29
N PHE C 110 -9.77 -18.38 3.98
CA PHE C 110 -10.74 -18.45 2.87
C PHE C 110 -10.01 -18.69 1.55
N GLN C 111 -8.99 -17.90 1.32
CA GLN C 111 -8.16 -18.02 0.16
C GLN C 111 -7.54 -19.40 0.03
N HIS C 112 -7.13 -19.98 1.14
CA HIS C 112 -6.57 -21.30 1.12
C HIS C 112 -7.64 -22.32 0.82
N LEU C 113 -8.82 -22.15 1.38
CA LEU C 113 -9.90 -23.12 1.15
C LEU C 113 -10.20 -23.21 -0.34
N LEU C 114 -10.40 -22.06 -0.97
CA LEU C 114 -10.64 -22.03 -2.41
C LEU C 114 -9.51 -22.71 -3.18
N ASN C 115 -8.28 -22.35 -2.85
CA ASN C 115 -7.12 -22.90 -3.52
C ASN C 115 -6.87 -24.38 -3.32
N ASP C 116 -7.02 -24.90 -2.12
CA ASP C 116 -6.91 -26.32 -1.83
C ASP C 116 -8.01 -27.08 -2.55
N SER C 117 -9.18 -26.47 -2.64
CA SER C 117 -10.25 -27.01 -3.47
C SER C 117 -9.77 -27.18 -4.91
N GLU C 118 -9.15 -26.13 -5.45
CA GLU C 118 -8.71 -26.15 -6.84
C GLU C 118 -7.62 -27.19 -7.13
N ARG C 119 -6.61 -27.28 -6.26
CA ARG C 119 -5.53 -28.23 -6.47
C ARG C 119 -5.99 -29.66 -6.20
N THR C 120 -6.95 -29.81 -5.30
CA THR C 120 -7.55 -31.12 -5.06
C THR C 120 -8.27 -31.56 -6.32
N LEU C 121 -8.93 -30.59 -6.96
CA LEU C 121 -9.58 -30.85 -8.25
C LEU C 121 -8.54 -31.26 -9.30
N GLN C 122 -7.47 -30.47 -9.41
CA GLN C 122 -6.43 -30.71 -10.41
C GLN C 122 -5.73 -32.05 -10.22
N ALA C 123 -5.64 -32.50 -8.97
CA ALA C 123 -5.01 -33.77 -8.65
C ALA C 123 -5.94 -34.96 -8.90
N THR C 124 -7.19 -34.84 -8.42
CA THR C 124 -8.13 -35.96 -8.46
C THR C 124 -8.81 -36.16 -9.82
N PHE C 125 -9.24 -35.07 -10.44
CA PHE C 125 -10.05 -35.13 -11.66
C PHE C 125 -9.43 -35.84 -12.87
N PRO C 126 -8.12 -35.69 -13.12
CA PRO C 126 -7.56 -36.42 -14.27
C PRO C 126 -7.76 -37.93 -14.19
N GLY C 127 -7.51 -38.51 -13.02
CA GLY C 127 -7.67 -39.94 -12.85
C GLY C 127 -9.12 -40.38 -12.89
N ALA C 128 -9.98 -39.60 -12.24
CA ALA C 128 -11.40 -39.96 -12.13
C ALA C 128 -12.16 -39.80 -13.46
N PHE C 129 -12.13 -38.59 -14.02
CA PHE C 129 -12.90 -38.31 -15.23
C PHE C 129 -12.10 -38.37 -16.53
N GLY C 130 -10.79 -38.56 -16.44
CA GLY C 130 -9.94 -38.64 -17.62
C GLY C 130 -9.94 -37.40 -18.50
N GLU C 131 -10.12 -37.63 -19.80
CA GLU C 131 -10.07 -36.55 -20.78
C GLU C 131 -11.26 -35.61 -20.66
N LEU C 132 -12.31 -36.05 -19.97
CA LEU C 132 -13.46 -35.20 -19.71
C LEU C 132 -13.03 -33.95 -18.96
N TYR C 133 -12.17 -34.14 -17.95
CA TYR C 133 -11.55 -33.00 -17.28
C TYR C 133 -10.33 -32.48 -18.04
N THR C 134 -9.51 -33.41 -18.53
CA THR C 134 -8.17 -33.06 -19.00
C THR C 134 -8.11 -31.96 -20.07
N GLN C 135 -8.92 -32.07 -21.12
CA GLN C 135 -8.98 -31.00 -22.12
C GLN C 135 -9.78 -29.83 -21.54
N ASN C 136 -10.73 -30.13 -20.65
CA ASN C 136 -11.63 -29.12 -20.08
C ASN C 136 -11.04 -28.26 -18.95
N ALA C 137 -9.78 -28.47 -18.61
CA ALA C 137 -9.14 -27.83 -17.45
C ALA C 137 -9.25 -26.30 -17.40
N ARG C 138 -9.19 -25.66 -18.57
CA ARG C 138 -9.23 -24.21 -18.67
C ARG C 138 -10.52 -23.63 -18.10
N ALA C 139 -11.64 -24.29 -18.37
CA ALA C 139 -12.93 -23.84 -17.88
C ALA C 139 -12.97 -23.83 -16.35
N PHE C 140 -12.42 -24.88 -15.74
CA PHE C 140 -12.38 -24.99 -14.29
C PHE C 140 -11.47 -23.93 -13.68
N ARG C 141 -10.30 -23.75 -14.29
CA ARG C 141 -9.35 -22.74 -13.84
C ARG C 141 -9.99 -21.35 -13.88
N ASP C 142 -10.62 -21.03 -15.00
CA ASP C 142 -11.30 -19.74 -15.16
C ASP C 142 -12.42 -19.58 -14.15
N LEU C 143 -13.14 -20.67 -13.87
CA LEU C 143 -14.21 -20.66 -12.88
C LEU C 143 -13.68 -20.28 -11.50
N TYR C 144 -12.61 -20.95 -11.08
CA TYR C 144 -11.99 -20.64 -9.79
C TYR C 144 -11.48 -19.20 -9.74
N SER C 145 -10.92 -18.73 -10.85
CA SER C 145 -10.48 -17.34 -10.95
C SER C 145 -11.64 -16.38 -10.75
N GLU C 146 -12.79 -16.71 -11.36
CA GLU C 146 -14.00 -15.93 -11.20
C GLU C 146 -14.44 -15.88 -9.75
N LEU C 147 -14.38 -17.03 -9.08
CA LEU C 147 -14.72 -17.10 -7.66
C LEU C 147 -13.79 -16.22 -6.83
N ARG C 148 -12.53 -16.17 -7.19
CA ARG C 148 -11.58 -15.32 -6.53
C ARG C 148 -11.95 -13.88 -6.70
N LEU C 149 -12.13 -13.46 -7.93
CA LEU C 149 -12.51 -12.08 -8.22
C LEU C 149 -13.76 -11.70 -7.42
N TYR C 150 -14.71 -12.62 -7.35
CA TYR C 150 -15.94 -12.39 -6.59
C TYR C 150 -15.63 -12.16 -5.12
N TYR C 151 -14.82 -13.04 -4.53
CA TYR C 151 -14.48 -12.93 -3.11
C TYR C 151 -13.68 -11.66 -2.81
N ARG C 152 -12.87 -11.22 -3.76
CA ARG C 152 -12.06 -10.02 -3.56
C ARG C 152 -12.91 -8.75 -3.60
N GLY C 153 -14.19 -8.90 -3.92
CA GLY C 153 -15.12 -7.79 -3.88
C GLY C 153 -15.43 -7.20 -5.24
N ALA C 154 -14.96 -7.85 -6.30
CA ALA C 154 -15.24 -7.39 -7.66
C ALA C 154 -16.72 -7.52 -7.96
N ASN C 155 -17.19 -6.76 -8.93
CA ASN C 155 -18.62 -6.70 -9.18
C ASN C 155 -19.04 -7.74 -10.20
N LEU C 156 -19.75 -8.74 -9.70
CA LEU C 156 -20.19 -9.89 -10.48
C LEU C 156 -21.49 -10.36 -9.85
N HIS C 157 -22.39 -10.89 -10.67
CA HIS C 157 -23.46 -11.72 -10.16
C HIS C 157 -23.02 -13.15 -10.41
N LEU C 158 -23.24 -14.03 -9.43
CA LEU C 158 -22.68 -15.38 -9.51
C LEU C 158 -23.45 -16.27 -10.48
N GLU C 159 -24.76 -16.04 -10.56
CA GLU C 159 -25.64 -16.82 -11.41
C GLU C 159 -25.26 -16.64 -12.88
N GLU C 160 -24.81 -15.44 -13.24
CA GLU C 160 -24.33 -15.14 -14.58
C GLU C 160 -23.20 -16.09 -14.99
N THR C 161 -22.13 -16.04 -14.21
CA THR C 161 -20.89 -16.73 -14.46
C THR C 161 -21.07 -18.25 -14.40
N LEU C 162 -21.79 -18.71 -13.38
CA LEU C 162 -22.09 -20.13 -13.24
C LEU C 162 -22.95 -20.62 -14.40
N ALA C 163 -23.89 -19.79 -14.86
CA ALA C 163 -24.73 -20.16 -16.00
C ALA C 163 -23.91 -20.30 -17.26
N GLU C 164 -23.05 -19.33 -17.54
CA GLU C 164 -22.19 -19.40 -18.72
C GLU C 164 -21.30 -20.64 -18.63
N PHE C 165 -20.80 -20.91 -17.42
CA PHE C 165 -19.90 -22.03 -17.19
C PHE C 165 -20.58 -23.35 -17.50
N TRP C 166 -21.70 -23.61 -16.83
CA TRP C 166 -22.44 -24.85 -17.02
C TRP C 166 -22.93 -25.00 -18.45
N ALA C 167 -23.36 -23.89 -19.06
CA ALA C 167 -23.79 -23.91 -20.46
C ALA C 167 -22.68 -24.35 -21.41
N ARG C 168 -21.61 -23.56 -21.49
CA ARG C 168 -20.51 -23.84 -22.41
C ARG C 168 -19.87 -25.19 -22.14
N LEU C 169 -19.66 -25.48 -20.86
CA LEU C 169 -19.12 -26.77 -20.45
C LEU C 169 -20.04 -27.88 -20.92
N LEU C 170 -21.35 -27.66 -20.84
CA LEU C 170 -22.30 -28.65 -21.33
C LEU C 170 -22.15 -28.84 -22.83
N GLU C 171 -21.91 -27.75 -23.55
CA GLU C 171 -21.77 -27.81 -25.00
C GLU C 171 -20.58 -28.64 -25.42
N ARG C 172 -19.43 -28.30 -24.84
CA ARG C 172 -18.19 -28.86 -25.32
C ARG C 172 -17.97 -30.27 -24.72
N LEU C 173 -18.50 -30.48 -23.51
CA LEU C 173 -18.63 -31.82 -22.99
C LEU C 173 -19.55 -32.60 -23.94
N PHE C 174 -20.51 -31.93 -24.57
CA PHE C 174 -21.51 -32.64 -25.36
C PHE C 174 -20.97 -33.27 -26.64
N LYS C 175 -19.93 -32.68 -27.25
CA LYS C 175 -19.36 -33.27 -28.45
C LYS C 175 -18.31 -34.30 -28.08
N GLN C 176 -18.04 -34.42 -26.79
CA GLN C 176 -17.17 -35.49 -26.30
C GLN C 176 -17.91 -36.75 -25.83
N LEU C 177 -19.23 -36.69 -25.68
CA LEU C 177 -20.01 -37.93 -25.50
C LEU C 177 -19.92 -38.81 -26.74
N HIS C 178 -19.90 -38.12 -27.88
CA HIS C 178 -20.21 -38.77 -29.13
C HIS C 178 -19.13 -38.58 -30.18
N PRO C 179 -18.17 -39.51 -30.24
CA PRO C 179 -17.16 -39.53 -31.30
C PRO C 179 -17.79 -39.43 -32.70
N GLN C 180 -18.90 -40.12 -32.92
CA GLN C 180 -19.53 -40.16 -34.24
C GLN C 180 -20.48 -39.00 -34.54
N LEU C 181 -21.00 -38.34 -33.50
CA LEU C 181 -21.95 -37.25 -33.72
C LEU C 181 -21.25 -35.90 -33.81
N LEU C 182 -21.68 -35.08 -34.77
CA LEU C 182 -21.12 -33.76 -35.00
C LEU C 182 -22.20 -32.70 -35.03
N ALA C 197 -32.71 -26.06 -19.24
CA ALA C 197 -34.05 -26.56 -18.90
C ALA C 197 -34.10 -28.08 -18.96
N LEU C 198 -33.04 -28.70 -19.46
CA LEU C 198 -33.00 -30.14 -19.65
C LEU C 198 -32.41 -30.89 -18.45
N ARG C 199 -31.86 -30.13 -17.50
CA ARG C 199 -31.27 -30.69 -16.28
C ARG C 199 -30.26 -31.83 -16.50
N PRO C 200 -29.24 -31.60 -17.35
CA PRO C 200 -28.30 -32.70 -17.63
C PRO C 200 -27.39 -33.06 -16.46
N PHE C 201 -26.98 -32.07 -15.68
CA PHE C 201 -26.03 -32.29 -14.59
C PHE C 201 -26.72 -32.66 -13.29
N GLY C 202 -28.04 -32.67 -13.30
CA GLY C 202 -28.80 -33.03 -12.11
C GLY C 202 -28.86 -31.93 -11.06
N GLU C 203 -28.77 -32.33 -9.80
CA GLU C 203 -28.91 -31.41 -8.66
C GLU C 203 -27.76 -30.41 -8.55
N ALA C 204 -26.60 -30.77 -9.08
CA ALA C 204 -25.35 -30.14 -8.70
C ALA C 204 -25.24 -28.63 -8.99
N PRO C 205 -25.66 -28.18 -10.20
CA PRO C 205 -25.55 -26.74 -10.43
C PRO C 205 -26.36 -25.88 -9.47
N ARG C 206 -27.58 -26.31 -9.17
CA ARG C 206 -28.44 -25.59 -8.23
C ARG C 206 -27.81 -25.51 -6.85
N GLU C 207 -27.36 -26.67 -6.35
CA GLU C 207 -26.69 -26.76 -5.06
C GLU C 207 -25.49 -25.82 -4.99
N LEU C 208 -24.57 -26.01 -5.93
CA LEU C 208 -23.36 -25.19 -5.98
C LEU C 208 -23.68 -23.71 -6.04
N ARG C 209 -24.67 -23.35 -6.85
CA ARG C 209 -25.04 -21.96 -7.03
C ARG C 209 -25.56 -21.34 -5.74
N LEU C 210 -26.54 -22.00 -5.12
CA LEU C 210 -27.10 -21.54 -3.86
C LEU C 210 -26.03 -21.40 -2.77
N ARG C 211 -25.33 -22.51 -2.53
CA ARG C 211 -24.35 -22.57 -1.45
C ARG C 211 -23.21 -21.57 -1.64
N ALA C 212 -22.71 -21.45 -2.86
CA ALA C 212 -21.63 -20.50 -3.15
C ALA C 212 -22.11 -19.07 -3.01
N THR C 213 -23.29 -18.78 -3.56
CA THR C 213 -23.86 -17.44 -3.48
C THR C 213 -24.00 -16.99 -2.03
N ARG C 214 -24.49 -17.89 -1.18
CA ARG C 214 -24.58 -17.60 0.26
C ARG C 214 -23.20 -17.41 0.91
N ALA C 215 -22.38 -18.46 0.80
CA ALA C 215 -21.13 -18.56 1.54
C ALA C 215 -20.11 -17.48 1.18
N PHE C 216 -19.94 -17.23 -0.11
CA PHE C 216 -18.90 -16.30 -0.55
C PHE C 216 -19.21 -14.86 -0.17
N VAL C 217 -20.47 -14.45 -0.29
CA VAL C 217 -20.85 -13.11 0.12
C VAL C 217 -20.82 -12.99 1.64
N ALA C 218 -21.13 -14.09 2.34
CA ALA C 218 -21.02 -14.11 3.79
C ALA C 218 -19.57 -13.85 4.22
N ALA C 219 -18.66 -14.61 3.64
CA ALA C 219 -17.24 -14.50 3.92
C ALA C 219 -16.70 -13.10 3.61
N ARG C 220 -16.97 -12.64 2.40
CA ARG C 220 -16.51 -11.33 1.96
C ARG C 220 -17.02 -10.23 2.89
N SER C 221 -18.28 -10.33 3.28
CA SER C 221 -18.88 -9.34 4.17
C SER C 221 -18.25 -9.39 5.56
N PHE C 222 -17.93 -10.59 6.04
CA PHE C 222 -17.28 -10.73 7.33
C PHE C 222 -15.90 -10.08 7.33
N VAL C 223 -15.10 -10.40 6.33
CA VAL C 223 -13.77 -9.81 6.16
C VAL C 223 -13.85 -8.28 6.09
N GLN C 224 -14.76 -7.79 5.26
CA GLN C 224 -14.99 -6.35 5.12
C GLN C 224 -15.34 -5.72 6.46
N GLY C 225 -16.18 -6.41 7.25
CA GLY C 225 -16.58 -5.94 8.56
C GLY C 225 -15.39 -5.80 9.48
N LEU C 226 -14.54 -6.83 9.52
CA LEU C 226 -13.31 -6.77 10.30
C LEU C 226 -12.46 -5.57 9.91
N GLY C 227 -12.26 -5.40 8.60
CA GLY C 227 -11.47 -4.29 8.09
C GLY C 227 -12.01 -2.93 8.52
N VAL C 228 -13.32 -2.74 8.35
CA VAL C 228 -13.98 -1.49 8.72
C VAL C 228 -13.84 -1.22 10.22
N ALA C 229 -14.04 -2.24 11.04
CA ALA C 229 -13.85 -2.10 12.48
C ALA C 229 -12.44 -1.62 12.79
N SER C 230 -11.47 -2.27 12.15
CA SER C 230 -10.06 -1.91 12.34
C SER C 230 -9.78 -0.45 12.01
N ASP C 231 -10.22 -0.02 10.83
CA ASP C 231 -10.00 1.36 10.39
C ASP C 231 -10.72 2.37 11.28
N VAL C 232 -11.90 2.00 11.75
CA VAL C 232 -12.68 2.86 12.65
C VAL C 232 -11.92 3.09 13.95
N VAL C 233 -11.46 2.00 14.57
CA VAL C 233 -10.66 2.13 15.79
C VAL C 233 -9.42 2.97 15.53
N ARG C 234 -8.79 2.72 14.38
CA ARG C 234 -7.58 3.45 14.00
C ARG C 234 -7.81 4.96 13.94
N LYS C 235 -8.91 5.37 13.30
CA LYS C 235 -9.19 6.80 13.14
C LYS C 235 -9.67 7.45 14.43
N VAL C 236 -10.48 6.72 15.20
CA VAL C 236 -10.97 7.25 16.47
C VAL C 236 -9.82 7.45 17.45
N ALA C 237 -8.83 6.57 17.40
CA ALA C 237 -7.67 6.67 18.28
C ALA C 237 -6.85 7.94 18.05
N GLN C 238 -7.06 8.58 16.91
CA GLN C 238 -6.29 9.77 16.55
C GLN C 238 -6.91 11.06 17.11
N VAL C 239 -8.12 10.95 17.64
CA VAL C 239 -8.80 12.11 18.22
C VAL C 239 -8.21 12.47 19.57
N PRO C 240 -7.72 13.72 19.71
CA PRO C 240 -7.06 14.17 20.93
C PRO C 240 -8.03 14.50 22.07
N LEU C 241 -7.48 14.90 23.20
CA LEU C 241 -8.28 15.25 24.37
C LEU C 241 -8.45 16.77 24.47
N GLY C 242 -9.63 17.20 24.90
CA GLY C 242 -9.91 18.61 25.07
C GLY C 242 -9.25 19.18 26.32
N PRO C 243 -9.03 20.50 26.34
CA PRO C 243 -8.41 21.19 27.48
C PRO C 243 -9.24 21.05 28.77
N GLU C 244 -10.56 21.05 28.63
CA GLU C 244 -11.44 20.83 29.78
C GLU C 244 -11.18 19.46 30.39
N CYS C 245 -11.12 18.45 29.54
CA CYS C 245 -10.79 17.10 29.95
C CYS C 245 -9.42 17.06 30.60
N SER C 246 -8.49 17.84 30.07
CA SER C 246 -7.14 17.90 30.60
C SER C 246 -7.10 18.46 32.02
N ARG C 247 -7.83 19.54 32.25
CA ARG C 247 -7.86 20.17 33.57
C ARG C 247 -8.63 19.28 34.56
N ALA C 248 -9.64 18.57 34.06
CA ALA C 248 -10.41 17.66 34.90
C ALA C 248 -9.56 16.47 35.33
N VAL C 249 -8.73 15.99 34.41
CA VAL C 249 -7.82 14.89 34.69
C VAL C 249 -6.75 15.33 35.67
N MET C 250 -6.24 16.55 35.48
CA MET C 250 -5.26 17.11 36.41
C MET C 250 -5.84 17.20 37.82
N LYS C 251 -7.05 17.75 37.93
CA LYS C 251 -7.72 17.85 39.22
C LYS C 251 -7.96 16.46 39.80
N LEU C 252 -8.18 15.49 38.93
CA LEU C 252 -8.44 14.12 39.34
C LEU C 252 -7.19 13.44 39.93
N VAL C 253 -6.05 13.66 39.30
CA VAL C 253 -4.85 12.90 39.65
C VAL C 253 -3.91 13.60 40.63
N TYR C 254 -3.25 14.67 40.18
CA TYR C 254 -2.17 15.26 40.97
C TYR C 254 -2.57 16.48 41.81
N CYS C 255 -3.83 16.88 41.77
CA CYS C 255 -4.28 17.97 42.62
C CYS C 255 -4.37 17.51 44.07
N ALA C 256 -4.43 16.20 44.28
CA ALA C 256 -4.35 15.62 45.61
C ALA C 256 -2.98 15.90 46.20
N HIS C 257 -1.96 15.78 45.37
CA HIS C 257 -0.58 16.03 45.79
C HIS C 257 -0.38 17.50 46.13
N CYS C 258 -0.97 18.38 45.33
CA CYS C 258 -0.84 19.81 45.53
C CYS C 258 -1.62 20.29 46.75
N LEU C 259 -2.75 19.63 47.04
CA LEU C 259 -3.59 20.03 48.17
C LEU C 259 -3.14 19.33 49.44
N GLY C 260 -2.06 18.55 49.33
CA GLY C 260 -1.41 18.00 50.50
C GLY C 260 -1.70 16.55 50.87
N VAL C 261 -2.27 15.80 49.94
CA VAL C 261 -2.46 14.38 50.14
C VAL C 261 -1.94 13.58 48.94
N PRO C 262 -0.62 13.44 48.83
CA PRO C 262 0.01 12.73 47.71
C PRO C 262 -0.30 11.23 47.73
N GLY C 263 -0.53 10.69 48.92
CA GLY C 263 -0.82 9.27 49.06
C GLY C 263 -2.29 8.96 48.85
N ALA C 264 -3.03 9.94 48.35
CA ALA C 264 -4.47 9.78 48.13
C ALA C 264 -4.76 9.36 46.70
N ARG C 265 -5.27 8.15 46.55
CA ARG C 265 -5.75 7.67 45.25
C ARG C 265 -7.20 8.12 45.07
N PRO C 266 -7.56 8.54 43.85
CA PRO C 266 -8.90 9.09 43.59
C PRO C 266 -10.02 8.07 43.77
N CYS C 267 -11.20 8.54 44.12
CA CYS C 267 -12.38 7.69 44.27
C CYS C 267 -12.79 7.13 42.90
N PRO C 268 -13.23 5.86 42.87
CA PRO C 268 -13.64 5.19 41.64
C PRO C 268 -14.75 5.91 40.87
N ASP C 269 -15.78 6.36 41.58
CA ASP C 269 -16.90 7.05 40.93
C ASP C 269 -16.48 8.42 40.38
N TYR C 270 -15.61 9.09 41.13
CA TYR C 270 -15.02 10.37 40.70
C TYR C 270 -14.27 10.18 39.39
N CYS C 271 -13.34 9.23 39.39
CA CYS C 271 -12.55 8.90 38.21
C CYS C 271 -13.43 8.52 37.03
N ARG C 272 -14.44 7.71 37.29
CA ARG C 272 -15.36 7.27 36.24
C ARG C 272 -16.14 8.45 35.66
N ASN C 273 -16.54 9.38 36.50
CA ASN C 273 -17.23 10.58 36.03
C ASN C 273 -16.33 11.44 35.16
N VAL C 274 -15.08 11.62 35.59
CA VAL C 274 -14.12 12.40 34.82
C VAL C 274 -13.88 11.78 33.45
N LEU C 275 -13.59 10.48 33.42
CA LEU C 275 -13.30 9.79 32.18
C LEU C 275 -14.51 9.70 31.26
N LYS C 276 -15.70 9.53 31.84
CA LYS C 276 -16.92 9.55 31.05
C LYS C 276 -17.15 10.94 30.48
N GLY C 277 -16.66 11.95 31.18
CA GLY C 277 -16.72 13.32 30.68
C GLY C 277 -15.76 13.52 29.51
N CYS C 278 -14.59 12.91 29.59
CA CYS C 278 -13.56 13.05 28.56
C CYS C 278 -13.83 12.19 27.33
N LEU C 279 -14.34 10.99 27.54
CA LEU C 279 -14.48 9.99 26.47
C LEU C 279 -15.86 9.94 25.82
N ALA C 280 -16.74 10.88 26.17
CA ALA C 280 -18.13 10.88 25.72
C ALA C 280 -18.30 10.66 24.21
N ASN C 281 -17.53 11.38 23.41
CA ASN C 281 -17.60 11.24 21.96
C ASN C 281 -17.26 9.83 21.52
N GLN C 282 -16.27 9.22 22.18
CA GLN C 282 -15.93 7.83 21.92
C GLN C 282 -17.08 6.92 22.35
N ALA C 283 -17.77 7.31 23.41
CA ALA C 283 -18.89 6.53 23.93
C ALA C 283 -20.10 6.58 22.99
N ASP C 284 -20.12 7.60 22.13
CA ASP C 284 -21.20 7.72 21.15
C ASP C 284 -21.16 6.62 20.07
N LEU C 285 -20.05 5.90 19.99
CA LEU C 285 -19.89 4.84 18.99
C LEU C 285 -20.59 3.54 19.37
N ASP C 286 -21.03 3.47 20.63
CA ASP C 286 -21.54 2.23 21.24
C ASP C 286 -22.61 1.52 20.42
N ALA C 287 -23.64 2.24 20.03
CA ALA C 287 -24.79 1.65 19.33
C ALA C 287 -24.40 0.97 18.03
N GLU C 288 -23.77 1.72 17.13
CA GLU C 288 -23.43 1.21 15.81
C GLU C 288 -22.30 0.18 15.90
N TRP C 289 -21.43 0.32 16.88
CA TRP C 289 -20.40 -0.68 17.14
C TRP C 289 -21.05 -2.02 17.48
N ARG C 290 -21.98 -1.99 18.43
CA ARG C 290 -22.70 -3.18 18.86
C ARG C 290 -23.49 -3.79 17.70
N ASN C 291 -24.17 -2.95 16.92
CA ASN C 291 -24.92 -3.43 15.77
C ASN C 291 -24.03 -4.13 14.76
N LEU C 292 -22.91 -3.49 14.43
CA LEU C 292 -21.93 -4.05 13.51
C LEU C 292 -21.46 -5.42 13.98
N LEU C 293 -20.98 -5.48 15.23
CA LEU C 293 -20.46 -6.73 15.77
C LEU C 293 -21.53 -7.83 15.81
N ASP C 294 -22.77 -7.45 16.13
CA ASP C 294 -23.88 -8.39 16.15
C ASP C 294 -24.12 -8.98 14.76
N SER C 295 -24.15 -8.13 13.75
CA SER C 295 -24.35 -8.59 12.38
C SER C 295 -23.17 -9.45 11.93
N MET C 296 -21.99 -9.18 12.49
CA MET C 296 -20.79 -9.94 12.15
C MET C 296 -20.79 -11.33 12.77
N VAL C 297 -21.29 -11.47 13.99
CA VAL C 297 -21.40 -12.79 14.58
C VAL C 297 -22.61 -13.53 14.01
N LEU C 298 -23.53 -12.78 13.41
CA LEU C 298 -24.69 -13.39 12.77
C LEU C 298 -24.36 -13.93 11.38
N ILE C 299 -23.47 -13.24 10.66
CA ILE C 299 -23.15 -13.62 9.29
C ILE C 299 -22.30 -14.89 9.22
N THR C 300 -21.64 -15.23 10.33
CA THR C 300 -20.79 -16.42 10.37
C THR C 300 -21.59 -17.70 10.19
N ASP C 301 -22.87 -17.65 10.56
CA ASP C 301 -23.76 -18.80 10.40
C ASP C 301 -24.02 -19.10 8.94
N LYS C 302 -23.79 -18.11 8.08
CA LYS C 302 -24.06 -18.25 6.65
C LYS C 302 -22.86 -18.82 5.89
N PHE C 303 -21.78 -19.10 6.61
CA PHE C 303 -20.62 -19.75 6.00
C PHE C 303 -20.99 -21.17 5.61
N TRP C 304 -21.89 -21.76 6.40
CA TRP C 304 -22.40 -23.09 6.11
C TRP C 304 -23.86 -23.04 5.75
N GLY C 305 -24.25 -23.83 4.76
CA GLY C 305 -25.65 -24.08 4.52
C GLY C 305 -26.11 -24.99 5.63
N THR C 306 -27.41 -25.08 5.84
CA THR C 306 -27.94 -26.05 6.79
C THR C 306 -27.79 -27.43 6.17
N SER C 307 -28.29 -28.45 6.87
CA SER C 307 -28.24 -29.87 6.46
C SER C 307 -26.89 -30.54 6.74
N GLY C 308 -25.93 -29.78 7.28
CA GLY C 308 -24.73 -30.36 7.85
C GLY C 308 -23.61 -30.79 6.92
N VAL C 309 -23.63 -30.30 5.69
CA VAL C 309 -22.53 -30.52 4.76
C VAL C 309 -21.40 -29.51 5.04
N GLU C 310 -20.17 -29.85 4.66
CA GLU C 310 -19.04 -28.94 4.80
C GLU C 310 -19.25 -27.70 3.93
N SER C 311 -18.58 -26.61 4.28
CA SER C 311 -18.72 -25.35 3.54
C SER C 311 -18.30 -25.49 2.09
N VAL C 312 -19.05 -24.86 1.19
CA VAL C 312 -18.80 -24.96 -0.25
C VAL C 312 -17.49 -24.28 -0.63
N ILE C 313 -17.10 -23.28 0.15
CA ILE C 313 -15.91 -22.46 -0.11
C ILE C 313 -14.68 -23.31 -0.39
N GLY C 314 -14.53 -24.41 0.33
CA GLY C 314 -13.47 -25.37 0.06
C GLY C 314 -13.94 -26.62 -0.65
N SER C 315 -15.25 -26.83 -0.71
CA SER C 315 -15.81 -28.07 -1.26
C SER C 315 -16.31 -28.01 -2.72
N VAL C 316 -16.12 -26.88 -3.39
CA VAL C 316 -16.64 -26.68 -4.77
C VAL C 316 -16.38 -27.85 -5.73
N HIS C 317 -15.15 -28.37 -5.69
CA HIS C 317 -14.74 -29.46 -6.57
C HIS C 317 -15.62 -30.70 -6.43
N THR C 318 -16.22 -30.87 -5.25
CA THR C 318 -17.12 -31.99 -5.01
C THR C 318 -18.40 -31.84 -5.84
N TRP C 319 -18.96 -30.64 -5.83
CA TRP C 319 -20.16 -30.35 -6.59
C TRP C 319 -19.88 -30.46 -8.09
N LEU C 320 -18.72 -29.95 -8.50
CA LEU C 320 -18.32 -30.07 -9.91
C LEU C 320 -18.22 -31.54 -10.32
N ALA C 321 -17.55 -32.33 -9.49
CA ALA C 321 -17.37 -33.76 -9.75
C ALA C 321 -18.71 -34.48 -9.86
N GLU C 322 -19.59 -34.24 -8.89
CA GLU C 322 -20.91 -34.86 -8.90
C GLU C 322 -21.70 -34.45 -10.13
N ALA C 323 -21.50 -33.21 -10.58
CA ALA C 323 -22.14 -32.74 -11.80
C ALA C 323 -21.67 -33.55 -13.01
N ILE C 324 -20.35 -33.75 -13.09
CA ILE C 324 -19.78 -34.52 -14.20
C ILE C 324 -20.27 -35.96 -14.22
N ASN C 325 -20.20 -36.62 -13.07
CA ASN C 325 -20.64 -38.01 -12.98
C ASN C 325 -22.13 -38.15 -13.26
N ALA C 326 -22.90 -37.14 -12.83
CA ALA C 326 -24.32 -37.11 -13.13
C ALA C 326 -24.54 -36.95 -14.62
N LEU C 327 -23.62 -36.25 -15.28
CA LEU C 327 -23.71 -36.08 -16.72
C LEU C 327 -23.44 -37.39 -17.45
N GLN C 328 -22.45 -38.17 -16.99
CA GLN C 328 -22.20 -39.44 -17.66
C GLN C 328 -23.23 -40.52 -17.31
N ASP C 329 -23.90 -40.37 -16.16
CA ASP C 329 -25.01 -41.25 -15.83
C ASP C 329 -26.18 -40.93 -16.75
N ASN C 330 -26.39 -39.65 -17.02
CA ASN C 330 -27.47 -39.22 -17.89
C ASN C 330 -27.04 -39.15 -19.35
N ARG C 331 -25.80 -39.56 -19.61
CA ARG C 331 -25.22 -39.45 -20.93
C ARG C 331 -26.03 -40.17 -22.03
N ASP C 332 -26.62 -41.34 -21.71
CA ASP C 332 -27.32 -42.13 -22.73
C ASP C 332 -28.77 -41.65 -23.05
N THR C 333 -29.52 -41.20 -22.06
CA THR C 333 -30.86 -40.63 -22.34
C THR C 333 -30.77 -39.17 -22.77
N LEU C 334 -29.61 -38.54 -22.58
CA LEU C 334 -29.42 -37.17 -23.04
C LEU C 334 -29.31 -37.12 -24.56
N THR C 335 -28.96 -38.25 -25.15
CA THR C 335 -28.88 -38.38 -26.60
C THR C 335 -30.25 -38.20 -27.23
N ALA C 336 -31.27 -38.69 -26.54
CA ALA C 336 -32.65 -38.58 -27.02
C ALA C 336 -33.15 -37.14 -26.95
N ALA C 364 -19.10 -35.21 -4.74
CA ALA C 364 -19.49 -35.91 -3.52
C ALA C 364 -18.99 -35.17 -2.28
N PRO C 365 -19.74 -34.14 -1.85
CA PRO C 365 -19.38 -33.33 -0.68
C PRO C 365 -19.31 -34.13 0.62
N ARG C 366 -18.22 -33.94 1.35
CA ARG C 366 -17.98 -34.58 2.63
C ARG C 366 -18.91 -34.00 3.70
N GLU C 367 -19.20 -34.80 4.71
CA GLU C 367 -19.92 -34.36 5.89
C GLU C 367 -19.11 -33.28 6.60
N ARG C 368 -19.80 -32.44 7.36
CA ARG C 368 -19.12 -31.45 8.18
C ARG C 368 -18.48 -32.11 9.39
N PRO C 369 -17.16 -31.91 9.57
CA PRO C 369 -16.47 -32.40 10.76
C PRO C 369 -17.04 -31.74 12.02
N PRO C 370 -16.92 -32.41 13.19
CA PRO C 370 -17.44 -31.83 14.43
C PRO C 370 -16.84 -30.45 14.69
N SER C 371 -15.53 -30.34 14.53
CA SER C 371 -14.87 -29.03 14.52
C SER C 371 -13.81 -28.97 13.43
N GLY C 372 -14.01 -28.06 12.47
CA GLY C 372 -13.03 -27.85 11.42
C GLY C 372 -12.26 -26.58 11.72
N THR C 373 -11.31 -26.24 10.84
CA THR C 373 -10.52 -25.03 10.99
C THR C 373 -11.42 -23.80 11.01
N LEU C 374 -12.33 -23.73 10.04
CA LEU C 374 -13.24 -22.60 9.92
C LEU C 374 -14.16 -22.48 11.13
N GLU C 375 -14.64 -23.62 11.63
CA GLU C 375 -15.53 -23.62 12.79
C GLU C 375 -14.81 -23.13 14.04
N LYS C 376 -13.57 -23.57 14.22
CA LYS C 376 -12.75 -23.13 15.34
C LYS C 376 -12.49 -21.63 15.27
N LEU C 377 -12.09 -21.16 14.08
CA LEU C 377 -11.86 -19.74 13.85
C LEU C 377 -13.12 -18.92 14.13
N VAL C 378 -14.28 -19.48 13.76
CA VAL C 378 -15.56 -18.80 13.97
C VAL C 378 -15.89 -18.70 15.45
N SER C 379 -15.70 -19.79 16.19
CA SER C 379 -15.96 -19.80 17.62
C SER C 379 -15.05 -18.79 18.35
N GLU C 380 -13.77 -18.83 18.02
CA GLU C 380 -12.79 -17.89 18.58
C GLU C 380 -13.19 -16.45 18.27
N ALA C 381 -13.59 -16.21 17.03
CA ALA C 381 -14.00 -14.88 16.59
C ALA C 381 -15.21 -14.39 17.37
N LYS C 382 -16.19 -15.27 17.55
CA LYS C 382 -17.38 -14.95 18.35
C LYS C 382 -16.97 -14.55 19.76
N ALA C 383 -16.06 -15.32 20.35
CA ALA C 383 -15.56 -15.02 21.68
C ALA C 383 -14.95 -13.61 21.73
N GLN C 384 -14.03 -13.33 20.82
CA GLN C 384 -13.36 -12.03 20.78
C GLN C 384 -14.33 -10.86 20.60
N LEU C 385 -15.24 -11.01 19.64
CA LEU C 385 -16.18 -9.95 19.32
C LEU C 385 -17.17 -9.69 20.45
N ARG C 386 -17.64 -10.75 21.10
CA ARG C 386 -18.50 -10.58 22.26
C ARG C 386 -17.73 -10.01 23.43
N ASP C 387 -16.41 -10.21 23.42
CA ASP C 387 -15.56 -9.66 24.47
C ASP C 387 -15.38 -8.15 24.31
N VAL C 388 -15.19 -7.69 23.08
CA VAL C 388 -14.91 -6.27 22.82
C VAL C 388 -16.15 -5.43 22.50
N GLN C 389 -17.33 -6.02 22.58
CA GLN C 389 -18.57 -5.30 22.23
C GLN C 389 -18.83 -4.09 23.11
N ASP C 390 -18.36 -4.13 24.35
CA ASP C 390 -18.62 -3.07 25.33
C ASP C 390 -17.48 -2.06 25.41
N PHE C 391 -16.51 -2.18 24.52
CA PHE C 391 -15.24 -1.45 24.59
C PHE C 391 -15.38 0.06 24.84
N TRP C 392 -16.16 0.72 23.99
CA TRP C 392 -16.28 2.17 24.00
C TRP C 392 -16.85 2.73 25.31
N ILE C 393 -17.82 2.03 25.88
CA ILE C 393 -18.39 2.47 27.14
C ILE C 393 -17.65 1.89 28.36
N SER C 394 -16.81 0.89 28.12
CA SER C 394 -16.09 0.25 29.21
C SER C 394 -14.70 0.84 29.40
N LEU C 395 -14.31 1.75 28.51
CA LEU C 395 -13.03 2.46 28.66
C LEU C 395 -12.82 3.12 30.04
N PRO C 396 -13.78 3.93 30.52
CA PRO C 396 -13.54 4.60 31.81
C PRO C 396 -13.33 3.65 32.97
N GLY C 397 -14.18 2.63 33.08
CA GLY C 397 -14.07 1.66 34.15
C GLY C 397 -12.75 0.91 34.10
N THR C 398 -12.35 0.52 32.91
CA THR C 398 -11.09 -0.18 32.69
C THR C 398 -9.90 0.66 33.12
N LEU C 399 -9.80 1.87 32.56
CA LEU C 399 -8.68 2.76 32.86
C LEU C 399 -8.61 3.15 34.33
N CYS C 400 -9.78 3.37 34.94
CA CYS C 400 -9.83 3.73 36.35
C CYS C 400 -9.46 2.55 37.24
N SER C 401 -9.77 1.34 36.77
CA SER C 401 -9.50 0.13 37.55
C SER C 401 -8.05 -0.30 37.48
N GLU C 402 -7.41 -0.11 36.33
CA GLU C 402 -6.06 -0.63 36.11
C GLU C 402 -4.97 0.41 36.32
N LYS C 403 -4.86 1.32 35.36
CA LYS C 403 -3.71 2.22 35.26
C LYS C 403 -3.78 3.44 36.16
N MET C 404 -4.96 4.06 36.27
CA MET C 404 -5.08 5.34 36.95
C MET C 404 -5.41 5.21 38.45
N ALA C 405 -5.47 3.97 38.93
CA ALA C 405 -5.71 3.68 40.35
C ALA C 405 -6.98 4.38 40.87
N ARG C 413 -11.03 5.71 52.54
CA ARG C 413 -11.14 7.13 52.21
C ARG C 413 -10.22 7.49 51.05
N CYS C 414 -10.73 8.28 50.12
CA CYS C 414 -10.04 8.56 48.86
C CYS C 414 -10.15 10.03 48.45
N TRP C 415 -9.40 10.40 47.42
CA TRP C 415 -9.43 11.78 46.93
C TRP C 415 -10.66 12.03 46.06
N ASN C 416 -11.51 12.95 46.51
CA ASN C 416 -12.76 13.25 45.80
C ASN C 416 -12.66 14.48 44.88
N GLY C 417 -11.49 15.11 44.84
CA GLY C 417 -11.30 16.31 44.06
C GLY C 417 -11.22 17.54 44.95
N MET C 418 -11.60 17.37 46.21
CA MET C 418 -11.54 18.44 47.19
C MET C 418 -10.59 18.05 48.33
N ALA C 419 -10.94 16.99 49.05
CA ALA C 419 -10.11 16.48 50.13
C ALA C 419 -10.23 14.97 50.23
N ARG C 420 -9.65 14.41 51.29
CA ARG C 420 -9.80 12.98 51.57
C ARG C 420 -11.21 12.71 52.12
N GLY C 421 -11.86 11.70 51.56
CA GLY C 421 -13.21 11.36 51.97
C GLY C 421 -13.97 10.65 50.86
N ARG C 422 -15.25 10.41 51.07
CA ARG C 422 -16.04 9.72 50.05
C ARG C 422 -16.47 10.67 48.94
N TYR C 423 -17.13 10.12 47.93
CA TYR C 423 -17.55 10.90 46.77
C TYR C 423 -19.06 10.84 46.58
N LEU C 424 -19.73 11.97 46.81
CA LEU C 424 -21.18 12.05 46.76
C LEU C 424 -21.82 11.86 45.37
N PRO C 425 -21.37 12.61 44.34
CA PRO C 425 -22.10 12.58 43.06
C PRO C 425 -22.24 11.19 42.44
N GLU C 426 -23.42 10.91 41.91
CA GLU C 426 -23.67 9.64 41.22
C GLU C 426 -23.02 9.67 39.85
N VAL C 427 -22.60 8.50 39.36
CA VAL C 427 -21.94 8.39 38.08
C VAL C 427 -22.87 8.72 36.93
N MET C 428 -22.36 9.49 35.97
CA MET C 428 -23.12 9.90 34.79
C MET C 428 -23.39 8.72 33.86
N GLY C 429 -24.39 8.87 32.99
CA GLY C 429 -24.66 7.88 31.97
C GLY C 429 -23.62 7.92 30.86
N ASP C 430 -23.79 7.07 29.86
CA ASP C 430 -22.84 6.98 28.75
C ASP C 430 -23.29 7.84 27.57
N GLY C 431 -22.31 8.42 26.88
CA GLY C 431 -22.60 9.20 25.69
C GLY C 431 -22.41 10.70 25.88
N LEU C 432 -22.37 11.42 24.76
CA LEU C 432 -22.13 12.86 24.77
C LEU C 432 -23.21 13.63 25.52
N ALA C 433 -24.46 13.39 25.15
CA ALA C 433 -25.59 14.14 25.71
C ALA C 433 -25.72 13.99 27.21
N ASN C 434 -25.40 12.80 27.73
CA ASN C 434 -25.53 12.52 29.15
C ASN C 434 -24.52 13.27 30.01
N GLN C 435 -23.56 13.93 29.36
CA GLN C 435 -22.53 14.66 30.08
C GLN C 435 -22.86 16.14 30.27
N ILE C 436 -24.07 16.54 29.87
CA ILE C 436 -24.48 17.94 29.95
C ILE C 436 -24.42 18.45 31.40
N ASN C 437 -24.83 17.61 32.35
CA ASN C 437 -24.82 17.96 33.76
C ASN C 437 -23.59 17.45 34.53
N ASN C 438 -22.64 16.86 33.81
CA ASN C 438 -21.46 16.27 34.43
C ASN C 438 -20.70 17.29 35.29
N PRO C 439 -20.60 17.00 36.60
CA PRO C 439 -19.99 17.92 37.59
C PRO C 439 -18.48 18.11 37.40
N GLU C 440 -17.77 17.04 37.11
CA GLU C 440 -16.31 17.10 37.05
C GLU C 440 -15.79 17.67 35.74
N VAL C 441 -16.49 17.39 34.65
CA VAL C 441 -16.07 17.83 33.32
C VAL C 441 -17.15 18.68 32.66
N GLU C 442 -16.73 19.80 32.07
CA GLU C 442 -17.66 20.63 31.31
C GLU C 442 -17.62 20.21 29.84
N VAL C 443 -18.72 19.65 29.38
CA VAL C 443 -18.80 19.11 28.03
C VAL C 443 -19.88 19.84 27.24
N ASP C 444 -19.59 20.12 25.98
CA ASP C 444 -20.58 20.72 25.10
C ASP C 444 -21.21 19.63 24.24
N ILE C 445 -22.47 19.31 24.53
CA ILE C 445 -23.15 18.22 23.87
C ILE C 445 -23.73 18.66 22.54
N THR C 446 -23.59 19.95 22.25
CA THR C 446 -24.21 20.55 21.08
C THR C 446 -23.66 20.03 19.76
N LYS C 447 -22.36 20.20 19.53
CA LYS C 447 -21.74 19.65 18.33
C LYS C 447 -20.65 18.63 18.67
N PRO C 448 -20.86 17.37 18.26
CA PRO C 448 -19.99 16.22 18.51
C PRO C 448 -18.74 16.25 17.63
N ASP C 449 -17.74 15.45 17.99
CA ASP C 449 -16.54 15.29 17.17
C ASP C 449 -16.95 14.67 15.84
N MET C 450 -16.56 15.31 14.74
CA MET C 450 -17.04 14.89 13.43
C MET C 450 -16.35 13.62 12.92
N THR C 451 -15.11 13.39 13.34
CA THR C 451 -14.42 12.16 13.00
C THR C 451 -15.23 10.96 13.50
N ILE C 452 -15.62 11.04 14.77
CA ILE C 452 -16.44 10.01 15.42
C ILE C 452 -17.73 9.77 14.64
N ARG C 453 -18.37 10.85 14.20
CA ARG C 453 -19.63 10.74 13.47
C ARG C 453 -19.43 10.08 12.12
N GLN C 454 -18.34 10.42 11.45
CA GLN C 454 -17.97 9.78 10.19
C GLN C 454 -17.82 8.28 10.39
N GLN C 455 -17.08 7.91 11.43
CA GLN C 455 -16.87 6.50 11.74
C GLN C 455 -18.19 5.80 12.05
N ILE C 456 -19.10 6.52 12.70
CA ILE C 456 -20.44 6.01 13.00
C ILE C 456 -21.18 5.70 11.70
N MET C 457 -21.10 6.63 10.74
CA MET C 457 -21.68 6.40 9.42
C MET C 457 -21.10 5.15 8.77
N GLN C 458 -19.78 5.01 8.87
CA GLN C 458 -19.09 3.83 8.33
C GLN C 458 -19.64 2.53 8.93
N LEU C 459 -19.71 2.49 10.26
CA LEU C 459 -20.25 1.34 10.99
C LEU C 459 -21.66 1.02 10.51
N LYS C 460 -22.49 2.05 10.37
CA LYS C 460 -23.87 1.88 9.94
C LYS C 460 -23.95 1.27 8.54
N ILE C 461 -23.13 1.79 7.63
CA ILE C 461 -23.09 1.30 6.26
C ILE C 461 -22.66 -0.17 6.19
N MET C 462 -21.57 -0.50 6.86
CA MET C 462 -21.07 -1.87 6.88
C MET C 462 -22.11 -2.82 7.50
N THR C 463 -22.82 -2.32 8.50
CA THR C 463 -23.90 -3.08 9.12
C THR C 463 -25.01 -3.36 8.11
N ASN C 464 -25.36 -2.34 7.31
CA ASN C 464 -26.32 -2.51 6.24
C ASN C 464 -25.90 -3.61 5.27
N ARG C 465 -24.64 -3.52 4.82
CA ARG C 465 -24.07 -4.54 3.93
C ARG C 465 -24.20 -5.93 4.52
N LEU C 466 -23.89 -6.05 5.81
CA LEU C 466 -23.92 -7.35 6.49
C LEU C 466 -25.33 -7.92 6.65
N ARG C 467 -26.30 -7.06 6.92
CA ARG C 467 -27.68 -7.50 7.04
C ARG C 467 -28.21 -7.95 5.68
N SER C 468 -27.92 -7.16 4.65
CA SER C 468 -28.30 -7.51 3.29
C SER C 468 -27.69 -8.85 2.88
N ALA C 469 -26.42 -9.03 3.23
CA ALA C 469 -25.71 -10.28 2.92
C ALA C 469 -26.30 -11.45 3.68
N TYR C 470 -26.71 -11.22 4.92
CA TYR C 470 -27.31 -12.26 5.74
C TYR C 470 -28.62 -12.73 5.14
N ASN C 471 -29.46 -11.78 4.74
CA ASN C 471 -30.75 -12.12 4.14
C ASN C 471 -30.59 -12.74 2.75
N GLY C 472 -29.39 -12.63 2.19
CA GLY C 472 -29.09 -13.28 0.92
C GLY C 472 -29.23 -12.38 -0.29
N ASN C 473 -29.45 -11.09 -0.04
CA ASN C 473 -29.63 -10.13 -1.12
C ASN C 473 -28.30 -9.61 -1.66
N SER D 28 -83.90 6.37 12.39
CA SER D 28 -85.34 6.33 12.25
C SER D 28 -86.03 6.19 13.61
N ARG D 29 -85.31 6.59 14.66
CA ARG D 29 -85.83 6.63 16.03
C ARG D 29 -86.12 5.26 16.63
N SER D 30 -85.96 4.20 15.84
CA SER D 30 -86.13 2.85 16.34
C SER D 30 -84.92 2.43 17.19
N CYS D 31 -85.19 1.85 18.35
CA CYS D 31 -84.14 1.46 19.29
C CYS D 31 -83.72 0.00 19.14
N GLY D 32 -84.29 -0.70 18.16
CA GLY D 32 -84.05 -2.12 17.95
C GLY D 32 -82.60 -2.57 17.92
N GLU D 33 -81.75 -1.80 17.24
CA GLU D 33 -80.34 -2.15 17.11
C GLU D 33 -79.61 -2.05 18.44
N VAL D 34 -79.82 -0.92 19.12
CA VAL D 34 -79.28 -0.70 20.46
C VAL D 34 -79.80 -1.78 21.40
N ARG D 35 -81.01 -2.26 21.14
CA ARG D 35 -81.57 -3.37 21.89
C ARG D 35 -80.78 -4.65 21.64
N GLN D 36 -80.47 -4.91 20.37
CA GLN D 36 -79.67 -6.07 19.99
CA GLN D 36 -79.68 -6.08 20.01
C GLN D 36 -78.33 -6.06 20.72
N ILE D 37 -77.64 -4.93 20.64
CA ILE D 37 -76.32 -4.81 21.25
C ILE D 37 -76.40 -4.90 22.77
N TYR D 38 -77.41 -4.28 23.36
CA TYR D 38 -77.60 -4.29 24.81
C TYR D 38 -77.85 -5.70 25.32
N GLY D 39 -78.67 -6.45 24.60
CA GLY D 39 -78.95 -7.83 24.96
C GLY D 39 -77.76 -8.75 24.75
N ALA D 40 -77.01 -8.49 23.68
CA ALA D 40 -75.83 -9.29 23.37
C ALA D 40 -74.73 -9.08 24.40
N LYS D 41 -74.76 -7.93 25.06
CA LYS D 41 -73.81 -7.64 26.13
C LYS D 41 -74.18 -8.37 27.42
N GLY D 42 -75.35 -9.00 27.42
CA GLY D 42 -75.78 -9.82 28.54
C GLY D 42 -76.79 -9.20 29.48
N PHE D 43 -77.34 -8.05 29.10
CA PHE D 43 -78.30 -7.36 29.95
C PHE D 43 -79.75 -7.70 29.57
N SER D 44 -80.69 -7.12 30.30
CA SER D 44 -82.12 -7.41 30.10
C SER D 44 -82.75 -6.45 29.09
N LEU D 45 -83.62 -6.97 28.24
CA LEU D 45 -84.23 -6.20 27.16
C LEU D 45 -85.46 -5.42 27.61
N SER D 46 -85.85 -5.56 28.87
CA SER D 46 -87.00 -4.83 29.39
C SER D 46 -86.59 -3.42 29.82
N ASP D 47 -85.29 -3.19 29.88
CA ASP D 47 -84.77 -1.88 30.28
C ASP D 47 -84.75 -0.88 29.12
N VAL D 48 -84.81 -1.39 27.90
CA VAL D 48 -84.72 -0.54 26.72
C VAL D 48 -86.09 -0.30 26.08
N PRO D 49 -86.45 0.99 25.90
CA PRO D 49 -87.74 1.38 25.33
C PRO D 49 -87.88 1.04 23.84
N GLN D 50 -89.04 1.34 23.26
CA GLN D 50 -89.28 1.09 21.84
C GLN D 50 -88.49 2.05 20.97
N ALA D 51 -88.67 3.34 21.24
CA ALA D 51 -88.10 4.39 20.40
C ALA D 51 -87.31 5.39 21.23
N GLU D 52 -86.75 6.39 20.56
CA GLU D 52 -85.94 7.40 21.23
C GLU D 52 -86.76 8.23 22.21
N ILE D 53 -86.14 8.59 23.32
CA ILE D 53 -86.82 9.32 24.38
C ILE D 53 -86.00 10.54 24.82
N SER D 54 -86.63 11.41 25.59
CA SER D 54 -85.95 12.57 26.15
C SER D 54 -84.72 12.14 26.96
N GLY D 55 -83.59 12.78 26.69
CA GLY D 55 -82.33 12.39 27.30
C GLY D 55 -81.90 13.27 28.46
N GLU D 56 -82.86 13.95 29.07
CA GLU D 56 -82.58 14.81 30.22
C GLU D 56 -82.12 14.01 31.43
N HIS D 57 -82.26 12.69 31.36
CA HIS D 57 -81.89 11.81 32.46
C HIS D 57 -80.43 11.33 32.37
N LEU D 58 -79.77 11.63 31.26
CA LEU D 58 -78.40 11.15 31.04
C LEU D 58 -77.39 11.96 31.85
N ARG D 59 -76.64 11.28 32.71
CA ARG D 59 -75.63 11.93 33.54
C ARG D 59 -74.22 11.82 32.97
N ILE D 60 -74.06 11.11 31.86
CA ILE D 60 -72.74 10.91 31.28
C ILE D 60 -72.69 11.30 29.80
N CYS D 61 -73.45 10.58 28.97
CA CYS D 61 -73.55 10.89 27.56
C CYS D 61 -74.09 12.30 27.37
N PRO D 62 -73.71 12.97 26.27
CA PRO D 62 -74.28 14.28 25.95
C PRO D 62 -75.79 14.20 25.90
N GLN D 63 -76.48 15.12 26.57
CA GLN D 63 -77.91 15.00 26.73
C GLN D 63 -78.64 15.34 25.43
N GLY D 64 -79.42 14.38 24.96
CA GLY D 64 -80.15 14.48 23.70
C GLY D 64 -80.99 13.24 23.59
N TYR D 65 -81.70 13.07 22.48
CA TYR D 65 -82.62 11.96 22.35
C TYR D 65 -81.89 10.63 22.24
N THR D 66 -82.25 9.70 23.12
CA THR D 66 -81.48 8.49 23.33
C THR D 66 -82.34 7.23 23.40
N CYS D 67 -81.74 6.10 23.10
CA CYS D 67 -82.38 4.80 23.27
C CYS D 67 -81.98 4.19 24.60
N CYS D 68 -81.19 4.91 25.37
CA CYS D 68 -80.63 4.39 26.62
C CYS D 68 -81.34 4.92 27.86
N THR D 69 -81.82 4.00 28.69
CA THR D 69 -82.33 4.33 30.02
C THR D 69 -81.12 4.64 30.91
N SER D 70 -81.34 5.42 31.96
CA SER D 70 -80.27 5.71 32.93
C SER D 70 -79.63 4.43 33.45
N GLU D 71 -80.46 3.41 33.64
CA GLU D 71 -79.98 2.11 34.09
C GLU D 71 -79.10 1.47 33.02
N MET D 72 -79.50 1.63 31.76
CA MET D 72 -78.69 1.18 30.64
C MET D 72 -77.38 1.95 30.60
N GLU D 73 -77.42 3.22 30.98
CA GLU D 73 -76.23 4.05 31.01
C GLU D 73 -75.25 3.53 32.05
N GLU D 74 -75.76 3.23 33.24
CA GLU D 74 -74.94 2.66 34.31
C GLU D 74 -74.34 1.31 33.90
N ASN D 75 -75.19 0.41 33.43
CA ASN D 75 -74.78 -0.92 33.00
C ASN D 75 -73.70 -0.88 31.92
N LEU D 76 -73.93 -0.08 30.89
CA LEU D 76 -72.97 0.08 29.80
C LEU D 76 -71.68 0.72 30.30
N ALA D 77 -71.80 1.63 31.27
CA ALA D 77 -70.63 2.26 31.86
C ALA D 77 -69.72 1.24 32.53
N ASN D 78 -70.29 0.47 33.46
CA ASN D 78 -69.50 -0.55 34.15
C ASN D 78 -69.03 -1.65 33.21
N ARG D 79 -69.77 -1.89 32.13
CA ARG D 79 -69.35 -2.85 31.12
C ARG D 79 -68.08 -2.36 30.41
N SER D 80 -68.11 -1.11 29.93
CA SER D 80 -66.96 -0.52 29.25
C SER D 80 -65.75 -0.50 30.17
N HIS D 81 -65.96 -0.08 31.42
CA HIS D 81 -64.90 -0.06 32.42
C HIS D 81 -64.28 -1.44 32.60
N ALA D 82 -65.14 -2.45 32.78
CA ALA D 82 -64.71 -3.83 32.96
C ALA D 82 -63.92 -4.34 31.77
N GLU D 83 -64.35 -3.95 30.56
CA GLU D 83 -63.66 -4.35 29.34
C GLU D 83 -62.26 -3.75 29.28
N LEU D 84 -62.16 -2.46 29.59
CA LEU D 84 -60.87 -1.78 29.64
C LEU D 84 -59.92 -2.46 30.64
N GLU D 85 -60.43 -2.69 31.84
CA GLU D 85 -59.65 -3.36 32.88
C GLU D 85 -59.21 -4.74 32.44
N THR D 86 -60.07 -5.43 31.68
CA THR D 86 -59.76 -6.75 31.16
C THR D 86 -58.60 -6.68 30.16
N ALA D 87 -58.67 -5.72 29.24
CA ALA D 87 -57.58 -5.54 28.27
C ALA D 87 -56.25 -5.26 28.97
N LEU D 88 -56.28 -4.28 29.87
CA LEU D 88 -55.09 -3.93 30.65
C LEU D 88 -54.51 -5.14 31.38
N ARG D 89 -55.38 -5.90 32.02
CA ARG D 89 -54.98 -7.09 32.75
C ARG D 89 -54.34 -8.12 31.82
N ASP D 90 -54.89 -8.25 30.61
CA ASP D 90 -54.33 -9.15 29.62
C ASP D 90 -52.92 -8.76 29.24
N SER D 91 -52.74 -7.50 28.84
CA SER D 91 -51.41 -7.00 28.45
C SER D 91 -50.39 -7.21 29.58
N SER D 92 -50.77 -6.74 30.76
CA SER D 92 -49.94 -6.86 31.96
C SER D 92 -49.54 -8.32 32.21
N ARG D 93 -50.50 -9.23 32.09
CA ARG D 93 -50.24 -10.65 32.32
C ARG D 93 -49.29 -11.23 31.27
N VAL D 94 -49.42 -10.77 30.03
CA VAL D 94 -48.48 -11.18 28.98
C VAL D 94 -47.05 -10.77 29.37
N LEU D 95 -46.90 -9.49 29.72
CA LEU D 95 -45.61 -8.98 30.16
C LEU D 95 -45.03 -9.82 31.32
N GLN D 96 -45.87 -10.06 32.33
CA GLN D 96 -45.50 -10.89 33.48
C GLN D 96 -45.01 -12.26 33.05
N ALA D 97 -45.71 -12.87 32.11
CA ALA D 97 -45.35 -14.19 31.60
C ALA D 97 -43.97 -14.16 30.97
N MET D 98 -43.73 -13.17 30.13
CA MET D 98 -42.41 -13.03 29.49
C MET D 98 -41.30 -12.90 30.54
N LEU D 99 -41.46 -11.93 31.43
CA LEU D 99 -40.45 -11.67 32.47
C LEU D 99 -40.18 -12.91 33.33
N ALA D 100 -41.24 -13.60 33.72
CA ALA D 100 -41.12 -14.81 34.53
C ALA D 100 -40.35 -15.89 33.77
N THR D 101 -40.68 -16.05 32.49
CA THR D 101 -39.96 -17.01 31.65
C THR D 101 -38.46 -16.71 31.64
N GLN D 102 -38.11 -15.46 31.36
CA GLN D 102 -36.70 -15.07 31.35
C GLN D 102 -36.02 -15.38 32.68
N LEU D 103 -36.70 -14.99 33.76
CA LEU D 103 -36.22 -15.22 35.12
C LEU D 103 -35.87 -16.69 35.37
N ARG D 104 -36.85 -17.56 35.11
CA ARG D 104 -36.66 -19.00 35.29
C ARG D 104 -35.49 -19.51 34.44
N SER D 105 -35.45 -19.06 33.18
CA SER D 105 -34.40 -19.47 32.26
C SER D 105 -33.01 -19.17 32.82
N PHE D 106 -32.76 -17.90 33.12
CA PHE D 106 -31.42 -17.50 33.58
C PHE D 106 -31.06 -18.10 34.93
N ASP D 107 -32.00 -18.09 35.86
CA ASP D 107 -31.77 -18.68 37.18
C ASP D 107 -31.34 -20.14 37.06
N ASP D 108 -32.12 -20.92 36.33
CA ASP D 108 -31.81 -22.30 36.15
C ASP D 108 -30.50 -22.49 35.45
N HIS D 109 -30.22 -21.68 34.45
CA HIS D 109 -28.95 -21.82 33.75
C HIS D 109 -27.75 -21.61 34.68
N PHE D 110 -27.80 -20.56 35.49
CA PHE D 110 -26.70 -20.27 36.42
C PHE D 110 -26.53 -21.40 37.44
N GLN D 111 -27.62 -21.81 38.05
CA GLN D 111 -27.63 -22.93 38.97
C GLN D 111 -27.03 -24.20 38.40
N HIS D 112 -27.63 -24.71 37.35
CA HIS D 112 -26.92 -25.61 36.40
CA HIS D 112 -26.91 -25.60 36.40
C HIS D 112 -25.41 -25.48 36.00
N LEU D 113 -24.96 -24.26 35.92
CA LEU D 113 -23.53 -24.04 35.70
C LEU D 113 -22.76 -24.40 36.97
N LEU D 114 -23.23 -23.87 38.10
CA LEU D 114 -22.57 -24.16 39.38
C LEU D 114 -22.54 -25.67 39.66
N ASN D 115 -23.65 -26.32 39.42
CA ASN D 115 -23.75 -27.74 39.59
C ASN D 115 -22.81 -28.52 38.68
N ASP D 116 -22.73 -28.12 37.43
CA ASP D 116 -21.88 -28.74 36.42
C ASP D 116 -20.43 -28.65 36.88
N SER D 117 -20.07 -27.49 37.44
CA SER D 117 -18.76 -27.35 38.06
C SER D 117 -18.56 -28.36 39.20
N GLU D 118 -19.56 -28.46 40.08
CA GLU D 118 -19.44 -29.34 41.25
C GLU D 118 -19.30 -30.83 40.89
N ARG D 119 -20.06 -31.27 39.89
CA ARG D 119 -20.10 -32.65 39.45
C ARG D 119 -18.87 -32.99 38.61
N THR D 120 -18.41 -32.03 37.81
CA THR D 120 -17.16 -32.18 37.11
C THR D 120 -16.04 -32.34 38.13
N LEU D 121 -16.15 -31.60 39.22
CA LEU D 121 -15.20 -31.70 40.33
C LEU D 121 -15.25 -33.09 40.96
N GLN D 122 -16.45 -33.56 41.27
CA GLN D 122 -16.61 -34.86 41.92
C GLN D 122 -16.18 -36.02 41.03
N ALA D 123 -16.27 -35.83 39.72
CA ALA D 123 -15.83 -36.86 38.78
C ALA D 123 -14.31 -36.85 38.57
N THR D 124 -13.75 -35.66 38.42
CA THR D 124 -12.33 -35.50 38.10
C THR D 124 -11.40 -35.69 39.30
N PHE D 125 -11.75 -35.05 40.42
CA PHE D 125 -10.85 -34.93 41.56
C PHE D 125 -10.43 -36.23 42.26
N PRO D 126 -11.33 -37.21 42.43
CA PRO D 126 -10.88 -38.43 43.10
C PRO D 126 -9.68 -39.10 42.43
N GLY D 127 -9.71 -39.18 41.10
CA GLY D 127 -8.61 -39.79 40.37
C GLY D 127 -7.31 -39.01 40.47
N ALA D 128 -7.41 -37.69 40.29
CA ALA D 128 -6.22 -36.84 40.29
C ALA D 128 -5.59 -36.69 41.67
N PHE D 129 -6.39 -36.27 42.65
CA PHE D 129 -5.88 -35.95 43.98
C PHE D 129 -6.01 -37.09 45.00
N GLY D 130 -6.64 -38.19 44.63
CA GLY D 130 -6.82 -39.30 45.56
C GLY D 130 -7.49 -38.91 46.86
N GLU D 131 -6.88 -39.28 47.99
CA GLU D 131 -7.47 -39.01 49.29
C GLU D 131 -7.34 -37.52 49.64
N LEU D 132 -6.45 -36.81 48.93
CA LEU D 132 -6.41 -35.36 49.09
C LEU D 132 -7.78 -34.79 48.79
N TYR D 133 -8.46 -35.32 47.78
CA TYR D 133 -9.87 -34.97 47.60
C TYR D 133 -10.83 -35.78 48.47
N THR D 134 -10.59 -37.09 48.57
CA THR D 134 -11.57 -38.03 49.11
C THR D 134 -12.02 -37.68 50.53
N GLN D 135 -11.07 -37.47 51.42
CA GLN D 135 -11.37 -37.16 52.81
C GLN D 135 -12.04 -35.79 52.91
N ASN D 136 -11.69 -34.92 51.96
CA ASN D 136 -12.01 -33.51 52.03
C ASN D 136 -13.23 -33.02 51.24
N ALA D 137 -13.94 -33.95 50.59
CA ALA D 137 -15.11 -33.64 49.78
C ALA D 137 -16.15 -32.79 50.51
N ARG D 138 -16.28 -33.03 51.82
CA ARG D 138 -17.21 -32.29 52.67
C ARG D 138 -16.97 -30.78 52.62
N ALA D 139 -15.71 -30.37 52.73
CA ALA D 139 -15.36 -28.96 52.69
C ALA D 139 -15.74 -28.33 51.35
N PHE D 140 -15.52 -29.08 50.28
CA PHE D 140 -15.86 -28.60 48.93
C PHE D 140 -17.37 -28.46 48.75
N ARG D 141 -18.12 -29.44 49.23
CA ARG D 141 -19.58 -29.38 49.16
C ARG D 141 -20.10 -28.19 49.96
N ASP D 142 -19.51 -27.97 51.13
CA ASP D 142 -19.84 -26.82 51.95
C ASP D 142 -19.56 -25.53 51.20
N LEU D 143 -18.43 -25.50 50.49
CA LEU D 143 -18.05 -24.33 49.71
C LEU D 143 -19.06 -24.02 48.61
N TYR D 144 -19.43 -25.04 47.85
CA TYR D 144 -20.41 -24.87 46.77
C TYR D 144 -21.77 -24.45 47.33
N SER D 145 -22.13 -25.02 48.48
CA SER D 145 -23.36 -24.63 49.15
C SER D 145 -23.32 -23.14 49.52
N GLU D 146 -22.18 -22.70 50.03
CA GLU D 146 -21.97 -21.29 50.37
C GLU D 146 -22.10 -20.41 49.13
N LEU D 147 -21.56 -20.88 48.01
CA LEU D 147 -21.66 -20.15 46.75
C LEU D 147 -23.12 -20.02 46.32
N ARG D 148 -23.88 -21.07 46.52
CA ARG D 148 -25.28 -21.06 46.20
C ARG D 148 -26.02 -20.08 47.06
N LEU D 149 -25.71 -20.06 48.34
CA LEU D 149 -26.30 -19.10 49.25
C LEU D 149 -25.98 -17.68 48.83
N TYR D 150 -24.74 -17.45 48.40
CA TYR D 150 -24.31 -16.13 47.96
C TYR D 150 -25.05 -15.69 46.71
N TYR D 151 -25.25 -16.61 45.77
CA TYR D 151 -25.99 -16.30 44.55
C TYR D 151 -27.47 -16.06 44.83
N ARG D 152 -28.00 -16.73 45.85
CA ARG D 152 -29.43 -16.70 46.14
C ARG D 152 -29.93 -15.37 46.72
N GLY D 153 -29.00 -14.52 47.15
CA GLY D 153 -29.37 -13.23 47.71
C GLY D 153 -29.29 -13.15 49.22
N ALA D 154 -29.34 -14.30 49.90
CA ALA D 154 -28.91 -14.33 51.28
C ALA D 154 -27.41 -14.03 51.21
N ASN D 155 -26.94 -13.02 51.92
CA ASN D 155 -25.66 -12.45 51.52
C ASN D 155 -24.57 -12.67 52.57
N LEU D 156 -23.40 -12.98 52.04
CA LEU D 156 -22.22 -13.43 52.77
C LEU D 156 -21.11 -12.48 52.40
N HIS D 157 -20.01 -12.43 53.14
CA HIS D 157 -18.89 -11.73 52.55
C HIS D 157 -18.06 -12.81 51.84
N LEU D 158 -18.08 -12.76 50.51
CA LEU D 158 -17.53 -13.81 49.66
C LEU D 158 -16.08 -14.10 49.98
N GLU D 159 -15.31 -13.03 50.12
CA GLU D 159 -13.89 -13.10 50.42
C GLU D 159 -13.62 -13.80 51.75
N GLU D 160 -14.54 -13.66 52.70
CA GLU D 160 -14.35 -14.32 54.00
C GLU D 160 -14.76 -15.79 53.97
N THR D 161 -15.79 -16.10 53.19
CA THR D 161 -16.15 -17.50 52.91
C THR D 161 -14.95 -18.22 52.30
N LEU D 162 -14.42 -17.60 51.25
CA LEU D 162 -13.27 -18.13 50.54
C LEU D 162 -12.03 -18.23 51.43
N ALA D 163 -11.77 -17.19 52.21
CA ALA D 163 -10.60 -17.17 53.09
C ALA D 163 -10.67 -18.25 54.14
N GLU D 164 -11.84 -18.39 54.76
CA GLU D 164 -12.09 -19.44 55.74
C GLU D 164 -11.83 -20.80 55.11
N PHE D 165 -12.49 -21.04 53.97
CA PHE D 165 -12.32 -22.28 53.22
C PHE D 165 -10.86 -22.60 52.93
N TRP D 166 -10.10 -21.60 52.51
CA TRP D 166 -8.70 -21.78 52.13
C TRP D 166 -7.82 -22.07 53.33
N ALA D 167 -8.00 -21.31 54.40
CA ALA D 167 -7.22 -21.53 55.62
C ALA D 167 -7.45 -22.95 56.14
N ARG D 168 -8.73 -23.35 56.19
CA ARG D 168 -9.09 -24.67 56.73
C ARG D 168 -8.57 -25.80 55.85
N LEU D 169 -8.86 -25.69 54.55
CA LEU D 169 -8.36 -26.63 53.55
C LEU D 169 -6.84 -26.78 53.68
N LEU D 170 -6.17 -25.67 53.90
CA LEU D 170 -4.73 -25.68 54.13
C LEU D 170 -4.38 -26.48 55.37
N GLU D 171 -5.10 -26.27 56.46
CA GLU D 171 -4.70 -26.90 57.71
C GLU D 171 -5.01 -28.40 57.73
N ARG D 172 -5.96 -28.87 56.91
CA ARG D 172 -6.03 -30.33 56.75
C ARG D 172 -5.04 -30.89 55.69
N LEU D 173 -4.90 -30.21 54.56
CA LEU D 173 -4.01 -30.67 53.50
C LEU D 173 -2.56 -30.70 53.95
N PHE D 174 -2.20 -29.87 54.91
CA PHE D 174 -0.85 -29.88 55.46
C PHE D 174 -0.63 -31.10 56.36
N LYS D 175 -1.65 -31.46 57.14
CA LYS D 175 -1.59 -32.65 57.97
C LYS D 175 -1.43 -33.87 57.11
N GLN D 176 -2.25 -33.97 56.07
CA GLN D 176 -2.23 -35.17 55.26
C GLN D 176 -0.97 -35.21 54.39
N LEU D 177 -0.48 -34.05 53.97
CA LEU D 177 0.70 -33.97 53.10
C LEU D 177 1.98 -34.29 53.87
N HIS D 178 1.97 -33.93 55.14
CA HIS D 178 2.92 -34.47 56.11
C HIS D 178 2.23 -35.24 57.23
N PRO D 179 1.92 -36.51 56.97
CA PRO D 179 1.55 -37.48 58.00
C PRO D 179 2.68 -37.63 59.01
N GLN D 180 3.85 -37.13 58.64
CA GLN D 180 5.04 -37.10 59.49
C GLN D 180 4.83 -36.55 60.91
N LEU D 181 3.94 -35.58 61.05
CA LEU D 181 3.95 -34.73 62.25
C LEU D 181 2.81 -34.84 63.27
N LEU D 182 3.19 -34.56 64.52
CA LEU D 182 2.24 -34.17 65.57
C LEU D 182 2.06 -32.67 65.47
N LEU D 183 0.83 -32.23 65.25
CA LEU D 183 0.54 -30.81 65.34
C LEU D 183 -0.59 -30.60 66.33
N PRO D 184 -0.47 -29.54 67.16
CA PRO D 184 -1.61 -29.03 67.92
C PRO D 184 -2.32 -27.93 67.13
N ASP D 185 -3.36 -27.34 67.71
CA ASP D 185 -4.12 -26.30 67.04
C ASP D 185 -3.32 -25.01 66.92
N ASP D 186 -2.45 -24.77 67.91
CA ASP D 186 -1.65 -23.56 67.95
C ASP D 186 -0.63 -23.53 66.82
N TYR D 187 0.00 -24.68 66.58
CA TYR D 187 0.95 -24.78 65.47
C TYR D 187 0.21 -24.59 64.16
N LEU D 188 -1.01 -25.11 64.09
CA LEU D 188 -1.85 -24.97 62.92
C LEU D 188 -2.18 -23.49 62.66
N ASP D 189 -2.37 -22.73 63.73
CA ASP D 189 -2.67 -21.32 63.61
C ASP D 189 -1.43 -20.53 63.21
N CYS D 190 -0.28 -20.92 63.73
CA CYS D 190 0.99 -20.33 63.30
C CYS D 190 1.17 -20.56 61.81
N LEU D 191 0.86 -21.77 61.37
CA LEU D 191 0.86 -22.12 59.95
C LEU D 191 -0.12 -21.24 59.20
N GLY D 192 -1.24 -20.93 59.86
CA GLY D 192 -2.29 -20.12 59.27
C GLY D 192 -1.85 -18.69 59.02
N LYS D 193 -1.08 -18.14 59.94
CA LYS D 193 -0.57 -16.78 59.75
C LYS D 193 0.68 -16.76 58.85
N GLN D 194 1.39 -17.88 58.80
CA GLN D 194 2.48 -18.02 57.84
C GLN D 194 1.92 -18.11 56.43
N ALA D 195 0.68 -18.59 56.32
CA ALA D 195 0.02 -18.79 55.03
C ALA D 195 -0.02 -17.53 54.17
N GLU D 196 -0.39 -16.41 54.77
CA GLU D 196 -0.50 -15.17 54.02
C GLU D 196 0.87 -14.66 53.59
N ALA D 197 0.98 -14.43 52.28
CA ALA D 197 2.20 -14.01 51.61
C ALA D 197 3.35 -15.01 51.73
N LEU D 198 3.03 -16.26 52.05
CA LEU D 198 3.85 -17.38 51.59
C LEU D 198 3.22 -17.91 50.31
N ARG D 199 2.01 -17.42 50.05
CA ARG D 199 1.17 -17.82 48.92
C ARG D 199 1.28 -19.31 48.56
N PRO D 200 0.94 -20.19 49.51
CA PRO D 200 1.15 -21.64 49.32
C PRO D 200 0.24 -22.24 48.24
N PHE D 201 -0.94 -21.64 48.03
CA PHE D 201 -1.84 -22.10 46.99
C PHE D 201 -1.59 -21.36 45.68
N GLY D 202 -0.68 -20.40 45.72
CA GLY D 202 -0.32 -19.64 44.53
C GLY D 202 -1.29 -18.52 44.21
N GLU D 203 -1.44 -18.25 42.91
CA GLU D 203 -2.28 -17.16 42.43
C GLU D 203 -3.76 -17.51 42.44
N ALA D 204 -4.05 -18.80 42.59
CA ALA D 204 -5.40 -19.33 42.40
C ALA D 204 -6.49 -18.71 43.30
N PRO D 205 -6.24 -18.58 44.62
CA PRO D 205 -7.32 -18.00 45.44
C PRO D 205 -7.69 -16.56 45.09
N ARG D 206 -6.69 -15.72 44.86
CA ARG D 206 -6.92 -14.31 44.54
C ARG D 206 -7.69 -14.18 43.22
N GLU D 207 -7.17 -14.86 42.20
CA GLU D 207 -7.79 -14.90 40.89
C GLU D 207 -9.25 -15.36 41.00
N LEU D 208 -9.45 -16.44 41.75
CA LEU D 208 -10.77 -17.02 41.96
C LEU D 208 -11.72 -16.02 42.60
N ARG D 209 -11.27 -15.32 43.62
CA ARG D 209 -12.15 -14.39 44.33
C ARG D 209 -12.47 -13.17 43.47
N LEU D 210 -11.46 -12.63 42.80
CA LEU D 210 -11.65 -11.46 41.95
C LEU D 210 -12.57 -11.76 40.76
N ARG D 211 -12.47 -12.97 40.22
CA ARG D 211 -13.37 -13.38 39.14
C ARG D 211 -14.80 -13.64 39.65
N ALA D 212 -14.89 -14.44 40.70
CA ALA D 212 -16.16 -14.89 41.25
C ALA D 212 -17.00 -13.74 41.76
N THR D 213 -16.36 -12.74 42.36
CA THR D 213 -17.10 -11.57 42.82
C THR D 213 -17.90 -10.97 41.67
N ARG D 214 -17.18 -10.59 40.62
CA ARG D 214 -17.77 -9.97 39.43
C ARG D 214 -18.83 -10.85 38.79
N ALA D 215 -18.48 -12.11 38.50
CA ALA D 215 -19.41 -13.03 37.84
C ALA D 215 -20.71 -13.21 38.65
N PHE D 216 -20.55 -13.61 39.91
CA PHE D 216 -21.70 -13.87 40.77
C PHE D 216 -22.58 -12.64 40.98
N VAL D 217 -21.97 -11.48 41.25
CA VAL D 217 -22.80 -10.29 41.45
C VAL D 217 -23.49 -9.90 40.15
N ALA D 218 -22.85 -10.14 39.01
CA ALA D 218 -23.46 -9.86 37.72
C ALA D 218 -24.72 -10.70 37.51
N ALA D 219 -24.55 -12.02 37.61
CA ALA D 219 -25.65 -12.95 37.43
C ALA D 219 -26.80 -12.67 38.41
N ARG D 220 -26.45 -12.60 39.69
CA ARG D 220 -27.42 -12.34 40.75
C ARG D 220 -28.18 -11.04 40.51
N SER D 221 -27.47 -9.99 40.10
CA SER D 221 -28.10 -8.71 39.85
C SER D 221 -29.03 -8.76 38.65
N PHE D 222 -28.65 -9.50 37.62
CA PHE D 222 -29.52 -9.66 36.45
C PHE D 222 -30.83 -10.35 36.84
N VAL D 223 -30.70 -11.52 37.46
CA VAL D 223 -31.86 -12.29 37.91
C VAL D 223 -32.76 -11.44 38.82
N GLN D 224 -32.15 -10.81 39.81
CA GLN D 224 -32.87 -9.96 40.77
C GLN D 224 -33.60 -8.82 40.05
N GLY D 225 -32.97 -8.29 39.01
CA GLY D 225 -33.56 -7.25 38.20
C GLY D 225 -34.83 -7.73 37.52
N LEU D 226 -34.73 -8.90 36.88
CA LEU D 226 -35.92 -9.52 36.28
C LEU D 226 -37.03 -9.66 37.31
N GLY D 227 -36.68 -10.17 38.48
CA GLY D 227 -37.63 -10.33 39.57
C GLY D 227 -38.33 -9.03 39.96
N VAL D 228 -37.55 -7.98 40.16
CA VAL D 228 -38.09 -6.68 40.54
C VAL D 228 -39.01 -6.12 39.45
N ALA D 229 -38.60 -6.24 38.20
CA ALA D 229 -39.47 -5.82 37.09
C ALA D 229 -40.82 -6.54 37.16
N SER D 230 -40.76 -7.86 37.32
CA SER D 230 -41.98 -8.67 37.43
C SER D 230 -42.88 -8.19 38.57
N ASP D 231 -42.28 -7.98 39.74
CA ASP D 231 -43.03 -7.51 40.91
C ASP D 231 -43.69 -6.16 40.66
N VAL D 232 -42.95 -5.26 40.01
CA VAL D 232 -43.46 -3.93 39.68
C VAL D 232 -44.67 -4.04 38.77
N VAL D 233 -44.56 -4.84 37.72
CA VAL D 233 -45.68 -5.04 36.81
C VAL D 233 -46.90 -5.60 37.56
N ARG D 234 -46.67 -6.63 38.38
CA ARG D 234 -47.74 -7.27 39.12
C ARG D 234 -48.45 -6.30 40.07
N LYS D 235 -47.68 -5.45 40.75
CA LYS D 235 -48.26 -4.52 41.72
C LYS D 235 -48.97 -3.36 41.05
N VAL D 236 -48.43 -2.89 39.93
CA VAL D 236 -49.07 -1.81 39.18
C VAL D 236 -50.37 -2.32 38.54
N ALA D 237 -50.40 -3.60 38.21
CA ALA D 237 -51.59 -4.19 37.59
C ALA D 237 -52.83 -4.16 38.50
N GLN D 238 -52.63 -3.97 39.79
CA GLN D 238 -53.74 -3.96 40.73
C GLN D 238 -54.28 -2.55 40.96
N VAL D 239 -53.63 -1.55 40.36
CA VAL D 239 -54.08 -0.17 40.49
C VAL D 239 -55.37 0.05 39.68
N PRO D 240 -56.44 0.43 40.38
CA PRO D 240 -57.79 0.59 39.79
C PRO D 240 -57.94 1.87 38.96
N LEU D 241 -58.88 1.85 38.03
CA LEU D 241 -59.21 3.03 37.23
C LEU D 241 -60.20 3.92 37.99
N GLY D 242 -59.99 5.23 37.91
CA GLY D 242 -60.83 6.18 38.62
C GLY D 242 -62.19 6.36 37.99
N PRO D 243 -63.14 6.94 38.75
CA PRO D 243 -64.50 7.22 38.29
C PRO D 243 -64.53 8.12 37.05
N GLU D 244 -63.66 9.14 37.04
CA GLU D 244 -63.55 10.04 35.91
C GLU D 244 -63.14 9.28 34.64
N CYS D 245 -62.18 8.37 34.81
CA CYS D 245 -61.74 7.52 33.71
C CYS D 245 -62.88 6.66 33.22
N SER D 246 -63.66 6.12 34.15
CA SER D 246 -64.80 5.27 33.82
C SER D 246 -65.84 6.03 33.01
N ARG D 247 -66.14 7.25 33.43
CA ARG D 247 -67.11 8.08 32.73
C ARG D 247 -66.61 8.48 31.34
N ALA D 248 -65.34 8.86 31.25
CA ALA D 248 -64.74 9.25 29.99
C ALA D 248 -64.74 8.08 29.00
N VAL D 249 -64.47 6.88 29.51
CA VAL D 249 -64.46 5.68 28.68
C VAL D 249 -65.89 5.35 28.24
N MET D 250 -66.85 5.53 29.14
CA MET D 250 -68.25 5.35 28.80
C MET D 250 -68.66 6.27 27.65
N LYS D 251 -68.24 7.54 27.75
CA LYS D 251 -68.51 8.50 26.70
C LYS D 251 -67.78 8.13 25.41
N LEU D 252 -66.64 7.46 25.58
CA LEU D 252 -65.82 7.06 24.44
C LEU D 252 -66.44 5.91 23.64
N VAL D 253 -67.04 4.96 24.34
CA VAL D 253 -67.43 3.69 23.73
C VAL D 253 -68.91 3.57 23.42
N TYR D 254 -69.75 3.50 24.45
CA TYR D 254 -71.17 3.18 24.26
C TYR D 254 -72.09 4.39 24.15
N CYS D 255 -71.54 5.59 24.30
CA CYS D 255 -72.36 6.80 24.20
C CYS D 255 -72.79 7.05 22.76
N ALA D 256 -71.99 6.55 21.81
CA ALA D 256 -72.35 6.59 20.40
C ALA D 256 -73.64 5.80 20.17
N HIS D 257 -73.69 4.63 20.77
CA HIS D 257 -74.87 3.77 20.69
C HIS D 257 -76.08 4.46 21.28
N CYS D 258 -75.88 5.09 22.43
CA CYS D 258 -76.97 5.74 23.15
C CYS D 258 -77.52 6.95 22.40
N LEU D 259 -76.66 7.61 21.62
CA LEU D 259 -77.09 8.79 20.89
C LEU D 259 -77.59 8.46 19.49
N GLY D 260 -77.61 7.18 19.16
CA GLY D 260 -78.22 6.72 17.91
C GLY D 260 -77.26 6.39 16.79
N VAL D 261 -75.97 6.31 17.08
CA VAL D 261 -74.99 5.92 16.07
C VAL D 261 -74.09 4.77 16.56
N PRO D 262 -74.66 3.57 16.69
CA PRO D 262 -73.92 2.40 17.17
C PRO D 262 -72.84 1.94 16.20
N GLY D 263 -73.06 2.19 14.91
CA GLY D 263 -72.10 1.79 13.89
C GLY D 263 -70.84 2.63 13.92
N ALA D 264 -70.92 3.78 14.59
CA ALA D 264 -69.78 4.67 14.70
C ALA D 264 -68.74 4.12 15.68
N ARG D 265 -67.47 4.29 15.33
CA ARG D 265 -66.37 3.89 16.20
C ARG D 265 -65.54 5.10 16.55
N PRO D 266 -65.00 5.14 17.78
CA PRO D 266 -64.27 6.31 18.29
C PRO D 266 -63.04 6.67 17.46
N CYS D 267 -62.80 7.97 17.31
CA CYS D 267 -61.61 8.45 16.62
C CYS D 267 -60.35 8.07 17.40
N PRO D 268 -59.27 7.72 16.69
CA PRO D 268 -58.01 7.29 17.31
C PRO D 268 -57.44 8.31 18.30
N ASP D 269 -57.44 9.59 17.94
CA ASP D 269 -56.90 10.63 18.82
C ASP D 269 -57.75 10.82 20.06
N TYR D 270 -59.07 10.69 19.90
CA TYR D 270 -60.02 10.76 21.00
C TYR D 270 -59.72 9.68 22.03
N CYS D 271 -59.71 8.43 21.55
CA CYS D 271 -59.38 7.27 22.37
C CYS D 271 -58.02 7.44 23.04
N ARG D 272 -57.05 7.95 22.28
CA ARG D 272 -55.70 8.16 22.79
C ARG D 272 -55.69 9.16 23.94
N ASN D 273 -56.45 10.24 23.81
CA ASN D 273 -56.52 11.22 24.88
C ASN D 273 -57.20 10.65 26.12
N VAL D 274 -58.30 9.92 25.90
CA VAL D 274 -59.01 9.28 27.00
C VAL D 274 -58.08 8.34 27.78
N LEU D 275 -57.42 7.44 27.08
CA LEU D 275 -56.58 6.44 27.73
C LEU D 275 -55.29 7.04 28.31
N LYS D 276 -54.76 8.07 27.66
CA LYS D 276 -53.61 8.78 28.21
C LYS D 276 -54.00 9.48 29.49
N GLY D 277 -55.26 9.88 29.57
CA GLY D 277 -55.78 10.45 30.81
C GLY D 277 -55.98 9.42 31.90
N CYS D 278 -56.49 8.25 31.52
CA CYS D 278 -56.75 7.18 32.48
C CYS D 278 -55.47 6.52 32.97
N LEU D 279 -54.51 6.33 32.07
CA LEU D 279 -53.29 5.60 32.35
C LEU D 279 -52.14 6.51 32.77
N ALA D 280 -52.43 7.80 32.95
CA ALA D 280 -51.44 8.83 33.23
C ALA D 280 -50.44 8.45 34.34
N ASN D 281 -50.94 7.86 35.42
CA ASN D 281 -50.07 7.43 36.51
C ASN D 281 -49.09 6.35 36.07
N GLN D 282 -49.59 5.38 35.30
CA GLN D 282 -48.77 4.29 34.80
C GLN D 282 -47.68 4.78 33.85
N ALA D 283 -47.97 5.86 33.15
CA ALA D 283 -47.04 6.41 32.16
C ALA D 283 -45.80 7.00 32.82
N ASP D 284 -45.89 7.30 34.11
CA ASP D 284 -44.78 7.90 34.84
C ASP D 284 -43.71 6.88 35.22
N LEU D 285 -44.02 5.60 35.02
CA LEU D 285 -43.06 4.53 35.29
C LEU D 285 -41.99 4.45 34.20
N ASP D 286 -42.25 5.12 33.09
CA ASP D 286 -41.46 5.01 31.86
C ASP D 286 -39.95 5.22 32.05
N ALA D 287 -39.58 6.35 32.65
CA ALA D 287 -38.18 6.73 32.79
C ALA D 287 -37.36 5.67 33.55
N GLU D 288 -37.80 5.35 34.76
CA GLU D 288 -37.08 4.41 35.61
C GLU D 288 -37.16 2.98 35.06
N TRP D 289 -38.27 2.67 34.38
CA TRP D 289 -38.40 1.40 33.69
C TRP D 289 -37.28 1.25 32.66
N ARG D 290 -37.13 2.29 31.84
CA ARG D 290 -36.08 2.32 30.82
C ARG D 290 -34.69 2.26 31.44
N ASN D 291 -34.50 2.99 32.54
CA ASN D 291 -33.23 2.94 33.26
C ASN D 291 -32.87 1.52 33.70
N LEU D 292 -33.84 0.86 34.31
CA LEU D 292 -33.67 -0.51 34.77
C LEU D 292 -33.32 -1.45 33.63
N LEU D 293 -34.18 -1.47 32.61
CA LEU D 293 -33.96 -2.36 31.47
C LEU D 293 -32.61 -2.13 30.82
N ASP D 294 -32.25 -0.86 30.63
CA ASP D 294 -30.95 -0.48 30.10
C ASP D 294 -29.82 -1.04 30.95
N SER D 295 -29.96 -0.92 32.27
CA SER D 295 -28.94 -1.41 33.19
C SER D 295 -28.80 -2.93 33.14
N MET D 296 -29.91 -3.63 32.90
CA MET D 296 -29.88 -5.08 32.77
C MET D 296 -29.18 -5.52 31.47
N VAL D 297 -29.61 -4.95 30.36
CA VAL D 297 -29.00 -5.27 29.07
C VAL D 297 -27.53 -4.93 29.13
N LEU D 298 -27.19 -3.92 29.94
CA LEU D 298 -25.81 -3.55 30.15
C LEU D 298 -25.07 -4.61 30.98
N ILE D 299 -25.72 -5.13 32.02
CA ILE D 299 -25.08 -6.10 32.89
C ILE D 299 -24.87 -7.42 32.17
N THR D 300 -25.61 -7.64 31.08
CA THR D 300 -25.35 -8.83 30.27
C THR D 300 -23.93 -8.85 29.67
N ASP D 301 -23.30 -7.69 29.57
CA ASP D 301 -21.95 -7.57 29.01
C ASP D 301 -20.90 -8.27 29.87
N LYS D 302 -21.17 -8.38 31.17
CA LYS D 302 -20.21 -8.98 32.10
C LYS D 302 -20.31 -10.50 32.11
N PHE D 303 -21.24 -11.03 31.32
CA PHE D 303 -21.42 -12.48 31.23
C PHE D 303 -20.30 -13.11 30.41
N TRP D 304 -19.66 -12.32 29.56
CA TRP D 304 -18.63 -12.83 28.66
C TRP D 304 -17.23 -12.49 29.14
N GLY D 305 -16.23 -12.96 28.39
CA GLY D 305 -14.84 -12.71 28.72
C GLY D 305 -14.28 -13.76 29.66
N THR D 306 -13.00 -13.60 30.02
CA THR D 306 -12.34 -14.54 30.92
C THR D 306 -12.89 -14.42 32.34
N SER D 307 -13.40 -13.23 32.67
CA SER D 307 -14.01 -13.00 33.97
C SER D 307 -15.52 -13.23 33.90
N GLY D 308 -16.00 -13.68 32.74
CA GLY D 308 -17.41 -13.87 32.50
C GLY D 308 -18.06 -14.96 33.34
N VAL D 309 -19.38 -15.06 33.23
CA VAL D 309 -20.16 -15.95 34.08
C VAL D 309 -19.81 -17.44 33.95
N GLU D 310 -19.89 -17.97 32.74
CA GLU D 310 -19.72 -19.42 32.57
C GLU D 310 -18.25 -19.83 32.46
N SER D 311 -17.36 -18.85 32.41
CA SER D 311 -15.92 -19.13 32.48
C SER D 311 -15.44 -19.02 33.91
N VAL D 312 -16.36 -18.67 34.81
CA VAL D 312 -16.06 -18.59 36.23
C VAL D 312 -16.96 -19.52 37.05
N ILE D 313 -18.26 -19.26 37.03
CA ILE D 313 -19.23 -20.03 37.81
C ILE D 313 -19.16 -21.54 37.50
N GLY D 314 -19.04 -21.88 36.22
CA GLY D 314 -18.97 -23.27 35.81
C GLY D 314 -17.55 -23.82 35.85
N SER D 315 -16.58 -22.91 35.88
CA SER D 315 -15.16 -23.29 35.92
C SER D 315 -14.55 -23.30 37.32
N VAL D 316 -15.37 -23.07 38.35
CA VAL D 316 -14.90 -22.90 39.72
C VAL D 316 -13.91 -23.98 40.19
N HIS D 317 -14.21 -25.23 39.85
CA HIS D 317 -13.39 -26.37 40.29
C HIS D 317 -11.94 -26.28 39.80
N THR D 318 -11.74 -25.65 38.65
CA THR D 318 -10.42 -25.54 38.04
C THR D 318 -9.44 -24.78 38.92
N TRP D 319 -9.91 -23.69 39.54
CA TRP D 319 -9.07 -22.90 40.43
C TRP D 319 -8.73 -23.68 41.70
N LEU D 320 -9.68 -24.49 42.17
CA LEU D 320 -9.44 -25.35 43.33
C LEU D 320 -8.35 -26.37 43.01
N ALA D 321 -8.47 -27.01 41.86
CA ALA D 321 -7.48 -27.99 41.41
C ALA D 321 -6.10 -27.35 41.28
N GLU D 322 -6.06 -26.21 40.59
CA GLU D 322 -4.83 -25.45 40.42
C GLU D 322 -4.19 -25.12 41.76
N ALA D 323 -5.03 -24.75 42.73
CA ALA D 323 -4.56 -24.41 44.07
C ALA D 323 -3.95 -25.62 44.78
N ILE D 324 -4.66 -26.75 44.75
CA ILE D 324 -4.17 -27.98 45.38
C ILE D 324 -2.83 -28.39 44.79
N ASN D 325 -2.79 -28.52 43.47
CA ASN D 325 -1.57 -28.85 42.74
CA ASN D 325 -1.56 -28.88 42.77
C ASN D 325 -0.43 -27.90 43.09
N ALA D 326 -0.77 -26.62 43.20
CA ALA D 326 0.21 -25.60 43.58
C ALA D 326 0.77 -25.91 44.96
N LEU D 327 -0.11 -26.26 45.89
CA LEU D 327 0.30 -26.61 47.25
C LEU D 327 1.24 -27.81 47.25
N GLN D 328 0.97 -28.78 46.38
CA GLN D 328 1.84 -29.95 46.31
C GLN D 328 3.21 -29.64 45.70
N ASP D 329 3.23 -28.83 44.64
CA ASP D 329 4.47 -28.55 43.93
C ASP D 329 5.45 -27.71 44.74
N ASN D 330 4.94 -26.74 45.49
CA ASN D 330 5.79 -25.87 46.29
C ASN D 330 5.96 -26.36 47.73
N ARG D 331 5.39 -27.54 48.02
CA ARG D 331 5.32 -28.05 49.39
C ARG D 331 6.62 -27.97 50.19
N ASP D 332 7.73 -28.36 49.57
CA ASP D 332 8.99 -28.50 50.26
C ASP D 332 9.75 -27.20 50.54
N THR D 333 9.68 -26.23 49.63
CA THR D 333 10.14 -24.89 49.95
C THR D 333 9.23 -24.27 51.00
N LEU D 334 7.95 -24.63 50.95
CA LEU D 334 6.99 -24.08 51.91
C LEU D 334 7.28 -24.52 53.34
N THR D 335 7.36 -25.84 53.54
CA THR D 335 7.44 -26.39 54.90
C THR D 335 8.73 -26.03 55.62
N ALA D 336 9.78 -25.70 54.86
CA ALA D 336 11.03 -25.26 55.46
C ALA D 336 10.86 -23.92 56.15
N LYS D 337 10.22 -23.00 55.43
CA LYS D 337 9.93 -21.68 55.99
C LYS D 337 8.85 -21.80 57.06
N VAL D 338 8.04 -22.85 56.97
CA VAL D 338 7.06 -23.11 58.01
C VAL D 338 7.73 -23.54 59.33
N ILE D 339 8.71 -24.44 59.25
CA ILE D 339 9.41 -24.87 60.45
C ILE D 339 10.37 -23.79 60.93
N GLN D 340 10.75 -22.88 60.04
CA GLN D 340 11.55 -21.73 60.47
C GLN D 340 10.70 -20.74 61.26
N GLY D 341 9.52 -20.45 60.73
CA GLY D 341 8.60 -19.53 61.39
C GLY D 341 7.99 -20.04 62.68
N CYS D 342 7.39 -21.22 62.63
CA CYS D 342 6.64 -21.76 63.76
C CYS D 342 7.49 -22.63 64.68
N GLY D 343 8.79 -22.70 64.39
CA GLY D 343 9.66 -23.59 65.13
C GLY D 343 9.50 -24.99 64.59
N ASN D 344 10.20 -25.94 65.18
CA ASN D 344 10.25 -27.28 64.60
C ASN D 344 9.51 -28.30 65.46
N PRO D 345 8.30 -28.69 65.02
CA PRO D 345 7.47 -29.79 65.54
C PRO D 345 8.05 -31.09 65.03
N LYS D 346 8.12 -32.17 65.79
CA LYS D 346 8.80 -33.27 65.11
C LYS D 346 8.36 -34.71 65.48
N VAL D 347 8.55 -35.59 64.49
CA VAL D 347 8.21 -37.01 64.48
C VAL D 347 8.17 -37.73 65.84
N PRO D 369 -16.12 -27.12 27.58
CA PRO D 369 -16.59 -26.72 26.25
C PRO D 369 -17.72 -25.71 26.31
N PRO D 370 -17.86 -24.87 25.27
CA PRO D 370 -18.93 -23.88 25.23
C PRO D 370 -20.31 -24.53 25.13
N SER D 371 -21.24 -24.08 25.96
CA SER D 371 -22.60 -24.59 25.96
C SER D 371 -23.40 -24.02 24.79
N GLY D 372 -23.28 -22.71 24.58
CA GLY D 372 -24.02 -22.02 23.55
C GLY D 372 -25.35 -21.51 24.08
N THR D 373 -25.73 -22.01 25.26
CA THR D 373 -27.00 -21.67 25.88
C THR D 373 -27.10 -20.19 26.24
N LEU D 374 -26.12 -19.70 26.99
CA LEU D 374 -26.13 -18.34 27.51
C LEU D 374 -26.21 -17.28 26.42
N GLU D 375 -25.54 -17.53 25.30
CA GLU D 375 -25.53 -16.59 24.19
C GLU D 375 -26.93 -16.38 23.62
N LYS D 376 -27.60 -17.50 23.30
CA LYS D 376 -28.94 -17.46 22.74
C LYS D 376 -29.94 -16.91 23.75
N LEU D 377 -29.76 -17.29 25.01
CA LEU D 377 -30.59 -16.76 26.09
C LEU D 377 -30.47 -15.24 26.17
N VAL D 378 -29.25 -14.74 25.98
CA VAL D 378 -28.99 -13.31 26.02
C VAL D 378 -29.60 -12.61 24.81
N SER D 379 -29.50 -13.24 23.64
CA SER D 379 -30.13 -12.69 22.44
C SER D 379 -31.64 -12.54 22.64
N GLU D 380 -32.27 -13.63 23.06
CA GLU D 380 -33.71 -13.65 23.32
C GLU D 380 -34.08 -12.58 24.35
N ALA D 381 -33.33 -12.54 25.45
CA ALA D 381 -33.59 -11.60 26.54
C ALA D 381 -33.52 -10.16 26.06
N LYS D 382 -32.47 -9.83 25.32
CA LYS D 382 -32.31 -8.48 24.79
C LYS D 382 -33.46 -8.13 23.86
N ALA D 383 -33.83 -9.06 22.99
CA ALA D 383 -34.96 -8.84 22.09
C ALA D 383 -36.23 -8.50 22.86
N GLN D 384 -36.60 -9.39 23.79
CA GLN D 384 -37.82 -9.21 24.57
C GLN D 384 -37.81 -7.90 25.38
N LEU D 385 -36.71 -7.65 26.09
CA LEU D 385 -36.60 -6.48 26.94
C LEU D 385 -36.67 -5.18 26.15
N ARG D 386 -35.95 -5.15 25.02
CA ARG D 386 -35.96 -3.95 24.20
C ARG D 386 -37.28 -3.82 23.44
N ASP D 387 -38.05 -4.90 23.39
CA ASP D 387 -39.40 -4.84 22.82
C ASP D 387 -40.40 -4.22 23.80
N VAL D 388 -40.20 -4.50 25.09
CA VAL D 388 -41.11 -4.02 26.14
C VAL D 388 -40.64 -2.71 26.79
N GLN D 389 -39.55 -2.15 26.27
CA GLN D 389 -38.97 -0.93 26.82
C GLN D 389 -39.96 0.23 26.94
N ASP D 390 -40.81 0.38 25.93
CA ASP D 390 -41.76 1.49 25.85
C ASP D 390 -43.14 1.16 26.44
N PHE D 391 -43.26 -0.01 27.04
CA PHE D 391 -44.55 -0.60 27.41
C PHE D 391 -45.52 0.33 28.13
N TRP D 392 -45.04 1.16 29.03
CA TRP D 392 -45.92 1.98 29.85
C TRP D 392 -46.53 3.17 29.09
N ILE D 393 -45.79 3.74 28.15
CA ILE D 393 -46.32 4.84 27.35
C ILE D 393 -46.99 4.35 26.06
N SER D 394 -46.82 3.06 25.76
CA SER D 394 -47.37 2.51 24.52
C SER D 394 -48.74 1.89 24.74
N LEU D 395 -49.21 1.91 25.98
CA LEU D 395 -50.51 1.34 26.33
C LEU D 395 -51.70 2.00 25.61
N PRO D 396 -51.80 3.35 25.64
CA PRO D 396 -52.96 3.95 24.94
C PRO D 396 -52.97 3.64 23.45
N GLY D 397 -51.81 3.75 22.82
CA GLY D 397 -51.70 3.47 21.39
C GLY D 397 -52.06 2.04 21.04
N THR D 398 -51.49 1.09 21.78
CA THR D 398 -51.78 -0.33 21.56
C THR D 398 -53.26 -0.64 21.75
N LEU D 399 -53.78 -0.27 22.92
CA LEU D 399 -55.17 -0.54 23.27
C LEU D 399 -56.16 0.08 22.28
N CYS D 400 -55.94 1.35 21.94
CA CYS D 400 -56.81 2.04 21.00
C CYS D 400 -56.75 1.44 19.61
N SER D 401 -55.52 1.26 19.11
CA SER D 401 -55.31 0.72 17.77
C SER D 401 -55.95 -0.64 17.62
N GLU D 402 -55.56 -1.58 18.48
CA GLU D 402 -56.04 -2.94 18.35
C GLU D 402 -57.50 -3.14 18.79
N LYS D 403 -57.83 -2.72 20.01
CA LYS D 403 -59.10 -3.15 20.61
C LYS D 403 -60.28 -2.20 20.40
N MET D 404 -60.03 -0.99 19.92
CA MET D 404 -61.10 0.01 19.85
C MET D 404 -61.25 0.71 18.51
N ALA D 405 -60.26 1.53 18.16
CA ALA D 405 -60.34 2.37 16.96
C ALA D 405 -60.33 1.53 15.68
N ASP D 412 -62.67 9.16 7.44
CA ASP D 412 -62.70 10.33 8.31
C ASP D 412 -63.75 10.18 9.41
N ARG D 413 -64.97 9.80 9.03
CA ARG D 413 -66.07 9.74 9.98
C ARG D 413 -65.78 8.78 11.12
N CYS D 414 -65.86 9.30 12.33
CA CYS D 414 -65.62 8.54 13.55
C CYS D 414 -66.31 9.26 14.71
N TRP D 415 -66.50 8.56 15.82
CA TRP D 415 -67.19 9.15 16.96
C TRP D 415 -66.26 10.07 17.75
N ASN D 416 -66.62 11.35 17.82
CA ASN D 416 -65.80 12.34 18.52
C ASN D 416 -66.28 12.64 19.94
N GLY D 417 -67.34 11.96 20.37
CA GLY D 417 -67.92 12.20 21.67
C GLY D 417 -69.24 12.95 21.60
N MET D 418 -69.57 13.43 20.40
CA MET D 418 -70.83 14.14 20.17
C MET D 418 -71.59 13.53 19.00
N ALA D 419 -70.99 13.62 17.81
CA ALA D 419 -71.58 13.06 16.61
C ALA D 419 -70.51 12.37 15.76
N ARG D 420 -70.96 11.60 14.77
CA ARG D 420 -70.03 11.01 13.81
C ARG D 420 -69.39 12.16 13.02
N GLY D 421 -68.07 12.14 12.93
CA GLY D 421 -67.33 13.30 12.44
C GLY D 421 -65.84 13.19 12.70
N ARG D 422 -65.18 14.34 12.81
CA ARG D 422 -63.73 14.37 13.01
C ARG D 422 -63.39 14.92 14.39
N TYR D 423 -62.24 14.53 14.92
CA TYR D 423 -61.83 14.93 16.25
C TYR D 423 -60.79 16.06 16.21
N LEU D 424 -61.23 17.25 16.59
CA LEU D 424 -60.38 18.45 16.57
C LEU D 424 -59.22 18.50 17.59
N PRO D 425 -59.50 18.26 18.89
CA PRO D 425 -58.47 18.54 19.91
C PRO D 425 -57.16 17.78 19.71
N GLU D 426 -56.06 18.39 20.16
CA GLU D 426 -54.74 17.79 20.04
C GLU D 426 -54.54 16.69 21.09
N VAL D 427 -53.66 15.74 20.78
CA VAL D 427 -53.36 14.66 21.71
C VAL D 427 -52.43 15.15 22.83
N MET D 428 -52.76 14.80 24.06
CA MET D 428 -51.95 15.17 25.22
C MET D 428 -50.62 14.44 25.23
N GLY D 429 -49.66 15.01 25.96
CA GLY D 429 -48.38 14.36 26.16
C GLY D 429 -48.52 13.20 27.15
N ASP D 430 -47.40 12.54 27.44
CA ASP D 430 -47.41 11.40 28.34
C ASP D 430 -47.09 11.81 29.77
N GLY D 431 -47.74 11.15 30.73
CA GLY D 431 -47.49 11.41 32.13
C GLY D 431 -48.61 12.16 32.82
N LEU D 432 -48.57 12.17 34.15
CA LEU D 432 -49.63 12.75 34.96
C LEU D 432 -49.79 14.26 34.74
N ALA D 433 -48.68 14.98 34.83
CA ALA D 433 -48.70 16.44 34.73
C ALA D 433 -49.27 16.93 33.40
N ASN D 434 -48.97 16.22 32.33
CA ASN D 434 -49.43 16.60 31.00
C ASN D 434 -50.93 16.44 30.80
N GLN D 435 -51.60 15.81 31.76
CA GLN D 435 -53.04 15.56 31.66
C GLN D 435 -53.90 16.62 32.35
N ILE D 436 -53.27 17.66 32.87
CA ILE D 436 -54.00 18.70 33.58
C ILE D 436 -55.01 19.40 32.66
N ASN D 437 -54.61 19.63 31.41
CA ASN D 437 -55.48 20.27 30.43
C ASN D 437 -56.23 19.28 29.53
N ASN D 438 -56.10 17.99 29.83
CA ASN D 438 -56.74 16.94 29.02
C ASN D 438 -58.24 17.19 28.91
N PRO D 439 -58.73 17.36 27.67
CA PRO D 439 -60.12 17.74 27.38
C PRO D 439 -61.15 16.68 27.73
N GLU D 440 -60.81 15.42 27.51
CA GLU D 440 -61.76 14.32 27.70
C GLU D 440 -61.91 13.87 29.15
N VAL D 441 -60.80 13.88 29.89
CA VAL D 441 -60.82 13.36 31.25
CA VAL D 441 -60.76 13.35 31.25
C VAL D 441 -60.27 14.38 32.25
N GLU D 442 -60.96 14.53 33.37
CA GLU D 442 -60.54 15.45 34.42
C GLU D 442 -59.59 14.73 35.37
N VAL D 443 -58.35 15.19 35.43
CA VAL D 443 -57.32 14.53 36.22
C VAL D 443 -56.65 15.50 37.19
N ASP D 444 -56.54 15.10 38.44
CA ASP D 444 -55.83 15.90 39.43
C ASP D 444 -54.36 15.48 39.44
N ILE D 445 -53.48 16.40 39.05
CA ILE D 445 -52.07 16.07 38.90
C ILE D 445 -51.32 16.24 40.21
N THR D 446 -52.00 16.73 41.23
CA THR D 446 -51.40 16.90 42.55
C THR D 446 -51.63 15.67 43.43
N LYS D 447 -52.29 14.67 42.85
CA LYS D 447 -52.51 13.39 43.50
C LYS D 447 -51.89 12.36 42.55
N PRO D 448 -50.62 12.02 42.78
CA PRO D 448 -49.97 10.85 42.18
C PRO D 448 -50.37 9.57 42.91
N ASP D 449 -50.36 8.43 42.20
CA ASP D 449 -50.67 7.16 42.83
C ASP D 449 -49.48 6.68 43.66
N MET D 450 -49.73 6.42 44.94
CA MET D 450 -48.66 6.04 45.87
C MET D 450 -47.99 4.72 45.48
N THR D 451 -48.80 3.78 44.99
CA THR D 451 -48.27 2.49 44.55
C THR D 451 -47.25 2.68 43.43
N ILE D 452 -47.63 3.48 42.43
CA ILE D 452 -46.75 3.78 41.31
C ILE D 452 -45.45 4.42 41.79
N ARG D 453 -45.56 5.34 42.74
CA ARG D 453 -44.39 6.01 43.30
C ARG D 453 -43.45 5.03 43.99
N GLN D 454 -44.02 4.15 44.81
CA GLN D 454 -43.25 3.11 45.50
C GLN D 454 -42.53 2.22 44.50
N GLN D 455 -43.25 1.81 43.45
CA GLN D 455 -42.65 0.97 42.42
C GLN D 455 -41.52 1.70 41.70
N ILE D 456 -41.69 3.00 41.50
CA ILE D 456 -40.66 3.84 40.89
C ILE D 456 -39.41 3.84 41.75
N MET D 457 -39.60 3.98 43.06
CA MET D 457 -38.47 3.96 43.99
C MET D 457 -37.77 2.60 43.95
N GLN D 458 -38.55 1.52 43.93
CA GLN D 458 -37.98 0.18 43.83
C GLN D 458 -37.14 0.03 42.56
N LEU D 459 -37.67 0.54 41.46
CA LEU D 459 -36.95 0.56 40.19
C LEU D 459 -35.63 1.30 40.31
N LYS D 460 -35.67 2.46 40.97
CA LYS D 460 -34.45 3.24 41.19
C LYS D 460 -33.41 2.45 41.98
N ILE D 461 -33.85 1.82 43.07
CA ILE D 461 -32.96 1.04 43.92
C ILE D 461 -32.32 -0.12 43.16
N MET D 462 -33.15 -0.89 42.46
CA MET D 462 -32.63 -2.04 41.70
C MET D 462 -31.68 -1.59 40.58
N THR D 463 -32.01 -0.47 39.95
CA THR D 463 -31.15 0.11 38.92
C THR D 463 -29.80 0.48 39.53
N ASN D 464 -29.82 1.03 40.74
CA ASN D 464 -28.58 1.34 41.45
C ASN D 464 -27.77 0.09 41.75
N ARG D 465 -28.45 -0.97 42.18
CA ARG D 465 -27.80 -2.25 42.42
C ARG D 465 -27.10 -2.76 41.15
N LEU D 466 -27.80 -2.67 40.02
CA LEU D 466 -27.25 -3.13 38.75
C LEU D 466 -26.06 -2.29 38.28
N ARG D 467 -26.20 -0.97 38.35
CA ARG D 467 -25.13 -0.06 37.96
CA ARG D 467 -25.13 -0.09 37.94
C ARG D 467 -23.91 -0.24 38.85
N SER D 468 -24.14 -0.63 40.10
CA SER D 468 -23.05 -0.89 41.02
C SER D 468 -22.41 -2.23 40.70
N ALA D 469 -23.23 -3.18 40.24
CA ALA D 469 -22.76 -4.51 39.89
C ALA D 469 -21.96 -4.50 38.60
N TYR D 470 -22.20 -3.51 37.75
CA TYR D 470 -21.49 -3.38 36.49
C TYR D 470 -20.01 -3.08 36.74
N ASN D 471 -19.72 -2.48 37.88
CA ASN D 471 -18.36 -2.15 38.26
C ASN D 471 -17.70 -3.28 39.05
N GLY D 472 -18.42 -4.38 39.22
CA GLY D 472 -17.90 -5.54 39.92
C GLY D 472 -17.91 -5.36 41.43
N ASN D 473 -18.94 -4.69 41.94
CA ASN D 473 -19.05 -4.44 43.37
C ASN D 473 -20.34 -4.97 43.97
N ASP D 474 -20.24 -5.68 45.08
CA ASP D 474 -21.40 -6.16 45.80
C ASP D 474 -22.01 -5.02 46.62
N VAL D 475 -23.31 -5.09 46.84
CA VAL D 475 -24.01 -4.04 47.58
C VAL D 475 -25.10 -4.64 48.47
C1 NAG E . 47.20 -5.39 -54.80
C2 NAG E . 48.48 -4.67 -54.33
C3 NAG E . 48.36 -3.21 -54.55
C4 NAG E . 48.39 -3.06 -56.02
C5 NAG E . 47.20 -3.71 -56.69
C6 NAG E . 47.48 -3.97 -58.15
C7 NAG E . 47.99 -4.61 -52.01
C8 NAG E . 47.81 -5.59 -50.91
N2 NAG E . 48.81 -4.92 -52.95
O3 NAG E . 49.56 -2.63 -54.09
O4 NAG E . 48.46 -1.68 -56.31
O5 NAG E . 46.78 -4.94 -56.10
O6 NAG E . 48.86 -4.01 -58.51
O7 NAG E . 47.43 -3.57 -52.04
CA CA F . 29.02 34.66 -19.53
CA CA G . 35.13 6.14 -23.84
C1 NAG H . 22.99 -14.63 -10.07
C2 NAG H . 21.46 -14.82 -10.35
C3 NAG H . 20.62 -14.41 -9.23
C4 NAG H . 21.02 -15.33 -8.12
C5 NAG H . 22.45 -15.12 -7.71
C6 NAG H . 22.77 -16.14 -6.61
C7 NAG H . 21.29 -14.53 -12.71
C8 NAG H . 20.81 -13.65 -13.81
N2 NAG H . 20.96 -14.13 -11.51
O3 NAG H . 19.35 -14.75 -9.72
O4 NAG H . 20.26 -15.19 -6.91
O5 NAG H . 23.34 -15.22 -8.82
O6 NAG H . 21.67 -16.29 -5.69
O7 NAG H . 21.94 -15.53 -12.94
CA CA I . -7.19 32.91 -17.47
CA CA J . 8.74 11.14 -29.71
C1 NAG K . -4.32 -18.70 -3.95
C2 NAG K . -3.34 -17.76 -3.19
C3 NAG K . -3.08 -16.46 -3.89
C4 NAG K . -2.48 -16.91 -5.17
C5 NAG K . -3.56 -17.49 -6.02
C6 NAG K . -2.89 -17.80 -7.36
C7 NAG K . -2.82 -17.96 -0.91
C8 NAG K . -3.41 -18.54 0.33
N2 NAG K . -3.66 -17.50 -1.81
O3 NAG K . -2.10 -15.80 -3.10
O4 NAG K . -1.88 -15.81 -5.85
O5 NAG K . -4.06 -18.67 -5.37
O6 NAG K . -3.52 -18.87 -8.06
O7 NAG K . -1.63 -17.94 -1.10
CA CA L . 11.82 26.94 38.10
CA CA M . -22.37 21.85 31.32
CA CA N . -15.84 -6.96 27.80
C1 NAG O . -28.32 -27.62 41.33
C2 NAG O . -29.86 -27.66 41.29
C3 NAG O . -30.41 -27.18 42.57
C4 NAG O . -30.05 -28.17 43.64
C5 NAG O . -28.55 -28.39 43.72
C6 NAG O . -28.24 -29.81 44.13
C7 NAG O . -30.55 -27.06 39.08
C8 NAG O . -31.25 -26.07 38.22
N2 NAG O . -30.49 -26.79 40.36
O3 NAG O . -31.80 -27.21 42.25
O4 NAG O . -30.44 -27.67 44.92
O5 NAG O . -27.79 -28.06 42.56
O6 NAG O . -27.58 -29.87 45.40
O7 NAG O . -30.05 -28.04 38.63
CA CA P . -58.51 19.60 33.84
CA CA Q . -42.84 -2.10 21.89
#